data_9CTV
#
_entry.id   9CTV
#
_cell.length_a   1.00
_cell.length_b   1.00
_cell.length_c   1.00
_cell.angle_alpha   90.00
_cell.angle_beta   90.00
_cell.angle_gamma   90.00
#
_symmetry.space_group_name_H-M   'P 1'
#
loop_
_entity.id
_entity.type
_entity.pdbx_description
1 polymer 'Gamma-aminobutyric acid receptor subunit beta-2'
2 polymer 'Gamma-aminobutyric acid receptor subunit alpha-1'
3 polymer 'Gamma-aminobutyric acid receptor subunit gamma-2'
4 polymer 'Gamma-aminobutyric acid receptor subunit beta-1'
5 polymer 'Gamma-aminobutyric acid receptor subunit alpha-2'
6 polymer 'IgG2b Fab_1F4 Heavy Chain'
7 polymer 'Kappa Fab_1F4 Light Chain'
8 branched 2-acetamido-2-deoxy-beta-D-glucopyranose-(1-4)-2-acetamido-2-deoxy-beta-D-glucopyranose
9 branched beta-D-mannopyranose-(1-4)-2-acetamido-2-deoxy-beta-D-glucopyranose-(1-4)-2-acetamido-2-deoxy-beta-D-glucopyranose
10 branched alpha-D-mannopyranose-(1-6)-beta-D-mannopyranose-(1-4)-2-acetamido-2-deoxy-beta-D-glucopyranose-(1-4)-2-acetamido-2-deoxy-beta-D-glucopyranose
11 non-polymer '[(2R)-2-octanoyloxy-3-[oxidanyl-[(1R,2R,3S,4R,5R,6S)-2,3,6-tris(oxidanyl)-4,5-diphosphonooxy-cyclohexyl]oxy-phosphoryl]oxy-propyl] octanoate'
12 non-polymer '(2S)-3-(hexadecanoyloxy)-2-[(9Z)-octadec-9-enoyloxy]propyl 2-(trimethylammonio)ethyl phosphate'
13 non-polymer 2-acetamido-2-deoxy-beta-D-glucopyranose
#
loop_
_entity_poly.entity_id
_entity_poly.type
_entity_poly.pdbx_seq_one_letter_code
_entity_poly.pdbx_strand_id
1 'polypeptide(L)'
;SVNDPSNMSLVKETVDRLLKGYDIRLRPDFGGPPVAVGMNIDIASIDMVSEVNMDYTLTMYFQQAWRDKRLSYNVIPLNL
TLDNRVADQLWVPDTYFLNDKKSFVHGVTVKNRMIRLHPDGTVLYGLRITTTAACMMDLRRYPLDEQNCTLEIESYGYTT
DDIEFYWRGDDNAVTGVTKIELPQFSIVDYKLITKKVVFSTGSYPRLSLSFKLKRNIGYFILQTYMPSILITILSWVSFW
INYDASAARVALGITTVLTMTTINTHLRETLPKIPYVKAIDMYLMGCFVFVFMALLEYALVNYIFFGRGPQRQKKAAEKA
ASANNEKMRLDVNKIFYKDIKQNGTQYRSLWDPTGNLSPTRRTTNYDFSLYTMDPHENILLSTLEIKNEMATSEAVMGLG
DPRSTMLAYDASSIQYRKAGLPRHSFGRNALERHVAQKKSRLRRRASQLKITIPDLTDVNAIDRWSRIFFPVVFSFFNIV
YWLYYVN
;
A
2 'polypeptide(L)'
;QPSLQDELKDNTTVFTRILDRLLDGYDNRLRPGLGERVTEVKTDIFVTSFGPVSDHDMEYTIDVFFRQSWKDERLKFKGP
MTVLRLNNLMASKIWTPDTFFHNGKKSVAHNMTMPNKLLRITEDGTLLYTMRLTVRAECPMHLEDFPMDAHACPLKFGSY
AYTRAEVVYEWTREPARSVVVAEDGSRLNQYDLLGQTVDSGIVQSSTGEYVVMTTHFHLKRKIGYFVIQTYLPCIMTVIL
SQVSFWLNRESVPARTVFGVTTVLTMTTLSISARNSLPKVAYATAMDWFIAVCYAFVFSALIEFATVNYFTKRGYAWDGK
SVVPEKPKKVKDPLIKKNNTYAPTATSYTPNLARGDPGLATIAKSATIEPKEVKPETKPPEPKKTFNSVSKIDRLSRIAF
PLLFGIFNLVYWATYLNREPQLKAPTPHQ
;
B
3 'polypeptide(L)'
;QKSDDDYEDYASNKTWVLTPKVPEGDVTVILNNLLEGYDNKLRPDIGVKPTLIHTDMYVNSIGPVNAINMEYTIDIFFAQ
TWYDRRLKFNSTIKVLRLNSNMVGKIWIPDTFFRNSKKADAHWITTPNRMLRIWNDGRVLYTLRLTIDAECQLQLHNFPM
DEHSCPLEFSSYGYPREEIVYQWKRSSVEVGDTRSWRLYQFSFVGLRNTTEVVKTTSGDYVVMSVYFDLSRRMGYFTIQT
YIPCTLIVVLSWVSFWINKDAVPARTSLGITTVLTMTTLSTIARKSLPKVSYVTAMDLFVSVCFIFVFSALVEYGTLHYF
VSNRKPSKDKDKKKKNPLLRMFSFKAPTIDIRPRSATIQMNNATHLQERDEEYGYECLDGKDCASFFCCFEDCRTGAWRH
GRIHIRIAKMDSYARIFFPTAFCLFNLVYWVSYLYL
;
C
4 'polypeptide(L)'
;HSTNEPSNMSYVKETVDRLLKGYDIRLRPDFGGPPVDVGMRIDVASIDMVSEVNMDYTLTMYFQQSWKDKRLSYSGIPLN
LTLDNRVADQLWVPDTYFLNDKKSFVHGVTVKNRMIRLHPDGTVLYGLRITTTAACMMDLRRYPLDEQNCTLEIESYGYT
TDDIEFYWNGGEGAVTGVNKIELPQFSIVDYKMVSKKVEFTTGAYPRLSLSFRLKRNIGYFILQTYMPSTLITILSWVSF
WINYDASAARVALGITTVLTMTTISTHLRETLPKIPYVKAIDIYLMGCFVFVFLALLEYAFVNYIFFGKGPQKKGASKQD
QSANEKNKLEMNKVQVDAHGNILLSTLEIRNETSGSEVLTSVSDPKATMYSYDSASIQYRKPLSSREAYGRALDRHGVPS
KGRIRRRASQLKVKIPDLTDVNSIDKWSRMFFPITFSLFNVVYWLYYVH
;
D
5 'polypeptide(L)'
;NIQEDEAKNNITIFTRILDRLLDGYDNRLRPGLGDSITEVFTNIYVTSFGPVSDTDMEYTIDVFFRQKWKDERLKFKGPM
NILRLNNLMASKIWTPDTFFHNGKKSVAHNMTMPNKLLRIQDDGTLLYTMRLTVQAECPMHLEDFPMDAHSCPLKFGSYA
YTTSEVTYIWTYNASDSVQVAPDGSRLNQYDLLGQSIGKETIKSSTGEYTVMTAHFHLKRKIGYFVIQTYLPCIMTVILS
QVSFWLNRESVPARTVFGVTTVLTMTTLSISARNSLPKVAYATAMDWFIAVCYAFVFSALIEFATVNYFTKRGWAWDGKS
VVNDKKKEKASVMIQNNAYAVAVANYAPNLSKDPVLSTISKSATTPEPNKKPENKPAEAKKTFNSVSKIDRMSRIVFPVL
FGTFNLVYWATYLNREPVLGVSP
;
E
6 'polypeptide(L)'
;EVQLQQSGAELVKPGASVKLSCTASGFNIKDTYMYWVKQRPEQGLEWIGRIDPANGDTKYDPKFQGKATITTDTFSNTAY
LQLSSLTSEDTAVYYCARKGLRWAMDYWGQGTSVTVSTAKTTPPSVYPLAPGCGDTTGSSVTLGCLVKGYFPESVTVTWN
SGSLSSSVHTFPALLQSGLYTMSSSVTVPSSTWPSQTVTCSVAHPASSTTVDKKLEPSGPISTINPCPPCKECHKCPAPN
LEGGPSVFIFPPNIKDVLMISLTPKVTCVVVDVSEDDPDVQISWFVNNVEVHTAQTQTHREDYNSTIRVVSTLPIQHQDW
MSGKEFKCKVNNKDLPSPIERTISKIKGLVRAPQVYILPPPAEQLSRKDVSLTCLVVGFNPGDISVEWTSNGHTEENYKD
TAPVLDSDGSYFIYSKLNMKTSKWEKTDSFSCNVRHEGLKNYYLKKTISRSPGK
;
K
7 'polypeptide(L)'
;NIVMTQSPKSMSMSVGERVTLSCKASEYVGTYVSWYQQKPEQSPKLLIYGASNRYTGVPDRFTGSGSATDFTLTIGSVQA
EDLADYHCGQSYSYPTFGAGTKLELKRADAAPTVSIFPPSSEQLTSGGASVVCFLNNFYPKDINVKWKIDGSERQNGVLN
SWTDQDSKDSTYSMSSTLTLTKDEYERHNSYTCEATHKTSTSPIVKSFNRNEC
;
L
#
# COMPACT_ATOMS: atom_id res chain seq x y z
N ASN A 7 51.05 -11.46 -7.34
CA ASN A 7 50.23 -10.26 -7.30
C ASN A 7 48.85 -10.53 -6.71
N MET A 8 48.17 -11.53 -7.28
CA MET A 8 46.84 -11.90 -6.81
C MET A 8 46.89 -12.49 -5.41
N SER A 9 47.93 -13.27 -5.13
CA SER A 9 48.10 -13.85 -3.80
C SER A 9 48.41 -12.78 -2.76
N LEU A 10 49.07 -11.70 -3.18
CA LEU A 10 49.33 -10.59 -2.28
C LEU A 10 48.04 -9.83 -1.96
N VAL A 11 47.15 -9.71 -2.94
CA VAL A 11 45.84 -9.11 -2.69
C VAL A 11 45.00 -10.05 -1.84
N LYS A 12 45.13 -11.37 -2.07
CA LYS A 12 44.38 -12.36 -1.31
C LYS A 12 44.78 -12.37 0.15
N GLU A 13 46.09 -12.21 0.43
CA GLU A 13 46.55 -12.21 1.80
C GLU A 13 46.27 -10.87 2.48
N THR A 14 45.97 -9.83 1.70
CA THR A 14 45.72 -8.52 2.27
C THR A 14 44.26 -8.39 2.74
N VAL A 15 43.33 -8.83 1.89
CA VAL A 15 41.89 -8.70 2.19
C VAL A 15 41.51 -9.62 3.35
N ASP A 16 42.08 -10.83 3.36
CA ASP A 16 41.80 -11.80 4.42
C ASP A 16 42.38 -11.33 5.75
N ARG A 17 43.50 -10.62 5.72
CA ARG A 17 44.08 -10.03 6.92
C ARG A 17 43.18 -8.92 7.45
N LEU A 18 42.59 -8.15 6.54
CA LEU A 18 41.70 -7.06 6.93
C LEU A 18 40.42 -7.59 7.56
N LEU A 19 39.89 -8.69 7.03
CA LEU A 19 38.62 -9.22 7.50
C LEU A 19 38.76 -10.19 8.67
N LYS A 20 39.98 -10.59 9.02
CA LYS A 20 40.18 -11.46 10.18
C LYS A 20 40.28 -10.59 11.43
N GLY A 21 39.43 -10.87 12.42
CA GLY A 21 39.37 -10.05 13.60
C GLY A 21 38.55 -8.79 13.45
N TYR A 22 37.91 -8.58 12.31
CA TYR A 22 37.08 -7.40 12.11
C TYR A 22 35.77 -7.57 12.87
N ASP A 23 35.42 -6.58 13.67
CA ASP A 23 34.18 -6.60 14.45
C ASP A 23 33.18 -5.66 13.79
N ILE A 24 32.14 -6.24 13.18
CA ILE A 24 31.12 -5.42 12.52
C ILE A 24 30.23 -4.70 13.53
N ARG A 25 30.10 -5.23 14.75
CA ARG A 25 29.21 -4.62 15.73
C ARG A 25 29.76 -3.33 16.33
N LEU A 26 31.04 -3.04 16.12
CA LEU A 26 31.67 -1.85 16.67
C LEU A 26 31.91 -0.85 15.55
N ARG A 27 31.48 0.39 15.76
CA ARG A 27 31.76 1.46 14.81
C ARG A 27 33.24 1.83 14.87
N PRO A 28 33.78 2.42 13.79
CA PRO A 28 35.17 2.90 13.84
C PRO A 28 35.35 3.99 14.89
N ASP A 29 36.50 3.97 15.57
CA ASP A 29 36.76 4.96 16.66
C ASP A 29 35.57 4.94 17.62
N PHE A 30 35.07 3.75 17.95
CA PHE A 30 33.87 3.62 18.82
C PHE A 30 34.07 4.43 20.11
N GLY A 31 35.27 4.39 20.70
CA GLY A 31 35.52 5.09 21.97
C GLY A 31 36.24 6.41 21.76
N GLY A 32 36.19 6.97 20.55
CA GLY A 32 36.90 8.23 20.24
C GLY A 32 35.99 9.27 19.61
N PRO A 33 36.53 10.18 18.77
CA PRO A 33 35.70 11.20 18.09
C PRO A 33 34.68 10.54 17.19
N PRO A 34 33.58 11.24 16.90
CA PRO A 34 32.61 10.71 15.92
C PRO A 34 33.23 10.64 14.52
N VAL A 35 32.81 9.63 13.75
CA VAL A 35 33.34 9.48 12.41
C VAL A 35 32.65 10.46 11.46
N ALA A 36 33.42 10.98 10.51
CA ALA A 36 32.93 11.95 9.54
C ALA A 36 32.46 11.20 8.30
N VAL A 37 31.16 11.27 8.03
CA VAL A 37 30.54 10.58 6.91
C VAL A 37 30.03 11.62 5.93
N GLY A 38 30.54 11.60 4.71
CA GLY A 38 30.16 12.56 3.69
C GLY A 38 29.21 11.94 2.66
N MET A 39 28.14 12.67 2.35
CA MET A 39 27.10 12.10 1.43
C MET A 39 27.26 12.68 0.03
N ASN A 40 27.20 11.84 -1.00
CA ASN A 40 27.25 12.31 -2.41
C ASN A 40 26.02 11.78 -3.13
N ILE A 41 25.07 12.66 -3.47
CA ILE A 41 23.79 12.18 -4.08
C ILE A 41 23.75 12.57 -5.56
N ASP A 42 23.59 11.59 -6.45
CA ASP A 42 23.46 11.88 -7.90
C ASP A 42 22.02 11.62 -8.32
N ILE A 43 21.22 12.68 -8.50
CA ILE A 43 19.77 12.52 -8.84
C ILE A 43 19.67 11.90 -10.24
N ALA A 44 19.37 10.60 -10.33
CA ALA A 44 19.18 9.99 -11.64
C ALA A 44 17.88 10.45 -12.29
N SER A 45 16.77 10.39 -11.56
CA SER A 45 15.48 10.80 -12.09
C SER A 45 14.52 11.04 -10.94
N ILE A 46 13.54 11.91 -11.19
CA ILE A 46 12.37 12.08 -10.32
C ILE A 46 11.15 11.68 -11.12
N ASP A 47 10.43 10.67 -10.65
CA ASP A 47 9.47 9.99 -11.50
C ASP A 47 8.05 10.56 -11.38
N MET A 48 7.45 10.48 -10.20
CA MET A 48 6.02 10.76 -10.06
C MET A 48 5.78 11.63 -8.84
N VAL A 49 5.75 12.94 -9.06
CA VAL A 49 5.30 13.88 -8.02
C VAL A 49 3.78 13.78 -8.00
N SER A 50 3.28 13.01 -7.04
CA SER A 50 1.86 12.67 -6.97
C SER A 50 1.19 13.47 -5.87
N GLU A 51 0.18 14.26 -6.22
CA GLU A 51 -0.58 15.01 -5.25
C GLU A 51 -1.63 14.16 -4.53
N VAL A 52 -2.00 13.01 -5.10
CA VAL A 52 -3.01 12.16 -4.48
C VAL A 52 -2.46 11.52 -3.21
N ASN A 53 -1.28 10.94 -3.28
CA ASN A 53 -0.68 10.28 -2.13
C ASN A 53 0.32 11.18 -1.40
N MET A 54 0.53 12.41 -1.90
CA MET A 54 1.41 13.42 -1.31
C MET A 54 2.85 12.91 -1.17
N ASP A 55 3.39 12.38 -2.27
CA ASP A 55 4.74 11.87 -2.28
C ASP A 55 5.33 12.00 -3.67
N TYR A 56 6.65 11.87 -3.74
CA TYR A 56 7.36 11.91 -5.01
C TYR A 56 8.35 10.75 -5.04
N THR A 57 8.55 10.19 -6.24
CA THR A 57 9.47 9.08 -6.43
C THR A 57 10.83 9.61 -6.89
N LEU A 58 11.87 9.29 -6.13
CA LEU A 58 13.20 9.83 -6.35
C LEU A 58 14.17 8.68 -6.60
N THR A 59 14.97 8.79 -7.66
CA THR A 59 16.02 7.83 -7.98
C THR A 59 17.36 8.53 -7.86
N MET A 60 18.25 7.96 -7.04
CA MET A 60 19.49 8.65 -6.71
C MET A 60 20.64 7.66 -6.68
N TYR A 61 21.85 8.20 -6.71
CA TYR A 61 23.07 7.44 -6.47
C TYR A 61 23.63 7.88 -5.12
N PHE A 62 23.14 7.29 -4.04
CA PHE A 62 23.62 7.61 -2.70
C PHE A 62 25.05 7.13 -2.54
N GLN A 63 25.88 7.97 -1.93
CA GLN A 63 27.31 7.66 -1.79
C GLN A 63 27.79 8.19 -0.43
N GLN A 64 28.08 7.26 0.47
CA GLN A 64 28.67 7.64 1.75
C GLN A 64 30.18 7.51 1.68
N ALA A 65 30.87 8.28 2.53
CA ALA A 65 32.33 8.27 2.52
C ALA A 65 32.80 8.57 3.95
N TRP A 66 33.34 7.55 4.62
CA TRP A 66 33.96 7.69 5.92
C TRP A 66 35.38 7.16 5.86
N ARG A 67 36.02 7.07 7.04
CA ARG A 67 37.41 6.63 7.12
C ARG A 67 37.53 5.62 8.25
N ASP A 68 37.79 4.36 7.89
CA ASP A 68 38.02 3.31 8.86
C ASP A 68 39.51 2.99 8.94
N LYS A 69 40.08 3.12 10.13
CA LYS A 69 41.51 2.87 10.31
C LYS A 69 41.85 1.38 10.35
N ARG A 70 40.86 0.51 10.54
CA ARG A 70 41.11 -0.92 10.49
C ARG A 70 41.33 -1.42 9.06
N LEU A 71 40.65 -0.81 8.10
CA LEU A 71 40.78 -1.19 6.70
C LEU A 71 41.84 -0.33 6.00
N SER A 72 43.05 -0.39 6.56
CA SER A 72 44.17 0.42 6.09
C SER A 72 45.22 -0.52 5.50
N TYR A 73 45.26 -0.60 4.17
CA TYR A 73 46.27 -1.38 3.47
C TYR A 73 47.27 -0.42 2.84
N ASN A 74 48.56 -0.66 3.08
CA ASN A 74 49.62 0.20 2.57
C ASN A 74 50.70 -0.66 1.91
N VAL A 75 50.26 -1.70 1.22
CA VAL A 75 51.15 -2.54 0.42
C VAL A 75 50.90 -2.39 -1.08
N ILE A 76 49.65 -2.41 -1.51
CA ILE A 76 49.30 -2.34 -2.92
C ILE A 76 48.87 -0.91 -3.26
N PRO A 77 49.54 -0.24 -4.20
CA PRO A 77 49.14 1.14 -4.54
C PRO A 77 48.02 1.20 -5.56
N LEU A 78 46.96 0.43 -5.37
CA LEU A 78 45.80 0.42 -6.26
C LEU A 78 44.55 0.59 -5.41
N ASN A 79 43.60 1.39 -5.89
CA ASN A 79 42.30 1.51 -5.20
C ASN A 79 41.64 0.14 -5.33
N LEU A 80 41.41 -0.55 -4.23
CA LEU A 80 40.92 -1.93 -4.21
C LEU A 80 39.41 -1.94 -4.24
N THR A 81 38.85 -2.00 -5.44
CA THR A 81 37.41 -2.14 -5.59
C THR A 81 37.02 -3.61 -5.42
N LEU A 82 36.38 -3.92 -4.30
CA LEU A 82 35.96 -5.30 -4.01
C LEU A 82 34.61 -5.59 -4.62
N ASP A 83 34.12 -6.79 -4.34
CA ASP A 83 32.80 -7.21 -4.80
C ASP A 83 31.72 -6.51 -3.99
N ASN A 84 30.49 -6.63 -4.47
CA ASN A 84 29.33 -6.08 -3.77
C ASN A 84 28.81 -7.00 -2.68
N ARG A 85 29.46 -8.13 -2.44
CA ARG A 85 29.08 -9.06 -1.38
C ARG A 85 29.94 -8.92 -0.14
N VAL A 86 30.73 -7.84 -0.04
CA VAL A 86 31.59 -7.66 1.13
C VAL A 86 30.94 -6.70 2.13
N ALA A 87 29.86 -6.02 1.75
CA ALA A 87 29.27 -5.00 2.60
C ALA A 87 28.56 -5.57 3.82
N ASP A 88 28.24 -6.86 3.80
CA ASP A 88 27.66 -7.51 4.97
C ASP A 88 28.73 -7.97 5.97
N GLN A 89 30.00 -7.79 5.64
CA GLN A 89 31.09 -8.13 6.53
C GLN A 89 31.82 -6.90 7.07
N LEU A 90 31.49 -5.72 6.59
CA LEU A 90 32.11 -4.47 7.03
C LEU A 90 31.09 -3.61 7.75
N TRP A 91 31.58 -2.70 8.58
CA TRP A 91 30.70 -1.74 9.23
C TRP A 91 30.22 -0.72 8.21
N VAL A 92 28.91 -0.49 8.18
CA VAL A 92 28.33 0.56 7.35
C VAL A 92 27.43 1.39 8.26
N PRO A 93 27.28 2.69 8.02
CA PRO A 93 26.37 3.49 8.85
C PRO A 93 24.91 3.14 8.57
N ASP A 94 24.09 3.45 9.57
CA ASP A 94 22.69 3.02 9.62
C ASP A 94 21.75 4.11 9.12
N THR A 95 22.17 4.80 8.07
CA THR A 95 21.42 5.93 7.52
C THR A 95 20.05 5.52 7.03
N TYR A 96 19.02 6.22 7.52
CA TYR A 96 17.66 6.04 7.07
C TYR A 96 17.11 7.38 6.62
N PHE A 97 16.05 7.32 5.81
CA PHE A 97 15.35 8.51 5.38
C PHE A 97 14.05 8.63 6.18
N LEU A 98 13.84 9.79 6.79
CA LEU A 98 12.74 9.95 7.73
C LEU A 98 11.39 9.95 7.02
N ASN A 99 11.29 10.67 5.90
CA ASN A 99 10.04 10.75 5.16
C ASN A 99 9.90 9.67 4.10
N ASP A 100 10.66 8.59 4.23
CA ASP A 100 10.58 7.48 3.28
C ASP A 100 9.29 6.70 3.50
N LYS A 101 8.55 6.46 2.42
CA LYS A 101 7.39 5.58 2.48
C LYS A 101 7.74 4.17 2.05
N LYS A 102 8.27 4.01 0.85
CA LYS A 102 8.64 2.70 0.32
C LYS A 102 9.85 2.87 -0.57
N SER A 103 10.98 2.28 -0.19
CA SER A 103 12.21 2.39 -0.95
C SER A 103 12.85 1.02 -1.09
N PHE A 104 13.64 0.87 -2.15
CA PHE A 104 14.30 -0.41 -2.40
C PHE A 104 15.61 -0.16 -3.14
N VAL A 105 16.55 -1.07 -2.93
CA VAL A 105 17.82 -1.09 -3.65
C VAL A 105 17.64 -2.07 -4.81
N HIS A 106 17.98 -1.62 -6.01
CA HIS A 106 17.80 -2.43 -7.21
C HIS A 106 18.73 -3.63 -7.20
N GLY A 107 18.19 -4.81 -7.52
CA GLY A 107 19.09 -5.91 -7.77
C GLY A 107 18.91 -6.53 -9.14
N VAL A 108 19.84 -6.21 -10.03
CA VAL A 108 20.04 -6.86 -11.33
C VAL A 108 21.43 -6.45 -11.82
N THR A 109 22.22 -7.40 -12.30
CA THR A 109 22.11 -8.85 -12.15
C THR A 109 22.53 -9.25 -10.74
N VAL A 110 23.23 -8.34 -10.09
CA VAL A 110 23.54 -8.44 -8.67
C VAL A 110 22.87 -7.26 -7.96
N LYS A 111 22.95 -7.27 -6.64
CA LYS A 111 22.46 -6.16 -5.84
C LYS A 111 23.32 -4.92 -6.09
N ASN A 112 22.70 -3.82 -6.47
CA ASN A 112 23.43 -2.63 -6.90
C ASN A 112 24.03 -1.88 -5.72
N ARG A 113 25.28 -2.17 -5.40
CA ARG A 113 25.98 -1.46 -4.33
C ARG A 113 27.47 -1.49 -4.64
N MET A 114 28.21 -0.58 -4.01
CA MET A 114 29.60 -0.36 -4.33
C MET A 114 30.44 -0.37 -3.07
N ILE A 115 31.62 -0.98 -3.15
CA ILE A 115 32.62 -0.88 -2.10
C ILE A 115 33.97 -0.60 -2.78
N ARG A 116 34.63 0.48 -2.38
CA ARG A 116 35.93 0.85 -2.95
C ARG A 116 36.87 1.24 -1.81
N LEU A 117 37.76 0.34 -1.44
CA LEU A 117 38.69 0.57 -0.33
C LEU A 117 39.89 1.37 -0.81
N HIS A 118 39.97 2.62 -0.38
CA HIS A 118 41.15 3.42 -0.62
C HIS A 118 42.27 2.97 0.32
N PRO A 119 43.54 3.19 -0.07
CA PRO A 119 44.66 2.71 0.78
C PRO A 119 44.73 3.33 2.17
N ASP A 120 44.30 4.59 2.33
CA ASP A 120 44.40 5.22 3.64
C ASP A 120 43.36 4.67 4.61
N GLY A 121 42.25 4.16 4.09
CA GLY A 121 41.19 3.64 4.93
C GLY A 121 39.84 4.20 4.54
N THR A 122 39.82 5.04 3.51
CA THR A 122 38.56 5.65 3.03
C THR A 122 37.70 4.57 2.37
N VAL A 123 36.48 4.35 2.88
CA VAL A 123 35.56 3.33 2.30
C VAL A 123 34.53 4.04 1.42
N LEU A 124 34.56 3.81 0.11
CA LEU A 124 33.57 4.42 -0.81
C LEU A 124 32.34 3.49 -0.88
N TYR A 125 31.39 3.68 0.02
CA TYR A 125 30.16 2.83 0.04
C TYR A 125 29.04 3.57 -0.69
N GLY A 126 28.61 3.04 -1.84
CA GLY A 126 27.61 3.71 -2.63
C GLY A 126 26.48 2.80 -3.06
N LEU A 127 25.27 3.35 -3.20
CA LEU A 127 24.10 2.55 -3.50
C LEU A 127 23.26 3.25 -4.57
N ARG A 128 22.48 2.45 -5.29
CA ARG A 128 21.48 2.94 -6.25
C ARG A 128 20.12 2.71 -5.62
N ILE A 129 19.53 3.76 -5.07
CA ILE A 129 18.33 3.66 -4.25
C ILE A 129 17.22 4.44 -4.94
N THR A 130 16.07 3.80 -5.12
CA THR A 130 14.86 4.47 -5.56
C THR A 130 13.90 4.58 -4.40
N THR A 131 13.56 5.81 -4.01
CA THR A 131 12.71 6.05 -2.86
C THR A 131 11.36 6.57 -3.31
N THR A 132 10.42 6.56 -2.38
CA THR A 132 9.15 7.27 -2.51
C THR A 132 8.98 8.14 -1.29
N ALA A 133 9.61 9.32 -1.31
CA ALA A 133 9.59 10.20 -0.12
C ALA A 133 8.25 10.91 0.00
N ALA A 134 7.56 10.73 1.14
CA ALA A 134 6.28 11.44 1.36
C ALA A 134 6.55 12.94 1.39
N CYS A 135 5.83 13.70 0.56
CA CYS A 135 6.01 15.18 0.51
C CYS A 135 4.65 15.86 0.56
N MET A 136 4.20 16.25 1.75
CA MET A 136 2.89 16.97 1.88
C MET A 136 2.92 18.16 0.92
N MET A 137 1.89 18.28 0.07
CA MET A 137 1.88 19.36 -0.95
C MET A 137 0.70 20.31 -0.68
N ASP A 138 0.97 21.46 -0.07
CA ASP A 138 -0.13 22.46 0.15
C ASP A 138 -0.55 22.98 -1.23
N LEU A 139 -1.85 22.97 -1.52
CA LEU A 139 -2.32 23.36 -2.87
C LEU A 139 -3.31 24.53 -2.78
N ARG A 140 -3.12 25.44 -1.81
CA ARG A 140 -3.99 26.60 -1.77
C ARG A 140 -3.92 27.40 -3.06
N ARG A 141 -2.76 27.40 -3.72
CA ARG A 141 -2.57 28.12 -4.97
C ARG A 141 -2.57 27.19 -6.18
N TYR A 142 -3.30 26.09 -6.12
CA TYR A 142 -3.28 25.11 -7.20
C TYR A 142 -4.04 25.66 -8.41
N PRO A 143 -3.51 25.49 -9.63
CA PRO A 143 -2.23 24.88 -10.00
C PRO A 143 -1.11 25.88 -10.22
N LEU A 144 -1.27 27.14 -9.85
CA LEU A 144 -0.22 28.14 -10.00
C LEU A 144 0.63 28.25 -8.74
N ASP A 145 1.12 27.11 -8.26
CA ASP A 145 1.74 27.01 -6.96
C ASP A 145 3.24 26.80 -7.09
N GLU A 146 3.89 26.60 -5.95
CA GLU A 146 5.35 26.40 -5.89
C GLU A 146 5.62 25.46 -4.72
N GLN A 147 5.73 24.17 -5.00
CA GLN A 147 5.96 23.19 -3.95
C GLN A 147 7.40 23.20 -3.49
N ASN A 148 7.63 22.57 -2.35
CA ASN A 148 8.99 22.45 -1.77
C ASN A 148 9.10 21.06 -1.16
N CYS A 149 9.62 20.13 -1.92
CA CYS A 149 9.76 18.75 -1.50
C CYS A 149 11.17 18.46 -1.01
N THR A 150 11.26 17.82 0.15
CA THR A 150 12.53 17.61 0.83
C THR A 150 12.85 16.12 0.85
N LEU A 151 13.98 15.79 1.50
CA LEU A 151 14.41 14.42 1.74
C LEU A 151 15.39 14.46 2.89
N GLU A 152 15.03 13.84 4.01
CA GLU A 152 15.89 13.96 5.23
C GLU A 152 16.83 12.77 5.38
N ILE A 153 18.12 12.95 5.10
CA ILE A 153 19.11 11.86 5.35
C ILE A 153 19.46 11.95 6.84
N GLU A 154 19.22 10.88 7.60
CA GLU A 154 19.45 11.00 9.07
C GLU A 154 19.97 9.68 9.64
N SER A 155 20.95 9.75 10.54
CA SER A 155 21.41 8.57 11.24
C SER A 155 20.36 8.10 12.24
N TYR A 156 20.24 6.78 12.40
CA TYR A 156 19.24 6.24 13.32
C TYR A 156 19.83 5.95 14.70
N GLY A 157 20.83 5.09 14.76
CA GLY A 157 21.27 4.57 16.05
C GLY A 157 22.43 5.28 16.70
N TYR A 158 23.16 6.09 15.93
CA TYR A 158 24.36 6.75 16.42
C TYR A 158 24.07 8.22 16.65
N THR A 159 24.43 8.71 17.83
CA THR A 159 24.13 10.07 18.22
C THR A 159 25.18 11.02 17.63
N THR A 160 25.17 12.28 18.09
CA THR A 160 26.09 13.28 17.59
C THR A 160 27.52 12.99 18.03
N ASP A 161 27.69 12.45 19.23
CA ASP A 161 29.00 12.07 19.74
C ASP A 161 29.40 10.64 19.33
N ASP A 162 28.77 10.09 18.29
CA ASP A 162 29.20 8.85 17.68
C ASP A 162 29.30 8.90 16.17
N ILE A 163 28.63 9.84 15.51
CA ILE A 163 28.71 9.99 14.06
C ILE A 163 28.41 11.45 13.75
N GLU A 164 28.87 11.90 12.59
CA GLU A 164 28.54 13.24 12.11
C GLU A 164 28.40 13.20 10.60
N PHE A 165 27.46 14.01 10.09
CA PHE A 165 27.15 14.04 8.67
C PHE A 165 27.51 15.39 8.09
N TYR A 166 27.99 15.39 6.86
CA TYR A 166 28.31 16.61 6.14
C TYR A 166 28.24 16.34 4.65
N TRP A 167 28.12 17.39 3.86
CA TRP A 167 28.12 17.24 2.41
C TRP A 167 29.55 17.28 1.89
N ARG A 168 29.93 16.27 1.12
CA ARG A 168 31.27 16.22 0.53
C ARG A 168 31.26 17.03 -0.75
N GLY A 169 32.00 18.13 -0.76
CA GLY A 169 32.07 19.00 -1.92
C GLY A 169 31.24 20.26 -1.85
N ASP A 170 30.67 20.58 -0.67
CA ASP A 170 29.87 21.78 -0.39
C ASP A 170 28.66 21.77 -1.30
N ASP A 171 28.50 22.75 -2.21
CA ASP A 171 27.34 22.78 -3.09
C ASP A 171 27.47 21.83 -4.27
N ASN A 172 28.64 21.22 -4.47
CA ASN A 172 28.86 20.25 -5.54
C ASN A 172 28.54 18.82 -5.10
N ALA A 173 27.98 18.65 -3.90
CA ALA A 173 27.67 17.31 -3.41
C ALA A 173 26.52 16.68 -4.17
N VAL A 174 25.55 17.47 -4.60
CA VAL A 174 24.40 16.97 -5.35
C VAL A 174 24.54 17.41 -6.79
N THR A 175 24.56 16.45 -7.71
CA THR A 175 24.76 16.69 -9.13
C THR A 175 23.66 15.99 -9.92
N GLY A 176 23.50 16.42 -11.16
CA GLY A 176 22.55 15.80 -12.06
C GLY A 176 21.12 16.26 -11.90
N VAL A 177 20.84 17.19 -10.98
CA VAL A 177 19.49 17.68 -10.82
C VAL A 177 19.12 18.66 -11.93
N THR A 178 20.10 19.25 -12.60
CA THR A 178 19.84 20.23 -13.64
C THR A 178 19.29 19.57 -14.91
N LYS A 179 19.64 18.33 -15.17
CA LYS A 179 19.13 17.61 -16.34
C LYS A 179 17.76 17.00 -16.12
N ILE A 180 17.24 17.08 -14.90
CA ILE A 180 15.93 16.49 -14.60
C ILE A 180 14.84 17.41 -15.12
N GLU A 181 13.98 16.88 -16.00
CA GLU A 181 12.85 17.64 -16.55
C GLU A 181 11.61 16.77 -16.41
N LEU A 182 10.77 17.09 -15.44
CA LEU A 182 9.49 16.43 -15.32
C LEU A 182 8.55 16.96 -16.42
N PRO A 183 7.58 16.14 -16.85
CA PRO A 183 6.57 16.65 -17.78
C PRO A 183 5.70 17.76 -17.20
N GLN A 184 5.41 17.73 -15.90
CA GLN A 184 4.48 18.67 -15.30
C GLN A 184 5.15 19.77 -14.49
N PHE A 185 6.23 19.49 -13.79
CA PHE A 185 6.91 20.44 -12.94
C PHE A 185 8.19 20.93 -13.60
N SER A 186 8.94 21.75 -12.87
CA SER A 186 10.26 22.22 -13.28
C SER A 186 11.05 22.65 -12.05
N ILE A 187 12.24 22.08 -11.86
CA ILE A 187 13.06 22.36 -10.69
C ILE A 187 13.62 23.77 -10.82
N VAL A 188 13.29 24.63 -9.85
CA VAL A 188 13.79 26.00 -9.84
C VAL A 188 15.08 26.10 -9.05
N ASP A 189 15.09 25.60 -7.82
CA ASP A 189 16.26 25.71 -6.97
C ASP A 189 16.33 24.49 -6.06
N TYR A 190 17.53 24.18 -5.61
CA TYR A 190 17.76 23.11 -4.65
C TYR A 190 18.78 23.59 -3.63
N LYS A 191 18.61 23.16 -2.38
CA LYS A 191 19.44 23.60 -1.28
C LYS A 191 19.90 22.42 -0.45
N LEU A 192 21.06 22.57 0.18
CA LEU A 192 21.64 21.55 1.05
C LEU A 192 21.81 22.13 2.44
N ILE A 193 21.16 21.50 3.43
CA ILE A 193 21.10 22.00 4.79
C ILE A 193 21.66 20.93 5.72
N THR A 194 22.60 21.33 6.57
CA THR A 194 23.12 20.48 7.64
C THR A 194 22.58 21.00 8.96
N LYS A 195 21.98 20.12 9.75
CA LYS A 195 21.39 20.51 11.02
C LYS A 195 21.43 19.33 11.97
N LYS A 196 21.10 19.60 13.23
CA LYS A 196 21.08 18.58 14.28
C LYS A 196 19.72 18.58 14.94
N VAL A 197 19.04 17.43 14.91
CA VAL A 197 17.74 17.29 15.54
C VAL A 197 17.92 16.56 16.85
N VAL A 198 17.04 16.86 17.80
CA VAL A 198 17.08 16.30 19.14
C VAL A 198 15.78 15.55 19.38
N PHE A 199 15.87 14.26 19.66
CA PHE A 199 14.75 13.46 20.09
C PHE A 199 14.92 13.14 21.57
N SER A 200 14.03 12.31 22.10
CA SER A 200 14.09 11.96 23.52
C SER A 200 15.21 11.00 23.85
N THR A 201 15.80 10.35 22.85
CA THR A 201 16.91 9.42 23.06
C THR A 201 18.27 10.06 22.83
N GLY A 202 18.31 11.35 22.52
CA GLY A 202 19.56 12.04 22.29
C GLY A 202 19.43 12.97 21.11
N SER A 203 20.58 13.41 20.60
CA SER A 203 20.67 14.30 19.47
C SER A 203 21.31 13.57 18.30
N TYR A 204 20.75 13.76 17.10
CA TYR A 204 21.25 13.03 15.94
C TYR A 204 21.56 14.00 14.81
N PRO A 205 22.59 13.74 14.03
CA PRO A 205 22.86 14.56 12.85
C PRO A 205 21.84 14.29 11.76
N ARG A 206 21.64 15.29 10.89
CA ARG A 206 20.65 15.18 9.83
C ARG A 206 21.06 16.07 8.66
N LEU A 207 21.08 15.49 7.47
CA LEU A 207 21.23 16.25 6.23
C LEU A 207 19.91 16.23 5.49
N SER A 208 19.52 17.38 4.96
CA SER A 208 18.26 17.49 4.23
C SER A 208 18.54 18.01 2.83
N LEU A 209 18.11 17.26 1.83
CA LEU A 209 18.16 17.69 0.44
C LEU A 209 16.74 18.06 0.03
N SER A 210 16.57 19.29 -0.46
CA SER A 210 15.24 19.81 -0.71
C SER A 210 15.18 20.50 -2.07
N PHE A 211 14.12 20.22 -2.82
CA PHE A 211 13.89 20.81 -4.13
C PHE A 211 12.73 21.77 -4.08
N LYS A 212 12.73 22.74 -5.00
CA LYS A 212 11.62 23.65 -5.20
C LYS A 212 11.05 23.38 -6.59
N LEU A 213 9.76 23.06 -6.64
CA LEU A 213 9.10 22.70 -7.89
C LEU A 213 8.00 23.72 -8.19
N LYS A 214 8.10 24.36 -9.35
CA LYS A 214 7.09 25.31 -9.82
C LYS A 214 6.27 24.63 -10.89
N ARG A 215 4.95 24.53 -10.66
CA ARG A 215 4.06 23.79 -11.59
C ARG A 215 3.92 24.57 -12.92
N ASN A 216 3.49 23.88 -13.98
CA ASN A 216 3.33 24.53 -15.31
C ASN A 216 1.91 25.08 -15.45
N ILE A 217 1.79 26.35 -15.85
CA ILE A 217 0.46 27.01 -16.04
C ILE A 217 -0.16 26.48 -17.34
N GLY A 218 0.66 26.36 -18.38
CA GLY A 218 0.17 26.00 -19.72
C GLY A 218 -0.48 24.64 -19.81
N TYR A 219 0.19 23.62 -19.29
CA TYR A 219 -0.50 22.32 -19.33
C TYR A 219 -1.84 22.56 -18.65
N PHE A 220 -1.80 23.18 -17.45
CA PHE A 220 -3.13 23.25 -16.79
C PHE A 220 -4.18 23.97 -17.66
N ILE A 221 -3.84 25.14 -18.19
CA ILE A 221 -4.83 25.97 -18.96
C ILE A 221 -5.43 25.15 -20.11
N LEU A 222 -4.66 24.25 -20.72
CA LEU A 222 -5.16 23.51 -21.91
C LEU A 222 -6.41 22.70 -21.61
N GLN A 223 -6.64 22.29 -20.36
CA GLN A 223 -7.79 21.39 -20.09
C GLN A 223 -8.71 21.92 -18.97
N THR A 224 -8.37 23.06 -18.36
CA THR A 224 -9.16 23.51 -17.21
C THR A 224 -9.44 25.00 -17.26
N TYR A 225 -8.79 25.73 -18.17
CA TYR A 225 -8.98 27.18 -18.22
C TYR A 225 -9.61 27.63 -19.54
N MET A 226 -9.12 27.11 -20.66
CA MET A 226 -9.75 27.41 -21.95
C MET A 226 -11.21 26.95 -22.04
N PRO A 227 -11.63 25.78 -21.56
CA PRO A 227 -13.09 25.56 -21.45
C PRO A 227 -13.75 26.44 -20.41
N SER A 228 -13.04 26.85 -19.37
CA SER A 228 -13.64 27.65 -18.30
C SER A 228 -13.97 29.06 -18.74
N ILE A 229 -13.17 29.67 -19.62
CA ILE A 229 -13.44 31.01 -20.10
C ILE A 229 -14.44 31.06 -21.24
N LEU A 230 -14.97 29.92 -21.64
CA LEU A 230 -15.62 29.76 -22.93
C LEU A 230 -17.04 29.21 -22.86
N ILE A 231 -17.35 28.41 -21.85
CA ILE A 231 -18.75 28.06 -21.60
C ILE A 231 -19.51 29.30 -21.12
N THR A 232 -18.81 30.24 -20.47
CA THR A 232 -19.39 31.53 -20.13
C THR A 232 -19.70 32.36 -21.38
N ILE A 233 -18.97 32.14 -22.47
CA ILE A 233 -19.28 32.83 -23.72
C ILE A 233 -20.61 32.33 -24.30
N LEU A 234 -20.86 31.02 -24.18
CA LEU A 234 -22.15 30.48 -24.60
C LEU A 234 -23.30 31.00 -23.74
N SER A 235 -23.02 31.28 -22.47
CA SER A 235 -24.00 31.95 -21.62
C SER A 235 -24.28 33.38 -22.08
N TRP A 236 -23.33 34.01 -22.77
CA TRP A 236 -23.53 35.36 -23.27
C TRP A 236 -24.31 35.40 -24.58
N VAL A 237 -24.44 34.25 -25.26
CA VAL A 237 -25.24 34.16 -26.47
C VAL A 237 -26.71 34.38 -26.16
N SER A 238 -27.16 33.99 -24.95
CA SER A 238 -28.56 34.10 -24.56
C SER A 238 -29.05 35.54 -24.49
N PHE A 239 -28.16 36.52 -24.31
CA PHE A 239 -28.57 37.91 -24.34
C PHE A 239 -28.96 38.38 -25.74
N TRP A 240 -28.36 37.80 -26.79
CA TRP A 240 -28.70 38.17 -28.15
C TRP A 240 -30.00 37.53 -28.63
N ILE A 241 -30.46 36.47 -27.96
CA ILE A 241 -31.68 35.79 -28.34
C ILE A 241 -32.87 36.58 -27.79
N ASN A 242 -33.94 36.66 -28.59
CA ASN A 242 -35.13 37.42 -28.22
C ASN A 242 -35.82 36.81 -27.01
N TYR A 243 -36.56 37.66 -26.30
CA TYR A 243 -37.14 37.29 -25.01
C TYR A 243 -38.25 36.26 -25.13
N ASP A 244 -39.02 36.32 -26.22
CA ASP A 244 -40.15 35.40 -26.39
C ASP A 244 -39.72 33.98 -26.74
N ALA A 245 -38.47 33.78 -27.16
CA ALA A 245 -37.94 32.45 -27.44
C ALA A 245 -37.51 31.84 -26.11
N SER A 246 -38.49 31.31 -25.38
CA SER A 246 -38.25 30.81 -24.03
C SER A 246 -37.47 29.51 -24.03
N ALA A 247 -37.78 28.59 -24.93
CA ALA A 247 -37.10 27.29 -24.94
C ALA A 247 -35.67 27.42 -25.44
N ALA A 248 -35.37 28.44 -26.25
CA ALA A 248 -34.01 28.63 -26.72
C ALA A 248 -33.09 29.14 -25.62
N ARG A 249 -33.54 30.13 -24.85
CA ARG A 249 -32.69 30.75 -23.83
C ARG A 249 -32.55 29.88 -22.60
N VAL A 250 -33.60 29.15 -22.25
CA VAL A 250 -33.56 28.28 -21.06
C VAL A 250 -32.62 27.10 -21.29
N ALA A 251 -32.74 26.44 -22.45
CA ALA A 251 -31.88 25.30 -22.76
C ALA A 251 -30.43 25.73 -22.98
N LEU A 252 -30.23 26.97 -23.44
CA LEU A 252 -28.87 27.51 -23.49
C LEU A 252 -28.38 27.83 -22.08
N GLY A 253 -29.24 28.37 -21.23
CA GLY A 253 -28.82 28.77 -19.90
C GLY A 253 -28.65 27.60 -18.94
N ILE A 254 -29.43 26.54 -19.12
CA ILE A 254 -29.27 25.36 -18.27
C ILE A 254 -27.99 24.63 -18.60
N THR A 255 -27.66 24.51 -19.89
CA THR A 255 -26.51 23.70 -20.30
C THR A 255 -25.20 24.31 -19.83
N THR A 256 -25.07 25.65 -19.88
CA THR A 256 -23.85 26.27 -19.39
C THR A 256 -23.76 26.20 -17.86
N VAL A 257 -24.89 26.09 -17.16
CA VAL A 257 -24.85 25.84 -15.73
C VAL A 257 -24.39 24.41 -15.45
N LEU A 258 -24.97 23.45 -16.17
CA LEU A 258 -24.74 22.05 -15.84
C LEU A 258 -23.38 21.56 -16.33
N THR A 259 -22.83 22.22 -17.36
CA THR A 259 -21.52 21.82 -17.87
C THR A 259 -20.40 22.15 -16.88
N MET A 260 -20.44 23.37 -16.35
CA MET A 260 -19.42 23.79 -15.39
C MET A 260 -19.52 23.06 -14.06
N THR A 261 -20.72 22.54 -13.76
CA THR A 261 -20.86 21.64 -12.62
C THR A 261 -20.10 20.34 -12.85
N THR A 262 -20.14 19.83 -14.08
CA THR A 262 -19.45 18.59 -14.40
C THR A 262 -17.94 18.80 -14.50
N ILE A 263 -17.51 20.04 -14.72
CA ILE A 263 -16.08 20.36 -14.74
C ILE A 263 -15.52 20.23 -13.32
N ASN A 264 -16.26 20.76 -12.33
CA ASN A 264 -15.81 20.70 -10.95
C ASN A 264 -15.83 19.29 -10.39
N THR A 265 -16.76 18.46 -10.84
CA THR A 265 -16.87 17.12 -10.27
C THR A 265 -15.78 16.18 -10.78
N HIS A 266 -15.44 16.21 -12.07
CA HIS A 266 -14.52 15.19 -12.60
C HIS A 266 -13.07 15.65 -12.48
N LEU A 267 -12.84 16.86 -11.96
CA LEU A 267 -11.50 17.36 -11.80
C LEU A 267 -10.99 17.22 -10.37
N ARG A 268 -11.86 16.82 -9.43
CA ARG A 268 -11.52 16.89 -8.01
C ARG A 268 -11.54 15.53 -7.31
N GLU A 269 -11.48 14.43 -8.06
CA GLU A 269 -11.15 13.15 -7.44
C GLU A 269 -9.68 12.81 -7.65
N THR A 270 -9.06 13.46 -8.66
CA THR A 270 -7.65 13.26 -8.96
C THR A 270 -6.81 14.21 -8.12
N LEU A 271 -7.47 14.98 -7.26
CA LEU A 271 -6.89 15.77 -6.20
C LEU A 271 -7.37 15.18 -4.88
N PRO A 272 -6.57 15.24 -3.82
CA PRO A 272 -7.02 14.71 -2.54
C PRO A 272 -8.11 15.58 -1.94
N LYS A 273 -8.87 14.98 -1.02
CA LYS A 273 -10.01 15.66 -0.40
C LYS A 273 -9.53 16.66 0.65
N ILE A 274 -8.91 17.73 0.15
CA ILE A 274 -8.39 18.84 0.95
C ILE A 274 -9.55 19.75 1.31
N PRO A 275 -9.53 20.41 2.47
CA PRO A 275 -10.70 21.19 2.88
C PRO A 275 -10.71 22.62 2.35
N TYR A 276 -9.55 23.22 2.16
CA TYR A 276 -9.50 24.61 1.73
C TYR A 276 -9.77 24.74 0.23
N VAL A 277 -9.93 25.98 -0.21
CA VAL A 277 -10.27 26.29 -1.58
C VAL A 277 -8.97 26.49 -2.36
N LYS A 278 -8.68 25.57 -3.29
CA LYS A 278 -7.57 25.76 -4.20
C LYS A 278 -7.88 26.89 -5.18
N ALA A 279 -6.82 27.45 -5.77
CA ALA A 279 -6.95 28.63 -6.61
C ALA A 279 -7.73 28.36 -7.90
N ILE A 280 -7.74 27.13 -8.38
CA ILE A 280 -8.56 26.81 -9.54
C ILE A 280 -10.03 26.67 -9.15
N ASP A 281 -10.31 26.34 -7.89
CA ASP A 281 -11.70 26.25 -7.46
C ASP A 281 -12.33 27.62 -7.25
N MET A 282 -11.51 28.63 -6.92
CA MET A 282 -12.02 29.99 -6.86
C MET A 282 -12.35 30.51 -8.25
N TYR A 283 -11.62 30.05 -9.27
CA TYR A 283 -11.92 30.44 -10.64
C TYR A 283 -13.18 29.75 -11.15
N LEU A 284 -13.34 28.45 -10.85
CA LEU A 284 -14.49 27.71 -11.31
C LEU A 284 -15.77 28.09 -10.56
N MET A 285 -15.67 28.51 -9.30
CA MET A 285 -16.83 29.02 -8.61
C MET A 285 -17.13 30.47 -8.97
N GLY A 286 -16.11 31.27 -9.25
CA GLY A 286 -16.34 32.63 -9.72
C GLY A 286 -16.97 32.68 -11.09
N CYS A 287 -16.53 31.78 -11.99
CA CYS A 287 -17.14 31.71 -13.32
C CYS A 287 -18.52 31.08 -13.25
N PHE A 288 -18.79 30.28 -12.21
CA PHE A 288 -20.11 29.72 -12.04
C PHE A 288 -21.13 30.78 -11.64
N VAL A 289 -20.69 31.80 -10.91
CA VAL A 289 -21.59 32.89 -10.51
C VAL A 289 -21.98 33.72 -11.74
N PHE A 290 -21.02 33.99 -12.63
CA PHE A 290 -21.29 34.70 -13.87
C PHE A 290 -22.24 33.93 -14.78
N VAL A 291 -22.09 32.61 -14.82
CA VAL A 291 -23.01 31.78 -15.59
C VAL A 291 -24.39 31.75 -14.92
N PHE A 292 -24.42 31.65 -13.59
CA PHE A 292 -25.68 31.64 -12.86
C PHE A 292 -26.40 33.00 -12.95
N MET A 293 -25.65 34.09 -12.96
CA MET A 293 -26.27 35.41 -13.09
C MET A 293 -26.81 35.64 -14.50
N ALA A 294 -26.23 34.97 -15.51
CA ALA A 294 -26.79 35.07 -16.86
C ALA A 294 -28.13 34.34 -16.96
N LEU A 295 -28.26 33.21 -16.26
CA LEU A 295 -29.54 32.51 -16.24
C LEU A 295 -30.57 33.27 -15.40
N LEU A 296 -30.12 33.92 -14.32
CA LEU A 296 -31.02 34.77 -13.56
C LEU A 296 -31.35 36.07 -14.27
N GLU A 297 -30.54 36.45 -15.26
CA GLU A 297 -30.84 37.65 -16.05
C GLU A 297 -32.05 37.43 -16.93
N TYR A 298 -32.22 36.22 -17.47
CA TYR A 298 -33.40 35.92 -18.27
C TYR A 298 -34.65 35.82 -17.40
N ALA A 299 -34.49 35.28 -16.19
CA ALA A 299 -35.63 35.17 -15.27
C ALA A 299 -36.12 36.54 -14.81
N LEU A 300 -35.22 37.51 -14.73
CA LEU A 300 -35.65 38.88 -14.48
C LEU A 300 -36.37 39.45 -15.68
N VAL A 301 -35.91 39.10 -16.89
CA VAL A 301 -36.52 39.61 -18.12
C VAL A 301 -37.92 39.02 -18.31
N ASN A 302 -38.06 37.70 -18.10
CA ASN A 302 -39.34 37.04 -18.30
C ASN A 302 -40.37 37.45 -17.24
N TYR A 303 -39.88 37.79 -16.04
CA TYR A 303 -40.80 38.15 -14.93
C TYR A 303 -41.41 39.52 -15.21
N ILE A 304 -40.85 40.25 -16.18
CA ILE A 304 -41.35 41.63 -16.47
C ILE A 304 -42.31 41.60 -17.66
N PHE A 305 -41.90 40.97 -18.77
CA PHE A 305 -42.75 40.99 -19.99
C PHE A 305 -44.10 40.32 -19.70
N PHE A 306 -44.06 39.05 -19.28
CA PHE A 306 -45.33 38.32 -18.99
C PHE A 306 -45.93 38.84 -17.68
N GLY A 307 -45.08 39.08 -16.68
CA GLY A 307 -45.56 39.60 -15.38
C GLY A 307 -45.37 41.11 -15.29
N ARG A 308 -44.45 41.55 -14.43
CA ARG A 308 -44.17 43.01 -14.27
C ARG A 308 -42.77 43.20 -13.68
N ASN A 460 -36.17 45.33 -23.06
CA ASN A 460 -35.01 45.22 -23.92
C ASN A 460 -33.83 46.02 -23.36
N ALA A 461 -34.12 46.84 -22.34
CA ALA A 461 -33.08 47.66 -21.74
C ALA A 461 -32.12 46.81 -20.90
N ILE A 462 -32.65 45.81 -20.20
CA ILE A 462 -31.80 44.95 -19.38
C ILE A 462 -30.97 44.02 -20.26
N ASP A 463 -31.52 43.62 -21.42
CA ASP A 463 -30.80 42.74 -22.32
C ASP A 463 -29.61 43.44 -22.96
N ARG A 464 -29.70 44.74 -23.22
CA ARG A 464 -28.48 45.44 -23.72
C ARG A 464 -27.54 45.74 -22.55
N TRP A 465 -28.00 46.52 -21.57
CA TRP A 465 -27.14 46.96 -20.42
C TRP A 465 -26.52 45.78 -19.68
N SER A 466 -27.34 44.78 -19.31
CA SER A 466 -26.79 43.65 -18.50
C SER A 466 -25.77 42.89 -19.33
N ARG A 467 -26.03 42.70 -20.63
CA ARG A 467 -25.03 42.02 -21.51
C ARG A 467 -23.72 42.81 -21.45
N ILE A 468 -23.79 44.12 -21.72
CA ILE A 468 -22.56 44.97 -21.68
C ILE A 468 -21.78 44.63 -20.40
N PHE A 469 -22.46 44.62 -19.25
CA PHE A 469 -21.75 44.41 -17.96
C PHE A 469 -21.03 43.06 -17.90
N PHE A 470 -21.64 41.97 -18.39
CA PHE A 470 -21.00 40.64 -18.23
C PHE A 470 -19.54 40.69 -18.71
N PRO A 471 -19.21 40.91 -20.00
CA PRO A 471 -17.82 41.06 -20.42
C PRO A 471 -17.16 42.21 -19.65
N VAL A 472 -17.88 43.32 -19.48
CA VAL A 472 -17.27 44.51 -18.82
C VAL A 472 -16.66 44.07 -17.48
N VAL A 473 -17.33 43.15 -16.78
CA VAL A 473 -16.84 42.76 -15.43
C VAL A 473 -15.97 41.51 -15.56
N PHE A 474 -16.48 40.51 -16.25
CA PHE A 474 -15.77 39.24 -16.39
C PHE A 474 -14.33 39.44 -16.84
N SER A 475 -14.09 40.40 -17.73
CA SER A 475 -12.72 40.75 -18.08
C SER A 475 -12.02 41.42 -16.91
N PHE A 476 -12.75 42.21 -16.11
CA PHE A 476 -12.20 42.75 -14.88
C PHE A 476 -11.97 41.65 -13.84
N PHE A 477 -12.81 40.61 -13.85
CA PHE A 477 -12.61 39.47 -12.97
C PHE A 477 -11.34 38.72 -13.31
N ASN A 478 -11.02 38.59 -14.60
CA ASN A 478 -9.77 37.95 -15.01
C ASN A 478 -8.57 38.83 -14.72
N ILE A 479 -8.75 40.15 -14.74
CA ILE A 479 -7.67 41.07 -14.36
C ILE A 479 -7.32 40.90 -12.89
N VAL A 480 -8.34 40.78 -12.03
CA VAL A 480 -8.11 40.53 -10.62
C VAL A 480 -7.51 39.15 -10.39
N TYR A 481 -8.00 38.15 -11.12
CA TYR A 481 -7.55 36.77 -10.90
C TYR A 481 -6.11 36.56 -11.36
N TRP A 482 -5.78 36.97 -12.58
CA TRP A 482 -4.47 36.70 -13.17
C TRP A 482 -3.43 37.73 -12.79
N LEU A 483 -3.72 38.59 -11.82
CA LEU A 483 -2.70 39.45 -11.23
C LEU A 483 -2.57 39.26 -9.73
N TYR A 484 -3.37 38.37 -9.11
CA TYR A 484 -3.25 38.07 -7.69
C TYR A 484 -2.62 36.69 -7.53
N TYR A 485 -3.12 35.70 -8.28
CA TYR A 485 -2.63 34.34 -8.11
C TYR A 485 -1.39 34.05 -8.96
N VAL A 486 -0.98 34.99 -9.80
CA VAL A 486 0.18 34.77 -10.66
C VAL A 486 1.39 35.51 -10.11
N ASP B 10 44.68 -3.25 19.08
CA ASP B 10 44.94 -3.54 20.49
C ASP B 10 44.26 -2.53 21.39
N ASN B 11 43.62 -1.52 20.79
CA ASN B 11 42.89 -0.51 21.52
C ASN B 11 41.39 -0.68 21.43
N THR B 12 40.90 -1.45 20.46
CA THR B 12 39.49 -1.75 20.35
C THR B 12 39.15 -3.21 20.68
N THR B 13 40.13 -4.04 21.04
CA THR B 13 39.83 -5.42 21.39
C THR B 13 39.28 -5.54 22.80
N VAL B 14 39.36 -4.46 23.59
CA VAL B 14 38.73 -4.44 24.91
C VAL B 14 37.22 -4.50 24.76
N PHE B 15 36.67 -3.73 23.83
CA PHE B 15 35.23 -3.75 23.59
C PHE B 15 34.82 -5.02 22.87
N THR B 16 35.75 -5.67 22.18
CA THR B 16 35.46 -6.95 21.55
C THR B 16 35.29 -8.04 22.60
N ARG B 17 36.05 -7.95 23.70
CA ARG B 17 35.95 -8.93 24.76
C ARG B 17 34.63 -8.82 25.51
N ILE B 18 34.10 -7.60 25.64
CA ILE B 18 32.91 -7.35 26.43
C ILE B 18 31.68 -7.93 25.73
N LEU B 19 31.58 -7.71 24.41
CA LEU B 19 30.42 -8.17 23.66
C LEU B 19 30.38 -9.69 23.56
N ASP B 20 31.54 -10.33 23.46
CA ASP B 20 31.58 -11.78 23.47
C ASP B 20 31.37 -12.34 24.87
N ARG B 21 31.63 -11.54 25.90
CA ARG B 21 31.41 -12.00 27.27
C ARG B 21 29.93 -12.08 27.58
N LEU B 22 29.14 -11.16 27.02
CA LEU B 22 27.70 -11.16 27.28
C LEU B 22 27.01 -12.32 26.57
N LEU B 23 27.36 -12.55 25.30
CA LEU B 23 26.68 -13.57 24.53
C LEU B 23 27.19 -14.98 24.80
N ASP B 24 28.27 -15.14 25.57
CA ASP B 24 28.77 -16.46 25.91
C ASP B 24 27.86 -17.07 26.96
N GLY B 25 27.20 -18.18 26.60
CA GLY B 25 26.24 -18.82 27.46
C GLY B 25 24.86 -18.21 27.46
N TYR B 26 24.65 -17.15 26.70
CA TYR B 26 23.35 -16.50 26.62
C TYR B 26 22.40 -17.33 25.78
N ASP B 27 21.20 -17.55 26.31
CA ASP B 27 20.14 -18.27 25.58
C ASP B 27 19.04 -17.27 25.26
N ASN B 28 18.88 -16.95 23.99
CA ASN B 28 17.96 -15.92 23.56
C ASN B 28 16.54 -16.43 23.37
N ARG B 29 16.28 -17.71 23.66
CA ARG B 29 14.93 -18.24 23.60
C ARG B 29 14.18 -18.09 24.92
N LEU B 30 14.82 -17.56 25.96
CA LEU B 30 14.23 -17.45 27.28
C LEU B 30 14.17 -16.00 27.70
N ARG B 31 13.03 -15.59 28.25
CA ARG B 31 12.89 -14.25 28.78
C ARG B 31 13.70 -14.12 30.08
N PRO B 32 14.15 -12.92 30.41
CA PRO B 32 14.88 -12.74 31.68
C PRO B 32 13.97 -12.93 32.87
N GLY B 33 14.51 -13.57 33.91
CA GLY B 33 13.72 -13.92 35.08
C GLY B 33 12.63 -14.91 34.76
N LEU B 34 12.99 -15.97 34.03
CA LEU B 34 12.00 -16.97 33.63
C LEU B 34 11.43 -17.72 34.81
N GLY B 35 12.28 -18.07 35.78
CA GLY B 35 11.83 -18.73 36.98
C GLY B 35 11.72 -17.86 38.22
N GLU B 36 11.88 -16.55 38.08
CA GLU B 36 11.92 -15.65 39.22
C GLU B 36 10.77 -14.65 39.26
N ARG B 37 10.58 -13.87 38.19
CA ARG B 37 9.70 -12.71 38.25
C ARG B 37 8.96 -12.56 36.94
N VAL B 38 8.31 -11.42 36.78
CA VAL B 38 7.55 -11.08 35.58
C VAL B 38 8.28 -9.97 34.85
N THR B 39 8.50 -10.15 33.56
CA THR B 39 9.31 -9.22 32.77
C THR B 39 8.48 -7.99 32.44
N GLU B 40 8.74 -6.88 33.11
CA GLU B 40 8.07 -5.63 32.80
C GLU B 40 8.68 -5.01 31.55
N VAL B 41 7.87 -4.72 30.55
CA VAL B 41 8.31 -4.05 29.35
C VAL B 41 7.77 -2.62 29.40
N LYS B 42 8.66 -1.66 29.58
CA LYS B 42 8.23 -0.22 29.57
C LYS B 42 8.22 0.25 28.11
N THR B 43 7.09 0.81 27.65
CA THR B 43 6.98 1.20 26.22
C THR B 43 6.52 2.65 26.08
N ASP B 44 7.05 3.38 25.10
CA ASP B 44 6.58 4.77 24.81
C ASP B 44 6.56 4.93 23.29
N ILE B 45 5.62 5.70 22.76
CA ILE B 45 5.49 5.78 21.27
C ILE B 45 5.76 7.21 20.79
N PHE B 46 6.72 7.38 19.86
CA PHE B 46 6.98 8.72 19.28
C PHE B 46 6.41 8.72 17.86
N VAL B 47 5.34 9.48 17.61
CA VAL B 47 4.70 9.45 16.31
C VAL B 47 5.35 10.52 15.44
N THR B 48 6.13 10.10 14.45
CA THR B 48 6.80 11.05 13.58
C THR B 48 5.84 11.67 12.59
N SER B 49 4.89 10.89 12.07
CA SER B 49 3.95 11.39 11.07
C SER B 49 2.69 10.56 11.12
N PHE B 50 1.59 11.16 11.55
CA PHE B 50 0.28 10.52 11.51
C PHE B 50 -0.22 10.58 10.07
N GLY B 51 -0.21 9.45 9.39
CA GLY B 51 -0.48 9.41 7.96
C GLY B 51 -1.95 9.52 7.63
N PRO B 52 -2.28 9.31 6.36
CA PRO B 52 -3.67 9.51 5.91
C PRO B 52 -4.60 8.43 6.43
N VAL B 53 -5.87 8.79 6.54
CA VAL B 53 -6.92 7.87 6.95
C VAL B 53 -7.77 7.53 5.73
N SER B 54 -7.79 6.25 5.38
CA SER B 54 -8.66 5.78 4.30
C SER B 54 -10.00 5.38 4.89
N ASP B 55 -11.02 6.20 4.62
CA ASP B 55 -12.36 5.96 5.16
C ASP B 55 -13.15 4.97 4.33
N HIS B 56 -12.57 4.47 3.24
CA HIS B 56 -13.16 3.38 2.48
C HIS B 56 -12.76 2.01 3.01
N ASP B 57 -11.54 1.86 3.53
CA ASP B 57 -11.07 0.60 4.08
C ASP B 57 -11.22 0.54 5.59
N MET B 58 -11.68 1.61 6.24
CA MET B 58 -11.78 1.75 7.69
C MET B 58 -10.43 1.49 8.36
N GLU B 59 -9.40 2.12 7.81
CA GLU B 59 -8.03 1.90 8.25
C GLU B 59 -7.31 3.24 8.32
N TYR B 60 -6.13 3.22 8.92
CA TYR B 60 -5.28 4.41 8.96
C TYR B 60 -3.83 3.97 9.02
N THR B 61 -2.94 4.87 8.61
CA THR B 61 -1.51 4.63 8.58
C THR B 61 -0.83 5.54 9.59
N ILE B 62 0.10 4.99 10.36
CA ILE B 62 0.84 5.76 11.35
C ILE B 62 2.31 5.36 11.29
N ASP B 63 3.20 6.35 11.34
CA ASP B 63 4.63 6.11 11.43
C ASP B 63 5.08 6.40 12.86
N VAL B 64 5.66 5.39 13.52
CA VAL B 64 5.98 5.50 14.93
C VAL B 64 7.46 5.25 15.14
N PHE B 65 7.95 5.66 16.30
CA PHE B 65 9.23 5.23 16.85
C PHE B 65 8.88 4.36 18.05
N PHE B 66 8.65 3.08 17.80
CA PHE B 66 8.15 2.17 18.84
C PHE B 66 9.30 1.82 19.77
N ARG B 67 9.35 2.51 20.90
CA ARG B 67 10.38 2.23 21.89
C ARG B 67 9.90 1.18 22.87
N GLN B 68 10.83 0.34 23.32
CA GLN B 68 10.58 -0.64 24.36
C GLN B 68 11.76 -0.63 25.31
N SER B 69 11.49 -1.06 26.55
CA SER B 69 12.56 -1.11 27.54
C SER B 69 12.24 -2.18 28.57
N TRP B 70 13.25 -2.97 28.92
CA TRP B 70 13.13 -3.99 29.96
C TRP B 70 14.48 -4.13 30.64
N LYS B 71 14.56 -5.07 31.59
CA LYS B 71 15.77 -5.27 32.38
C LYS B 71 16.20 -6.72 32.27
N ASP B 72 17.42 -6.95 31.80
CA ASP B 72 18.00 -8.28 31.72
C ASP B 72 19.23 -8.32 32.62
N GLU B 73 19.25 -9.28 33.53
CA GLU B 73 20.35 -9.39 34.49
C GLU B 73 21.52 -10.19 33.97
N ARG B 74 21.42 -10.75 32.76
CA ARG B 74 22.52 -11.47 32.14
C ARG B 74 23.39 -10.58 31.27
N LEU B 75 23.05 -9.29 31.15
CA LEU B 75 23.77 -8.37 30.29
C LEU B 75 24.48 -7.29 31.10
N LYS B 76 24.78 -7.58 32.37
CA LYS B 76 25.60 -6.68 33.17
C LYS B 76 27.05 -6.75 32.71
N PHE B 77 27.73 -5.62 32.76
CA PHE B 77 29.12 -5.56 32.33
C PHE B 77 29.83 -4.42 33.07
N LYS B 78 31.15 -4.48 33.08
CA LYS B 78 32.00 -3.41 33.58
C LYS B 78 32.98 -3.04 32.49
N GLY B 79 32.98 -1.76 32.12
CA GLY B 79 33.84 -1.29 31.04
C GLY B 79 34.16 0.18 31.16
N PRO B 80 34.79 0.74 30.13
CA PRO B 80 35.15 2.17 30.16
C PRO B 80 33.94 3.08 30.08
N MET B 81 33.01 2.77 29.18
CA MET B 81 31.81 3.58 28.99
C MET B 81 30.59 2.86 29.54
N THR B 82 29.54 3.63 29.83
CA THR B 82 28.35 3.06 30.44
C THR B 82 27.35 2.60 29.40
N VAL B 83 26.90 3.53 28.55
CA VAL B 83 25.90 3.22 27.54
C VAL B 83 26.60 2.57 26.35
N LEU B 84 26.10 1.41 25.92
CA LEU B 84 26.62 0.72 24.75
C LEU B 84 25.66 0.94 23.59
N ARG B 85 25.89 2.01 22.83
CA ARG B 85 25.11 2.29 21.63
C ARG B 85 25.57 1.32 20.54
N LEU B 86 25.01 0.13 20.57
CA LEU B 86 25.46 -0.96 19.72
C LEU B 86 24.77 -0.92 18.36
N ASN B 87 25.23 -1.79 17.47
CA ASN B 87 24.68 -1.88 16.12
C ASN B 87 23.37 -2.66 16.14
N ASN B 88 22.79 -2.82 14.96
CA ASN B 88 21.48 -3.45 14.84
C ASN B 88 21.52 -4.97 14.98
N LEU B 89 22.56 -5.62 14.45
CA LEU B 89 22.62 -7.07 14.42
C LEU B 89 22.84 -7.71 15.78
N MET B 90 23.19 -6.91 16.80
CA MET B 90 23.27 -7.43 18.16
C MET B 90 21.88 -7.79 18.69
N ALA B 91 20.85 -7.07 18.24
CA ALA B 91 19.51 -7.22 18.82
C ALA B 91 18.88 -8.56 18.49
N SER B 92 19.21 -9.14 17.34
CA SER B 92 18.70 -10.47 17.01
C SER B 92 19.40 -11.57 17.80
N LYS B 93 20.55 -11.28 18.41
CA LYS B 93 21.30 -12.26 19.18
C LYS B 93 20.84 -12.34 20.63
N ILE B 94 19.93 -11.46 21.06
CA ILE B 94 19.49 -11.40 22.44
C ILE B 94 17.98 -11.55 22.49
N TRP B 95 17.45 -11.66 23.71
CA TRP B 95 16.01 -11.78 23.88
C TRP B 95 15.33 -10.44 23.64
N THR B 96 14.30 -10.44 22.82
CA THR B 96 13.46 -9.28 22.61
C THR B 96 12.00 -9.72 22.74
N PRO B 97 11.13 -8.87 23.28
CA PRO B 97 9.72 -9.26 23.40
C PRO B 97 9.04 -9.30 22.04
N ASP B 98 8.05 -10.18 21.92
CA ASP B 98 7.32 -10.38 20.66
C ASP B 98 6.05 -9.53 20.65
N THR B 99 6.25 -8.21 20.69
CA THR B 99 5.14 -7.29 20.67
C THR B 99 4.52 -7.24 19.28
N PHE B 100 3.21 -7.44 19.21
CA PHE B 100 2.48 -7.35 17.96
C PHE B 100 1.26 -6.47 18.17
N PHE B 101 0.74 -5.93 17.07
CA PHE B 101 -0.40 -5.04 17.12
C PHE B 101 -1.67 -5.86 16.91
N HIS B 102 -2.62 -5.70 17.84
CA HIS B 102 -3.84 -6.51 17.82
C HIS B 102 -4.72 -6.19 16.63
N ASN B 103 -4.82 -4.91 16.25
CA ASN B 103 -5.66 -4.50 15.13
C ASN B 103 -4.84 -4.05 13.93
N GLY B 104 -3.59 -4.49 13.83
CA GLY B 104 -2.80 -4.19 12.65
C GLY B 104 -3.22 -5.04 11.46
N LYS B 105 -3.06 -4.48 10.27
CA LYS B 105 -3.42 -5.18 9.05
C LYS B 105 -2.21 -5.50 8.18
N LYS B 106 -1.38 -4.50 7.88
CA LYS B 106 -0.13 -4.75 7.15
C LYS B 106 0.86 -3.67 7.58
N SER B 107 1.72 -4.02 8.53
CA SER B 107 2.71 -3.09 9.06
C SER B 107 4.10 -3.49 8.55
N VAL B 108 4.94 -2.49 8.32
CA VAL B 108 6.24 -2.65 7.68
C VAL B 108 7.31 -2.06 8.59
N ALA B 109 8.36 -2.83 8.86
CA ALA B 109 9.58 -2.30 9.45
C ALA B 109 10.48 -1.83 8.32
N HIS B 110 10.89 -0.57 8.38
CA HIS B 110 11.69 0.00 7.30
C HIS B 110 13.11 -0.52 7.35
N ASN B 111 13.69 -0.88 6.19
CA ASN B 111 15.00 -1.56 6.19
C ASN B 111 16.05 -0.71 5.49
N MET B 112 15.72 0.47 4.99
CA MET B 112 16.65 1.28 4.22
C MET B 112 17.42 2.22 5.14
N THR B 113 18.76 2.19 5.05
CA THR B 113 19.58 1.31 4.23
C THR B 113 19.96 0.09 5.05
N MET B 114 20.35 0.35 6.30
CA MET B 114 20.38 -0.68 7.33
C MET B 114 18.97 -0.79 7.90
N PRO B 115 18.67 -1.86 8.65
CA PRO B 115 17.40 -1.88 9.40
C PRO B 115 17.32 -0.74 10.40
N ASN B 116 16.12 -0.19 10.56
CA ASN B 116 15.94 1.03 11.35
C ASN B 116 15.62 0.67 12.81
N LYS B 117 16.58 -0.01 13.43
CA LYS B 117 16.50 -0.36 14.85
C LYS B 117 17.83 -0.05 15.51
N LEU B 118 17.78 0.32 16.78
CA LEU B 118 18.98 0.50 17.58
C LEU B 118 18.80 -0.25 18.89
N LEU B 119 19.89 -0.36 19.64
CA LEU B 119 19.86 -1.10 20.90
C LEU B 119 20.90 -0.50 21.83
N ARG B 120 20.46 0.03 22.96
CA ARG B 120 21.35 0.59 23.97
C ARG B 120 21.30 -0.25 25.22
N ILE B 121 22.46 -0.65 25.71
CA ILE B 121 22.58 -1.52 26.88
C ILE B 121 23.26 -0.72 27.98
N THR B 122 22.47 -0.22 28.93
CA THR B 122 23.00 0.46 30.09
C THR B 122 23.69 -0.58 30.99
N GLU B 123 24.75 -0.15 31.69
CA GLU B 123 25.65 -1.07 32.37
C GLU B 123 25.02 -1.80 33.55
N ASP B 124 23.87 -1.35 34.05
CA ASP B 124 23.18 -2.06 35.11
C ASP B 124 22.32 -3.19 34.59
N GLY B 125 22.12 -3.29 33.28
CA GLY B 125 21.25 -4.27 32.69
C GLY B 125 19.99 -3.72 32.06
N THR B 126 19.87 -2.39 31.97
CA THR B 126 18.70 -1.78 31.36
C THR B 126 18.88 -1.70 29.85
N LEU B 127 17.87 -2.15 29.12
CA LEU B 127 17.92 -2.18 27.67
C LEU B 127 16.92 -1.20 27.09
N LEU B 128 17.30 -0.59 25.97
CA LEU B 128 16.41 0.29 25.22
C LEU B 128 16.42 -0.15 23.78
N TYR B 129 15.24 -0.44 23.23
CA TYR B 129 15.14 -1.10 21.93
C TYR B 129 14.05 -0.39 21.14
N THR B 130 14.45 0.54 20.28
CA THR B 130 13.51 1.32 19.50
C THR B 130 13.51 0.84 18.06
N MET B 131 12.39 1.01 17.39
CA MET B 131 12.31 0.68 15.98
C MET B 131 11.37 1.63 15.27
N ARG B 132 11.60 1.82 13.99
CA ARG B 132 10.77 2.66 13.14
C ARG B 132 9.82 1.77 12.35
N LEU B 133 8.53 1.92 12.60
CA LEU B 133 7.51 1.11 11.94
C LEU B 133 6.49 2.03 11.29
N THR B 134 6.05 1.68 10.09
CA THR B 134 4.77 2.18 9.63
C THR B 134 3.71 1.12 9.87
N VAL B 135 2.59 1.53 10.45
CA VAL B 135 1.56 0.60 10.90
C VAL B 135 0.25 0.96 10.22
N ARG B 136 -0.31 0.01 9.48
CA ARG B 136 -1.62 0.18 8.86
C ARG B 136 -2.68 -0.49 9.73
N ALA B 137 -3.02 0.18 10.82
CA ALA B 137 -3.97 -0.36 11.77
C ALA B 137 -5.40 -0.19 11.26
N GLU B 138 -6.33 -0.82 11.96
CA GLU B 138 -7.74 -0.81 11.59
C GLU B 138 -8.52 0.10 12.54
N CYS B 139 -9.30 1.01 11.95
CA CYS B 139 -10.10 1.96 12.72
C CYS B 139 -11.57 1.75 12.38
N PRO B 140 -12.31 1.07 13.26
CA PRO B 140 -13.75 0.87 13.00
C PRO B 140 -14.50 2.18 13.14
N MET B 141 -15.35 2.46 12.14
CA MET B 141 -16.02 3.75 12.03
C MET B 141 -17.53 3.56 12.10
N HIS B 142 -18.20 4.56 12.64
CA HIS B 142 -19.67 4.62 12.68
C HIS B 142 -20.07 5.91 11.97
N LEU B 143 -20.36 5.79 10.68
CA LEU B 143 -20.58 6.96 9.82
C LEU B 143 -22.04 7.35 9.78
N GLU B 144 -22.62 7.52 10.97
CA GLU B 144 -23.99 7.99 11.08
C GLU B 144 -24.11 9.50 11.11
N ASP B 145 -23.00 10.21 11.31
CA ASP B 145 -22.96 11.65 11.26
C ASP B 145 -22.03 12.15 10.16
N PHE B 146 -22.04 11.47 9.01
CA PHE B 146 -21.19 11.87 7.92
C PHE B 146 -21.71 13.17 7.29
N PRO B 147 -20.84 14.13 7.00
CA PRO B 147 -19.40 14.15 7.23
C PRO B 147 -19.00 14.91 8.49
N MET B 148 -19.95 15.23 9.37
CA MET B 148 -19.65 15.99 10.59
C MET B 148 -19.31 15.10 11.76
N ASP B 149 -18.81 13.89 11.50
CA ASP B 149 -18.58 12.90 12.53
C ASP B 149 -17.23 13.10 13.21
N ALA B 150 -17.03 12.35 14.30
CA ALA B 150 -15.76 12.27 14.99
C ALA B 150 -15.48 10.81 15.30
N HIS B 151 -14.20 10.44 15.27
CA HIS B 151 -13.81 9.04 15.42
C HIS B 151 -12.76 8.91 16.50
N ALA B 152 -12.69 7.72 17.08
CA ALA B 152 -11.65 7.36 18.05
C ALA B 152 -10.94 6.14 17.47
N CYS B 153 -9.94 6.39 16.62
CA CYS B 153 -9.20 5.31 16.00
C CYS B 153 -8.24 4.70 17.00
N PRO B 154 -8.32 3.39 17.25
CA PRO B 154 -7.49 2.78 18.29
C PRO B 154 -6.16 2.26 17.73
N LEU B 155 -5.30 1.85 18.66
CA LEU B 155 -4.05 1.16 18.34
C LEU B 155 -3.72 0.27 19.53
N LYS B 156 -4.03 -1.01 19.43
CA LYS B 156 -3.87 -1.95 20.53
C LYS B 156 -2.67 -2.83 20.23
N PHE B 157 -1.78 -2.96 21.21
CA PHE B 157 -0.62 -3.83 21.07
C PHE B 157 -0.36 -4.56 22.38
N GLY B 158 0.28 -5.71 22.26
CA GLY B 158 0.62 -6.53 23.42
C GLY B 158 1.48 -7.68 22.97
N SER B 159 1.87 -8.50 23.95
CA SER B 159 2.66 -9.68 23.64
C SER B 159 1.81 -10.74 22.95
N TYR B 160 2.47 -11.68 22.30
CA TYR B 160 1.78 -12.75 21.59
C TYR B 160 1.88 -14.08 22.32
N ALA B 161 3.10 -14.54 22.62
CA ALA B 161 3.31 -15.86 23.21
C ALA B 161 3.46 -15.83 24.72
N TYR B 162 3.51 -14.65 25.33
CA TYR B 162 3.75 -14.53 26.76
C TYR B 162 2.52 -13.95 27.44
N THR B 163 2.00 -14.66 28.44
CA THR B 163 0.80 -14.26 29.12
C THR B 163 1.10 -13.19 30.16
N ARG B 164 0.07 -12.82 30.94
CA ARG B 164 0.23 -11.78 31.95
C ARG B 164 1.00 -12.25 33.17
N ALA B 165 1.24 -13.54 33.30
CA ALA B 165 2.11 -14.07 34.35
C ALA B 165 3.57 -14.09 33.92
N GLU B 166 3.87 -13.77 32.67
CA GLU B 166 5.23 -13.79 32.16
C GLU B 166 5.73 -12.42 31.74
N VAL B 167 4.97 -11.70 30.93
CA VAL B 167 5.37 -10.40 30.42
C VAL B 167 4.21 -9.44 30.62
N VAL B 168 4.47 -8.34 31.33
CA VAL B 168 3.50 -7.26 31.51
C VAL B 168 4.06 -6.01 30.86
N TYR B 169 3.17 -5.12 30.44
CA TYR B 169 3.56 -3.90 29.76
C TYR B 169 3.23 -2.67 30.62
N GLU B 170 4.01 -1.61 30.41
CA GLU B 170 3.81 -0.36 31.12
C GLU B 170 4.36 0.78 30.27
N TRP B 171 3.95 1.99 30.61
CA TRP B 171 4.46 3.19 29.95
C TRP B 171 5.69 3.70 30.70
N THR B 172 6.65 4.25 29.94
CA THR B 172 7.89 4.73 30.54
C THR B 172 7.65 6.00 31.35
N ARG B 173 7.20 7.06 30.67
CA ARG B 173 6.84 8.30 31.32
C ARG B 173 5.39 8.22 31.75
N GLU B 174 4.80 9.35 32.15
CA GLU B 174 3.40 9.39 32.53
C GLU B 174 2.51 9.07 31.34
N PRO B 175 1.38 8.40 31.57
CA PRO B 175 0.47 8.04 30.45
C PRO B 175 -0.13 9.23 29.73
N ALA B 176 -0.16 10.42 30.33
CA ALA B 176 -0.59 11.60 29.60
C ALA B 176 0.41 11.97 28.50
N ARG B 177 1.70 11.82 28.78
CA ARG B 177 2.75 12.20 27.84
C ARG B 177 3.66 11.01 27.54
N SER B 178 3.07 9.85 27.30
CA SER B 178 3.82 8.70 26.83
C SER B 178 3.62 8.42 25.34
N VAL B 179 2.65 9.07 24.70
CA VAL B 179 2.51 9.04 23.25
C VAL B 179 2.65 10.47 22.78
N VAL B 180 3.72 10.76 22.05
CA VAL B 180 4.06 12.11 21.63
C VAL B 180 3.92 12.19 20.11
N VAL B 181 3.19 13.19 19.63
CA VAL B 181 2.99 13.41 18.21
C VAL B 181 3.85 14.59 17.79
N ALA B 182 4.65 14.40 16.74
CA ALA B 182 5.50 15.47 16.25
C ALA B 182 4.68 16.57 15.58
N GLU B 183 5.16 17.80 15.68
CA GLU B 183 4.41 18.94 15.16
C GLU B 183 4.43 18.97 13.63
N ASP B 184 5.57 18.63 13.03
CA ASP B 184 5.69 18.65 11.58
C ASP B 184 4.93 17.52 10.90
N GLY B 185 4.77 16.37 11.55
CA GLY B 185 4.07 15.27 10.93
C GLY B 185 2.58 15.32 11.17
N SER B 186 1.85 15.86 10.21
CA SER B 186 0.41 15.99 10.27
C SER B 186 -0.21 15.64 8.93
N ARG B 187 0.14 14.46 8.39
CA ARG B 187 -0.22 14.05 7.04
C ARG B 187 -1.71 13.83 6.82
N LEU B 188 -2.57 14.05 7.82
CA LEU B 188 -4.01 14.07 7.59
C LEU B 188 -4.38 15.25 6.70
N ASN B 189 -5.08 14.95 5.61
CA ASN B 189 -5.58 15.99 4.71
C ASN B 189 -7.07 16.19 4.82
N GLN B 190 -7.80 15.22 5.35
CA GLN B 190 -9.24 15.30 5.52
C GLN B 190 -9.66 15.40 6.98
N TYR B 191 -8.99 14.67 7.86
CA TYR B 191 -9.32 14.65 9.27
C TYR B 191 -8.49 15.70 10.01
N ASP B 192 -8.71 15.82 11.31
CA ASP B 192 -7.97 16.79 12.12
C ASP B 192 -7.72 16.15 13.48
N LEU B 193 -6.45 15.93 13.81
CA LEU B 193 -6.10 15.24 15.05
C LEU B 193 -6.30 16.18 16.24
N LEU B 194 -7.08 15.72 17.23
CA LEU B 194 -7.37 16.52 18.41
C LEU B 194 -6.51 16.15 19.60
N GLY B 195 -6.32 14.87 19.86
CA GLY B 195 -5.51 14.45 20.99
C GLY B 195 -5.41 12.94 21.03
N GLN B 196 -4.58 12.47 21.95
CA GLN B 196 -4.35 11.05 22.12
C GLN B 196 -4.62 10.65 23.57
N THR B 197 -5.24 9.48 23.74
CA THR B 197 -5.58 8.93 25.04
C THR B 197 -5.16 7.47 25.07
N VAL B 198 -4.52 7.07 26.17
CA VAL B 198 -4.01 5.71 26.31
C VAL B 198 -4.76 5.01 27.44
N ASP B 199 -4.67 3.68 27.43
CA ASP B 199 -5.31 2.84 28.43
C ASP B 199 -4.62 1.49 28.43
N SER B 200 -4.91 0.69 29.45
CA SER B 200 -4.33 -0.63 29.57
C SER B 200 -5.28 -1.56 30.33
N GLY B 201 -5.35 -2.80 29.87
CA GLY B 201 -6.24 -3.77 30.48
C GLY B 201 -5.78 -5.17 30.19
N ILE B 202 -6.64 -6.13 30.52
CA ILE B 202 -6.37 -7.54 30.35
C ILE B 202 -7.38 -8.09 29.35
N VAL B 203 -6.90 -8.81 28.35
CA VAL B 203 -7.78 -9.51 27.42
C VAL B 203 -7.78 -10.98 27.77
N GLN B 204 -8.85 -11.66 27.36
CA GLN B 204 -9.04 -13.08 27.61
C GLN B 204 -9.05 -13.83 26.29
N SER B 205 -8.28 -14.91 26.22
CA SER B 205 -8.24 -15.74 25.03
C SER B 205 -8.29 -17.21 25.46
N SER B 206 -8.25 -18.10 24.48
CA SER B 206 -8.26 -19.53 24.79
C SER B 206 -6.95 -19.99 25.40
N THR B 207 -5.84 -19.36 25.01
CA THR B 207 -4.54 -19.76 25.54
C THR B 207 -4.30 -19.20 26.94
N GLY B 208 -4.81 -18.00 27.23
CA GLY B 208 -4.59 -17.41 28.54
C GLY B 208 -4.97 -15.95 28.54
N GLU B 209 -4.44 -15.23 29.52
CA GLU B 209 -4.71 -13.80 29.72
C GLU B 209 -3.49 -13.01 29.31
N TYR B 210 -3.68 -12.01 28.43
CA TYR B 210 -2.54 -11.20 27.93
C TYR B 210 -2.71 -9.74 28.38
N VAL B 211 -1.59 -9.01 28.49
CA VAL B 211 -1.66 -7.56 28.85
C VAL B 211 -1.69 -6.76 27.53
N VAL B 212 -2.70 -5.92 27.35
CA VAL B 212 -2.84 -5.17 26.07
C VAL B 212 -2.67 -3.66 26.34
N MET B 213 -1.95 -2.96 25.47
CA MET B 213 -1.78 -1.50 25.61
C MET B 213 -2.52 -0.82 24.46
N THR B 214 -3.48 0.07 24.76
CA THR B 214 -4.30 0.69 23.69
C THR B 214 -4.16 2.21 23.70
N THR B 215 -3.87 2.82 22.54
CA THR B 215 -3.81 4.30 22.46
C THR B 215 -4.82 4.78 21.41
N HIS B 216 -5.85 5.51 21.86
CA HIS B 216 -6.91 5.98 20.93
C HIS B 216 -6.47 7.28 20.25
N PHE B 217 -6.95 7.53 19.03
CA PHE B 217 -6.61 8.77 18.30
C PHE B 217 -7.90 9.52 17.97
N HIS B 218 -8.18 10.59 18.70
CA HIS B 218 -9.44 11.36 18.50
C HIS B 218 -9.33 12.18 17.20
N LEU B 219 -10.11 11.81 16.19
CA LEU B 219 -10.10 12.56 14.94
C LEU B 219 -11.45 13.19 14.71
N LYS B 220 -11.45 14.32 14.01
CA LYS B 220 -12.68 15.04 13.66
C LYS B 220 -12.58 15.47 12.21
N ARG B 221 -13.56 15.09 11.40
CA ARG B 221 -13.52 15.39 9.98
C ARG B 221 -13.77 16.86 9.72
N LYS B 222 -13.01 17.42 8.77
CA LYS B 222 -13.17 18.80 8.35
C LYS B 222 -14.20 18.86 7.23
N ILE B 223 -15.23 19.68 7.42
CA ILE B 223 -16.41 19.68 6.56
C ILE B 223 -16.11 20.32 5.21
N GLY B 224 -15.13 21.23 5.15
CA GLY B 224 -14.89 22.13 4.03
C GLY B 224 -14.68 21.53 2.66
N TYR B 225 -14.24 20.27 2.57
CA TYR B 225 -14.20 19.60 1.28
C TYR B 225 -15.62 19.33 0.76
N PHE B 226 -16.49 18.82 1.62
CA PHE B 226 -17.83 18.44 1.20
C PHE B 226 -18.77 19.61 1.05
N VAL B 227 -18.38 20.79 1.53
CA VAL B 227 -19.19 21.98 1.26
C VAL B 227 -19.13 22.34 -0.21
N ILE B 228 -17.93 22.36 -0.80
CA ILE B 228 -17.75 22.79 -2.17
C ILE B 228 -17.78 21.61 -3.12
N GLN B 229 -18.20 20.45 -2.62
CA GLN B 229 -18.36 19.27 -3.46
C GLN B 229 -19.78 18.75 -3.50
N THR B 230 -20.46 18.68 -2.36
CA THR B 230 -21.80 18.11 -2.30
C THR B 230 -22.84 19.09 -1.79
N TYR B 231 -22.54 19.87 -0.75
CA TYR B 231 -23.56 20.68 -0.11
C TYR B 231 -23.95 21.89 -0.94
N LEU B 232 -22.97 22.70 -1.36
CA LEU B 232 -23.27 23.84 -2.22
C LEU B 232 -23.85 23.49 -3.59
N PRO B 233 -23.37 22.49 -4.35
CA PRO B 233 -24.07 22.16 -5.60
C PRO B 233 -25.47 21.59 -5.40
N CYS B 234 -25.75 20.94 -4.27
CA CYS B 234 -27.11 20.51 -4.00
C CYS B 234 -28.01 21.70 -3.65
N ILE B 235 -27.46 22.68 -2.95
CA ILE B 235 -28.22 23.88 -2.62
C ILE B 235 -28.51 24.69 -3.87
N MET B 236 -27.51 24.86 -4.73
CA MET B 236 -27.69 25.62 -5.97
C MET B 236 -28.57 24.89 -6.98
N THR B 237 -28.73 23.57 -6.84
CA THR B 237 -29.69 22.85 -7.67
C THR B 237 -31.12 23.19 -7.25
N VAL B 238 -31.35 23.36 -5.95
CA VAL B 238 -32.67 23.74 -5.45
C VAL B 238 -33.04 25.14 -5.94
N ILE B 239 -32.08 26.08 -5.90
CA ILE B 239 -32.32 27.41 -6.44
C ILE B 239 -32.48 27.37 -7.95
N LEU B 240 -31.75 26.47 -8.61
CA LEU B 240 -31.97 26.25 -10.05
C LEU B 240 -33.33 25.62 -10.33
N SER B 241 -33.85 24.83 -9.39
CA SER B 241 -35.16 24.22 -9.58
C SER B 241 -36.29 25.15 -9.18
N GLN B 242 -36.05 26.09 -8.27
CA GLN B 242 -37.09 26.98 -7.80
C GLN B 242 -37.16 28.28 -8.61
N VAL B 243 -36.34 28.43 -9.65
CA VAL B 243 -36.49 29.58 -10.54
C VAL B 243 -37.60 29.34 -11.55
N SER B 244 -38.11 28.10 -11.63
CA SER B 244 -39.19 27.77 -12.55
C SER B 244 -40.51 28.43 -12.18
N PHE B 245 -40.68 28.83 -10.92
CA PHE B 245 -41.90 29.50 -10.49
C PHE B 245 -41.98 30.94 -10.97
N TRP B 246 -40.88 31.52 -11.42
CA TRP B 246 -40.83 32.90 -11.86
C TRP B 246 -41.10 33.05 -13.35
N LEU B 247 -41.21 31.96 -14.09
CA LEU B 247 -41.50 32.03 -15.51
C LEU B 247 -43.01 32.12 -15.72
N ASN B 248 -43.45 32.12 -16.97
CA ASN B 248 -44.85 32.16 -17.31
C ASN B 248 -45.43 30.75 -17.41
N ARG B 249 -46.75 30.66 -17.33
CA ARG B 249 -47.42 29.37 -17.39
C ARG B 249 -47.37 28.75 -18.79
N GLU B 250 -47.15 29.56 -19.82
CA GLU B 250 -47.21 29.11 -21.20
C GLU B 250 -45.87 28.66 -21.74
N SER B 251 -44.80 28.75 -20.95
CA SER B 251 -43.49 28.23 -21.34
C SER B 251 -43.35 26.76 -20.97
N VAL B 252 -44.16 25.92 -21.59
CA VAL B 252 -44.17 24.49 -21.29
C VAL B 252 -42.86 23.78 -21.65
N PRO B 253 -42.26 23.97 -22.85
CA PRO B 253 -40.94 23.34 -23.05
C PRO B 253 -39.83 23.98 -22.24
N ALA B 254 -39.95 25.26 -21.88
CA ALA B 254 -38.90 25.92 -21.11
C ALA B 254 -38.92 25.47 -19.67
N ARG B 255 -40.10 25.41 -19.05
CA ARG B 255 -40.16 25.04 -17.63
C ARG B 255 -39.92 23.55 -17.42
N THR B 256 -40.19 22.72 -18.42
CA THR B 256 -39.89 21.30 -18.28
C THR B 256 -38.40 21.01 -18.44
N VAL B 257 -37.62 21.96 -18.97
CA VAL B 257 -36.17 21.83 -18.90
C VAL B 257 -35.71 22.03 -17.46
N PHE B 258 -36.30 23.00 -16.76
CA PHE B 258 -36.02 23.18 -15.34
C PHE B 258 -36.46 21.98 -14.52
N GLY B 259 -37.63 21.40 -14.86
CA GLY B 259 -38.16 20.32 -14.06
C GLY B 259 -37.50 18.97 -14.29
N VAL B 260 -36.74 18.82 -15.38
CA VAL B 260 -36.08 17.56 -15.70
C VAL B 260 -34.59 17.63 -15.43
N THR B 261 -33.92 18.67 -15.91
CA THR B 261 -32.47 18.75 -15.78
C THR B 261 -32.01 18.96 -14.34
N THR B 262 -32.84 19.58 -13.51
CA THR B 262 -32.48 19.71 -12.09
C THR B 262 -32.62 18.37 -11.36
N VAL B 263 -33.66 17.60 -11.68
CA VAL B 263 -33.83 16.32 -11.01
C VAL B 263 -32.94 15.25 -11.65
N LEU B 264 -32.50 15.46 -12.90
CA LEU B 264 -31.55 14.53 -13.49
C LEU B 264 -30.15 14.78 -12.95
N THR B 265 -29.81 16.04 -12.67
CA THR B 265 -28.52 16.32 -12.07
C THR B 265 -28.50 16.11 -10.57
N MET B 266 -29.68 16.00 -9.93
CA MET B 266 -29.70 15.73 -8.50
C MET B 266 -29.33 14.28 -8.19
N THR B 267 -29.82 13.34 -9.00
CA THR B 267 -29.51 11.93 -8.79
C THR B 267 -28.08 11.58 -9.21
N THR B 268 -27.41 12.42 -9.99
CA THR B 268 -26.00 12.20 -10.27
C THR B 268 -25.15 12.52 -9.05
N LEU B 269 -25.45 13.62 -8.36
CA LEU B 269 -24.80 13.91 -7.10
C LEU B 269 -25.21 12.95 -6.00
N SER B 270 -26.40 12.37 -6.10
CA SER B 270 -26.81 11.33 -5.14
C SER B 270 -25.95 10.09 -5.30
N ILE B 271 -25.60 9.74 -6.53
CA ILE B 271 -24.71 8.60 -6.76
C ILE B 271 -23.28 8.96 -6.40
N SER B 272 -22.82 10.12 -6.87
CA SER B 272 -21.40 10.48 -6.78
C SER B 272 -20.96 10.96 -5.41
N ALA B 273 -21.88 11.17 -4.47
CA ALA B 273 -21.47 11.52 -3.11
C ALA B 273 -21.17 10.30 -2.27
N ARG B 274 -21.55 9.10 -2.72
CA ARG B 274 -21.37 7.88 -1.94
C ARG B 274 -20.29 6.98 -2.52
N ASN B 275 -19.50 7.47 -3.48
CA ASN B 275 -18.51 6.62 -4.12
C ASN B 275 -17.31 6.37 -3.20
N SER B 276 -16.85 7.41 -2.51
CA SER B 276 -15.73 7.26 -1.57
C SER B 276 -16.15 6.55 -0.29
N LEU B 277 -17.44 6.56 0.03
CA LEU B 277 -17.98 5.93 1.21
C LEU B 277 -17.95 4.41 1.06
N PRO B 278 -17.93 3.67 2.16
CA PRO B 278 -18.19 2.23 2.09
C PRO B 278 -19.66 1.96 1.83
N LYS B 279 -19.96 0.67 1.59
CA LYS B 279 -21.33 0.26 1.28
C LYS B 279 -22.07 -0.06 2.59
N VAL B 280 -22.19 0.97 3.43
CA VAL B 280 -22.84 0.81 4.73
C VAL B 280 -24.35 0.68 4.55
N ALA B 281 -24.96 -0.08 5.46
CA ALA B 281 -26.41 -0.31 5.42
C ALA B 281 -27.20 0.91 5.85
N TYR B 282 -26.77 1.58 6.92
CA TYR B 282 -27.50 2.73 7.44
C TYR B 282 -27.31 3.94 6.55
N ALA B 283 -28.28 4.86 6.60
CA ALA B 283 -28.20 6.10 5.83
C ALA B 283 -27.41 7.15 6.60
N THR B 284 -26.46 7.79 5.92
CA THR B 284 -25.62 8.79 6.55
C THR B 284 -26.39 10.11 6.68
N ALA B 285 -25.76 11.06 7.37
CA ALA B 285 -26.40 12.35 7.61
C ALA B 285 -26.38 13.21 6.36
N MET B 286 -25.45 12.94 5.43
CA MET B 286 -25.43 13.67 4.18
C MET B 286 -26.58 13.23 3.27
N ASP B 287 -26.92 11.93 3.32
CA ASP B 287 -27.98 11.38 2.48
C ASP B 287 -29.35 11.92 2.86
N TRP B 288 -29.53 12.27 4.14
CA TRP B 288 -30.76 12.92 4.56
C TRP B 288 -30.88 14.32 3.97
N PHE B 289 -29.75 15.02 3.83
CA PHE B 289 -29.77 16.32 3.18
C PHE B 289 -30.02 16.18 1.69
N ILE B 290 -29.52 15.11 1.07
CA ILE B 290 -29.70 14.91 -0.36
C ILE B 290 -31.15 14.55 -0.66
N ALA B 291 -31.75 13.69 0.16
CA ALA B 291 -33.11 13.22 -0.09
C ALA B 291 -34.14 14.33 0.09
N VAL B 292 -33.92 15.23 1.04
CA VAL B 292 -34.79 16.39 1.17
C VAL B 292 -34.57 17.34 0.01
N CYS B 293 -33.31 17.53 -0.41
CA CYS B 293 -33.03 18.29 -1.62
C CYS B 293 -33.54 17.59 -2.86
N TYR B 294 -33.59 16.25 -2.84
CA TYR B 294 -34.30 15.52 -3.88
C TYR B 294 -35.79 15.77 -3.79
N ALA B 295 -36.34 15.87 -2.58
CA ALA B 295 -37.76 16.08 -2.41
C ALA B 295 -38.17 17.51 -2.77
N PHE B 296 -37.25 18.47 -2.61
CA PHE B 296 -37.57 19.84 -2.98
C PHE B 296 -37.54 20.07 -4.48
N VAL B 297 -36.65 19.38 -5.19
CA VAL B 297 -36.61 19.51 -6.64
C VAL B 297 -37.65 18.64 -7.33
N PHE B 298 -38.17 17.62 -6.65
CA PHE B 298 -39.26 16.82 -7.21
C PHE B 298 -40.62 17.46 -6.97
N SER B 299 -40.79 18.16 -5.85
CA SER B 299 -42.04 18.86 -5.61
C SER B 299 -42.17 20.09 -6.50
N ALA B 300 -41.04 20.63 -6.98
CA ALA B 300 -41.08 21.69 -7.97
C ALA B 300 -41.55 21.17 -9.33
N LEU B 301 -41.19 19.93 -9.67
CA LEU B 301 -41.62 19.35 -10.93
C LEU B 301 -43.12 19.07 -10.93
N ILE B 302 -43.64 18.53 -9.82
CA ILE B 302 -45.07 18.29 -9.74
C ILE B 302 -45.84 19.59 -9.51
N GLU B 303 -45.17 20.67 -9.12
CA GLU B 303 -45.82 21.98 -9.10
C GLU B 303 -46.11 22.46 -10.51
N PHE B 304 -45.14 22.31 -11.43
CA PHE B 304 -45.35 22.69 -12.81
C PHE B 304 -46.35 21.78 -13.50
N ALA B 305 -46.38 20.50 -13.14
CA ALA B 305 -47.38 19.59 -13.68
C ALA B 305 -48.78 19.93 -13.18
N THR B 306 -48.88 20.54 -12.01
CA THR B 306 -50.18 21.00 -11.51
C THR B 306 -50.67 22.20 -12.30
N VAL B 307 -49.80 23.19 -12.52
CA VAL B 307 -50.22 24.43 -13.17
C VAL B 307 -50.41 24.21 -14.68
N ASN B 308 -49.74 23.21 -15.26
CA ASN B 308 -49.93 22.92 -16.67
C ASN B 308 -51.28 22.25 -16.93
N TYR B 309 -51.78 21.50 -15.95
CA TYR B 309 -53.11 20.90 -16.08
C TYR B 309 -54.21 21.96 -16.02
N PHE B 310 -54.01 23.01 -15.24
CA PHE B 310 -55.00 24.06 -15.08
C PHE B 310 -54.84 25.20 -16.08
N PHE B 386 -54.81 35.90 -22.91
CA PHE B 386 -55.83 36.07 -21.88
C PHE B 386 -55.56 35.20 -20.66
N ASN B 387 -54.40 34.54 -20.66
CA ASN B 387 -54.02 33.67 -19.53
C ASN B 387 -53.44 34.53 -18.42
N SER B 388 -54.15 34.60 -17.30
CA SER B 388 -53.65 35.32 -16.14
C SER B 388 -52.65 34.46 -15.37
N VAL B 389 -51.97 35.09 -14.41
CA VAL B 389 -51.02 34.36 -13.59
C VAL B 389 -51.78 33.47 -12.61
N SER B 390 -51.08 32.44 -12.13
CA SER B 390 -51.68 31.42 -11.30
C SER B 390 -51.44 31.70 -9.82
N LYS B 391 -52.38 31.23 -9.00
CA LYS B 391 -52.19 31.29 -7.55
C LYS B 391 -51.16 30.27 -7.06
N ILE B 392 -50.93 29.20 -7.83
CA ILE B 392 -49.92 28.22 -7.45
C ILE B 392 -48.52 28.80 -7.61
N ASP B 393 -48.26 29.47 -8.73
CA ASP B 393 -46.94 30.07 -8.96
C ASP B 393 -46.70 31.27 -8.05
N ARG B 394 -47.75 32.01 -7.70
CA ARG B 394 -47.60 33.13 -6.80
C ARG B 394 -47.41 32.70 -5.36
N LEU B 395 -47.76 31.46 -5.02
CA LEU B 395 -47.53 30.93 -3.68
C LEU B 395 -46.22 30.15 -3.59
N SER B 396 -45.88 29.36 -4.61
CA SER B 396 -44.62 28.63 -4.62
C SER B 396 -43.41 29.53 -4.82
N ARG B 397 -43.61 30.75 -5.32
CA ARG B 397 -42.54 31.73 -5.36
C ARG B 397 -42.12 32.17 -3.96
N ILE B 398 -43.04 32.11 -3.00
CA ILE B 398 -42.78 32.53 -1.63
C ILE B 398 -42.54 31.34 -0.71
N ALA B 399 -43.34 30.28 -0.84
CA ALA B 399 -43.29 29.15 0.08
C ALA B 399 -42.02 28.31 -0.07
N PHE B 400 -41.76 27.82 -1.29
CA PHE B 400 -40.61 26.96 -1.58
C PHE B 400 -39.24 27.57 -1.28
N PRO B 401 -38.95 28.85 -1.56
CA PRO B 401 -37.70 29.41 -1.01
C PRO B 401 -37.70 29.54 0.51
N LEU B 402 -38.87 29.79 1.10
CA LEU B 402 -38.92 29.94 2.56
C LEU B 402 -38.77 28.60 3.26
N LEU B 403 -39.45 27.57 2.76
CA LEU B 403 -39.46 26.27 3.43
C LEU B 403 -38.12 25.56 3.30
N PHE B 404 -37.36 25.88 2.26
CA PHE B 404 -36.00 25.37 2.18
C PHE B 404 -35.09 26.05 3.19
N GLY B 405 -35.39 27.31 3.51
CA GLY B 405 -34.60 28.01 4.51
C GLY B 405 -34.86 27.52 5.91
N ILE B 406 -36.08 27.03 6.16
CA ILE B 406 -36.41 26.49 7.48
C ILE B 406 -35.69 25.16 7.69
N PHE B 407 -35.65 24.32 6.64
CA PHE B 407 -34.94 23.06 6.72
C PHE B 407 -33.44 23.26 6.87
N ASN B 408 -32.88 24.24 6.14
CA ASN B 408 -31.46 24.48 6.20
C ASN B 408 -31.04 25.10 7.53
N LEU B 409 -31.95 25.83 8.17
CA LEU B 409 -31.66 26.40 9.48
C LEU B 409 -31.66 25.32 10.56
N VAL B 410 -32.52 24.30 10.42
CA VAL B 410 -32.60 23.26 11.44
C VAL B 410 -31.62 22.12 11.18
N TYR B 411 -31.20 21.90 9.93
CA TYR B 411 -30.25 20.83 9.64
C TYR B 411 -28.85 21.16 10.14
N TRP B 412 -28.39 22.38 9.87
CA TRP B 412 -27.05 22.76 10.32
C TRP B 412 -27.01 23.03 11.82
N ALA B 413 -28.16 23.26 12.44
CA ALA B 413 -28.19 23.46 13.89
C ALA B 413 -28.07 22.15 14.64
N THR B 414 -28.69 21.08 14.15
CA THR B 414 -28.77 19.84 14.91
C THR B 414 -27.63 18.87 14.61
N TYR B 415 -26.84 19.12 13.57
CA TYR B 415 -25.74 18.24 13.22
C TYR B 415 -24.37 18.90 13.36
N LEU B 416 -24.32 20.20 13.61
CA LEU B 416 -23.07 20.83 14.03
C LEU B 416 -22.96 20.93 15.55
N ASN B 417 -23.97 20.44 16.28
CA ASN B 417 -23.95 20.46 17.73
C ASN B 417 -24.67 19.24 18.28
N GLY C 25 19.20 -21.66 33.84
CA GLY C 25 20.15 -22.74 33.72
C GLY C 25 19.48 -24.09 33.61
N ASP C 26 18.41 -24.29 34.37
CA ASP C 26 17.64 -25.52 34.31
C ASP C 26 16.89 -25.65 32.99
N VAL C 27 16.27 -24.55 32.54
CA VAL C 27 15.49 -24.59 31.31
C VAL C 27 16.40 -24.73 30.08
N THR C 28 17.61 -24.16 30.16
CA THR C 28 18.55 -24.20 29.04
C THR C 28 19.02 -25.62 28.74
N VAL C 29 19.36 -26.40 29.76
CA VAL C 29 19.80 -27.76 29.53
C VAL C 29 18.63 -28.68 29.20
N ILE C 30 17.39 -28.29 29.54
CA ILE C 30 16.23 -29.04 29.10
C ILE C 30 16.03 -28.89 27.60
N LEU C 31 16.12 -27.65 27.10
CA LEU C 31 15.98 -27.40 25.67
C LEU C 31 17.18 -27.93 24.90
N ASN C 32 18.37 -27.93 25.50
CA ASN C 32 19.55 -28.47 24.83
C ASN C 32 19.54 -29.99 24.80
N ASN C 33 18.72 -30.64 25.63
CA ASN C 33 18.56 -32.08 25.57
C ASN C 33 17.45 -32.50 24.61
N LEU C 34 16.45 -31.63 24.42
CA LEU C 34 15.36 -31.96 23.52
C LEU C 34 15.77 -31.83 22.07
N LEU C 35 16.62 -30.85 21.76
CA LEU C 35 16.89 -30.54 20.36
C LEU C 35 18.06 -31.37 19.83
N GLU C 36 18.88 -31.93 20.71
CA GLU C 36 19.94 -32.81 20.25
C GLU C 36 19.35 -34.14 19.79
N GLY C 37 19.76 -34.58 18.61
CA GLY C 37 19.18 -35.78 18.02
C GLY C 37 17.83 -35.57 17.37
N TYR C 38 17.30 -34.36 17.38
CA TYR C 38 16.01 -34.10 16.76
C TYR C 38 16.17 -33.93 15.25
N ASP C 39 15.28 -34.58 14.50
CA ASP C 39 15.26 -34.51 13.05
C ASP C 39 13.94 -33.88 12.64
N ASN C 40 14.00 -32.63 12.20
CA ASN C 40 12.80 -31.90 11.79
C ASN C 40 12.29 -32.36 10.43
N LYS C 41 13.10 -33.12 9.70
CA LYS C 41 12.67 -33.67 8.44
C LYS C 41 11.69 -34.82 8.60
N LEU C 42 11.62 -35.43 9.78
CA LEU C 42 10.78 -36.58 10.03
C LEU C 42 9.67 -36.22 11.02
N ARG C 43 8.43 -36.51 10.65
CA ARG C 43 7.31 -36.33 11.53
C ARG C 43 7.38 -37.37 12.66
N PRO C 44 6.74 -37.11 13.81
CA PRO C 44 6.73 -38.10 14.88
C PRO C 44 5.97 -39.36 14.48
N ASP C 45 6.53 -40.50 14.91
CA ASP C 45 6.08 -41.85 14.51
C ASP C 45 6.06 -42.00 12.99
N ILE C 46 7.27 -42.02 12.42
CA ILE C 46 7.44 -41.98 10.96
C ILE C 46 6.89 -43.26 10.30
N GLY C 47 6.97 -44.39 11.00
CA GLY C 47 6.49 -45.63 10.41
C GLY C 47 5.50 -46.38 11.27
N VAL C 48 5.03 -45.75 12.35
CA VAL C 48 4.21 -46.44 13.34
C VAL C 48 2.73 -46.17 13.12
N LYS C 49 2.33 -44.90 13.18
CA LYS C 49 0.92 -44.52 13.11
C LYS C 49 0.86 -43.09 12.58
N PRO C 50 -0.26 -42.69 11.98
CA PRO C 50 -0.41 -41.29 11.57
C PRO C 50 -0.47 -40.36 12.77
N THR C 51 0.07 -39.16 12.59
CA THR C 51 0.12 -38.16 13.65
C THR C 51 -1.21 -37.44 13.74
N LEU C 52 -1.86 -37.52 14.90
CA LEU C 52 -3.17 -36.92 15.10
C LEU C 52 -2.99 -35.44 15.45
N ILE C 53 -3.44 -34.57 14.57
CA ILE C 53 -3.30 -33.12 14.74
C ILE C 53 -4.67 -32.55 15.05
N HIS C 54 -4.79 -31.87 16.19
CA HIS C 54 -6.02 -31.19 16.57
C HIS C 54 -5.87 -29.71 16.24
N THR C 55 -6.74 -29.21 15.36
CA THR C 55 -6.70 -27.82 14.95
C THR C 55 -7.72 -27.01 15.73
N ASP C 56 -7.48 -25.70 15.79
CA ASP C 56 -8.33 -24.78 16.52
C ASP C 56 -8.15 -23.41 15.92
N MET C 57 -9.25 -22.67 15.77
CA MET C 57 -9.21 -21.40 15.07
C MET C 57 -9.96 -20.34 15.87
N TYR C 58 -9.50 -19.10 15.76
CA TYR C 58 -10.11 -17.94 16.41
C TYR C 58 -10.16 -16.82 15.37
N VAL C 59 -11.33 -16.58 14.79
CA VAL C 59 -11.48 -15.55 13.78
C VAL C 59 -11.50 -14.18 14.46
N ASN C 60 -10.51 -13.35 14.15
CA ASN C 60 -10.53 -11.97 14.64
C ASN C 60 -11.56 -11.15 13.86
N SER C 61 -11.39 -11.07 12.55
CA SER C 61 -12.27 -10.26 11.73
C SER C 61 -12.30 -10.80 10.31
N ILE C 62 -13.48 -10.82 9.73
CA ILE C 62 -13.66 -11.16 8.32
C ILE C 62 -13.72 -9.86 7.54
N GLY C 63 -12.83 -9.71 6.56
CA GLY C 63 -12.71 -8.48 5.82
C GLY C 63 -13.78 -8.32 4.75
N PRO C 64 -13.54 -7.42 3.81
CA PRO C 64 -14.54 -7.16 2.77
C PRO C 64 -14.61 -8.30 1.77
N VAL C 65 -15.83 -8.72 1.45
CA VAL C 65 -16.06 -9.76 0.45
C VAL C 65 -16.19 -9.09 -0.91
N ASN C 66 -15.17 -9.24 -1.75
CA ASN C 66 -15.13 -8.57 -3.05
C ASN C 66 -15.79 -9.48 -4.08
N ALA C 67 -16.90 -9.01 -4.66
CA ALA C 67 -17.67 -9.84 -5.58
C ALA C 67 -17.00 -9.93 -6.95
N ILE C 68 -16.16 -8.96 -7.30
CA ILE C 68 -15.58 -8.93 -8.64
C ILE C 68 -14.41 -9.91 -8.74
N ASN C 69 -13.87 -10.30 -7.59
CA ASN C 69 -12.76 -11.25 -7.56
C ASN C 69 -13.12 -12.58 -6.91
N MET C 70 -14.35 -12.70 -6.41
CA MET C 70 -14.88 -13.90 -5.73
C MET C 70 -14.00 -14.30 -4.54
N GLU C 71 -13.59 -13.30 -3.77
CA GLU C 71 -12.68 -13.52 -2.65
C GLU C 71 -13.23 -12.83 -1.40
N TYR C 72 -12.78 -13.33 -0.25
CA TYR C 72 -13.06 -12.69 1.04
C TYR C 72 -11.80 -12.76 1.89
N THR C 73 -11.57 -11.71 2.68
CA THR C 73 -10.39 -11.62 3.52
C THR C 73 -10.73 -12.04 4.93
N ILE C 74 -9.90 -12.91 5.52
CA ILE C 74 -10.13 -13.41 6.87
C ILE C 74 -8.84 -13.29 7.67
N ASP C 75 -8.97 -12.97 8.95
CA ASP C 75 -7.85 -12.80 9.87
C ASP C 75 -8.09 -13.72 11.06
N ILE C 76 -7.25 -14.75 11.20
CA ILE C 76 -7.49 -15.82 12.16
C ILE C 76 -6.28 -15.98 13.07
N PHE C 77 -6.48 -16.74 14.14
CA PHE C 77 -5.42 -17.22 15.01
C PHE C 77 -5.39 -18.74 14.86
N PHE C 78 -4.70 -19.21 13.82
CA PHE C 78 -4.70 -20.63 13.49
C PHE C 78 -3.82 -21.39 14.47
N ALA C 79 -4.43 -22.31 15.23
CA ALA C 79 -3.75 -23.07 16.25
C ALA C 79 -3.83 -24.55 15.94
N GLN C 80 -2.73 -25.26 16.16
CA GLN C 80 -2.66 -26.70 15.92
C GLN C 80 -2.15 -27.39 17.18
N THR C 81 -2.56 -28.64 17.36
CA THR C 81 -2.14 -29.42 18.53
C THR C 81 -1.87 -30.85 18.10
N TRP C 82 -0.65 -31.32 18.32
CA TRP C 82 -0.28 -32.69 18.02
C TRP C 82 0.59 -33.23 19.14
N TYR C 83 1.07 -34.46 18.95
CA TYR C 83 1.91 -35.14 19.93
C TYR C 83 3.23 -35.49 19.29
N ASP C 84 4.32 -35.20 19.99
CA ASP C 84 5.67 -35.57 19.54
C ASP C 84 6.41 -36.18 20.72
N ARG C 85 6.67 -37.48 20.65
CA ARG C 85 7.31 -38.19 21.76
C ARG C 85 8.78 -37.81 21.95
N ARG C 86 9.40 -37.19 20.95
CA ARG C 86 10.77 -36.72 21.12
C ARG C 86 10.82 -35.45 21.97
N LEU C 87 9.75 -34.67 21.97
CA LEU C 87 9.68 -33.45 22.79
C LEU C 87 9.06 -33.75 24.15
N LYS C 88 9.66 -34.71 24.84
CA LYS C 88 9.19 -35.19 26.13
C LYS C 88 10.27 -34.98 27.17
N PHE C 89 9.92 -34.32 28.27
CA PHE C 89 10.90 -34.03 29.32
C PHE C 89 10.27 -34.32 30.68
N ASN C 90 11.11 -34.79 31.60
CA ASN C 90 10.70 -35.09 32.98
C ASN C 90 11.38 -34.07 33.89
N SER C 91 10.61 -33.09 34.35
CA SER C 91 11.14 -32.05 35.21
C SER C 91 10.00 -31.44 36.01
N THR C 92 10.34 -30.53 36.91
CA THR C 92 9.33 -29.78 37.65
C THR C 92 8.63 -28.74 36.78
N ILE C 93 9.28 -28.31 35.69
CA ILE C 93 8.65 -27.36 34.77
C ILE C 93 7.57 -28.08 33.98
N LYS C 94 6.36 -27.52 34.01
CA LYS C 94 5.23 -28.16 33.34
C LYS C 94 5.11 -27.73 31.89
N VAL C 95 5.11 -26.43 31.62
CA VAL C 95 4.93 -25.88 30.29
C VAL C 95 6.19 -25.09 29.92
N LEU C 96 6.69 -25.30 28.71
CA LEU C 96 7.77 -24.50 28.16
C LEU C 96 7.18 -23.55 27.12
N ARG C 97 6.85 -22.34 27.54
CA ARG C 97 6.28 -21.33 26.64
C ARG C 97 7.43 -20.61 25.97
N LEU C 98 7.64 -20.89 24.68
CA LEU C 98 8.77 -20.36 23.94
C LEU C 98 8.31 -19.35 22.90
N ASN C 99 9.29 -18.66 22.33
CA ASN C 99 9.05 -17.62 21.34
C ASN C 99 9.07 -18.23 19.94
N SER C 100 9.12 -17.39 18.91
CA SER C 100 9.11 -17.83 17.53
C SER C 100 10.46 -18.34 17.04
N ASN C 101 11.52 -18.23 17.85
CA ASN C 101 12.83 -18.72 17.41
C ASN C 101 12.89 -20.24 17.36
N MET C 102 12.04 -20.91 18.13
CA MET C 102 12.05 -22.37 18.21
C MET C 102 11.13 -23.03 17.21
N VAL C 103 10.47 -22.25 16.35
CA VAL C 103 9.58 -22.82 15.35
C VAL C 103 10.37 -23.57 14.28
N GLY C 104 11.46 -22.96 13.80
CA GLY C 104 12.23 -23.55 12.73
C GLY C 104 13.12 -24.72 13.12
N LYS C 105 13.21 -25.03 14.41
CA LYS C 105 14.05 -26.12 14.88
C LYS C 105 13.29 -27.44 15.05
N ILE C 106 11.97 -27.40 15.16
CA ILE C 106 11.21 -28.63 15.38
C ILE C 106 10.31 -28.90 14.18
N TRP C 107 9.64 -30.05 14.19
CA TRP C 107 8.77 -30.42 13.09
C TRP C 107 7.47 -29.63 13.14
N ILE C 108 7.09 -29.06 12.02
CA ILE C 108 5.85 -28.29 11.89
C ILE C 108 5.06 -28.89 10.74
N PRO C 109 3.78 -29.21 10.91
CA PRO C 109 2.98 -29.78 9.82
C PRO C 109 2.77 -28.79 8.69
N ASP C 110 2.66 -29.33 7.49
CA ASP C 110 2.57 -28.52 6.27
C ASP C 110 1.12 -28.22 5.92
N THR C 111 0.46 -27.52 6.85
CA THR C 111 -0.92 -27.13 6.64
C THR C 111 -0.99 -25.98 5.66
N PHE C 112 -1.68 -26.18 4.54
CA PHE C 112 -1.83 -25.15 3.53
C PHE C 112 -3.31 -24.98 3.19
N PHE C 113 -3.67 -23.77 2.83
CA PHE C 113 -5.05 -23.41 2.54
C PHE C 113 -5.27 -23.52 1.04
N ARG C 114 -5.91 -24.61 0.61
CA ARG C 114 -5.96 -24.98 -0.81
C ARG C 114 -6.91 -24.11 -1.63
N ASN C 115 -7.72 -23.26 -0.99
CA ASN C 115 -8.60 -22.35 -1.72
C ASN C 115 -8.22 -20.89 -1.47
N SER C 116 -6.96 -20.66 -1.11
CA SER C 116 -6.48 -19.32 -0.77
C SER C 116 -5.75 -18.71 -1.95
N LYS C 117 -6.15 -17.50 -2.34
CA LYS C 117 -5.48 -16.83 -3.45
C LYS C 117 -4.11 -16.32 -3.04
N LYS C 118 -4.07 -15.57 -1.93
CA LYS C 118 -2.79 -15.00 -1.46
C LYS C 118 -2.92 -14.75 0.04
N ALA C 119 -1.84 -14.99 0.79
CA ALA C 119 -1.91 -14.84 2.26
C ALA C 119 -0.49 -14.75 2.82
N ASP C 120 -0.32 -14.09 3.97
CA ASP C 120 1.02 -13.93 4.58
C ASP C 120 0.87 -13.82 6.10
N ALA C 121 1.71 -14.52 6.85
CA ALA C 121 1.68 -14.36 8.33
C ALA C 121 2.21 -12.95 8.66
N HIS C 122 1.87 -12.42 9.83
CA HIS C 122 2.37 -11.11 10.21
C HIS C 122 3.73 -11.24 10.89
N TRP C 123 4.56 -10.19 10.73
CA TRP C 123 5.97 -10.26 11.09
C TRP C 123 6.37 -9.20 12.10
N ILE C 124 5.59 -8.12 12.23
CA ILE C 124 5.95 -6.98 13.06
C ILE C 124 5.48 -7.23 14.49
N THR C 125 6.38 -7.08 15.46
CA THR C 125 7.77 -6.65 15.37
C THR C 125 8.68 -7.87 15.30
N THR C 126 8.10 -8.99 15.71
CA THR C 126 8.71 -10.29 15.88
C THR C 126 7.64 -11.22 15.37
N PRO C 127 7.96 -12.25 14.51
CA PRO C 127 6.90 -13.01 13.84
C PRO C 127 5.89 -13.70 14.75
N ASN C 128 4.62 -13.48 14.43
CA ASN C 128 3.51 -13.78 15.34
C ASN C 128 3.27 -15.28 15.44
N ARG C 129 4.14 -15.97 16.16
CA ARG C 129 4.08 -17.40 16.31
C ARG C 129 4.25 -17.77 17.78
N MET C 130 3.61 -18.86 18.19
CA MET C 130 3.63 -19.32 19.56
C MET C 130 4.01 -20.79 19.59
N LEU C 131 4.74 -21.19 20.62
CA LEU C 131 5.17 -22.58 20.76
C LEU C 131 5.22 -22.93 22.25
N ARG C 132 4.24 -23.71 22.71
CA ARG C 132 4.20 -24.17 24.09
C ARG C 132 4.27 -25.68 24.10
N ILE C 133 5.24 -26.22 24.85
CA ILE C 133 5.43 -27.70 24.88
C ILE C 133 5.27 -28.19 26.32
N TRP C 134 4.28 -29.06 26.55
CA TRP C 134 4.07 -29.63 27.91
C TRP C 134 5.01 -30.82 28.09
N ASN C 135 5.16 -31.29 29.34
CA ASN C 135 6.09 -32.41 29.63
C ASN C 135 5.72 -33.63 28.77
N ASP C 136 4.43 -33.89 28.59
CA ASP C 136 3.98 -35.09 27.83
C ASP C 136 4.58 -35.09 26.42
N GLY C 137 4.68 -33.92 25.79
CA GLY C 137 5.17 -33.85 24.40
C GLY C 137 4.17 -33.15 23.50
N ARG C 138 3.02 -32.77 24.06
CA ARG C 138 2.00 -32.02 23.28
C ARG C 138 2.61 -30.70 22.81
N VAL C 139 2.53 -30.41 21.51
CA VAL C 139 3.11 -29.15 20.95
C VAL C 139 1.95 -28.24 20.50
N LEU C 140 1.82 -27.07 21.12
CA LEU C 140 0.77 -26.10 20.71
C LEU C 140 1.40 -25.02 19.83
N TYR C 141 1.13 -25.04 18.53
CA TYR C 141 1.68 -24.03 17.60
C TYR C 141 0.54 -23.11 17.13
N THR C 142 0.68 -21.80 17.36
CA THR C 142 -0.40 -20.84 16.97
C THR C 142 0.22 -19.67 16.20
N LEU C 143 -0.31 -19.38 15.01
CA LEU C 143 0.19 -18.25 14.23
C LEU C 143 -0.98 -17.43 13.71
N ARG C 144 -0.69 -16.17 13.41
CA ARG C 144 -1.68 -15.21 12.95
C ARG C 144 -1.58 -15.08 11.44
N LEU C 145 -2.69 -15.29 10.74
CA LEU C 145 -2.70 -15.34 9.29
C LEU C 145 -3.76 -14.42 8.73
N THR C 146 -3.48 -13.86 7.56
CA THR C 146 -4.42 -13.04 6.81
C THR C 146 -4.60 -13.67 5.44
N ILE C 147 -5.74 -14.31 5.22
CA ILE C 147 -5.94 -15.22 4.10
C ILE C 147 -6.99 -14.64 3.16
N ASP C 148 -6.64 -14.53 1.88
CA ASP C 148 -7.60 -14.20 0.83
C ASP C 148 -8.07 -15.50 0.20
N ALA C 149 -9.21 -16.00 0.64
CA ALA C 149 -9.73 -17.29 0.21
C ALA C 149 -10.78 -17.11 -0.88
N GLU C 150 -10.84 -18.08 -1.80
CA GLU C 150 -11.79 -17.97 -2.94
C GLU C 150 -13.18 -18.41 -2.50
N CYS C 151 -14.16 -17.50 -2.58
CA CYS C 151 -15.56 -17.86 -2.24
C CYS C 151 -16.45 -17.63 -3.47
N GLN C 152 -17.13 -18.68 -3.93
CA GLN C 152 -18.00 -18.55 -5.14
C GLN C 152 -19.28 -17.80 -4.75
N LEU C 153 -19.43 -16.57 -5.23
CA LEU C 153 -20.63 -15.75 -4.92
C LEU C 153 -21.64 -15.90 -6.06
N GLN C 154 -22.73 -16.64 -5.82
CA GLN C 154 -23.77 -16.81 -6.87
C GLN C 154 -24.32 -15.43 -7.24
N LEU C 155 -24.22 -15.05 -8.51
CA LEU C 155 -24.67 -13.71 -8.96
C LEU C 155 -26.18 -13.72 -9.15
N HIS C 156 -26.81 -14.90 -9.08
CA HIS C 156 -28.25 -14.97 -9.20
C HIS C 156 -28.89 -14.45 -7.91
N ASN C 157 -30.10 -13.91 -8.05
CA ASN C 157 -30.83 -13.16 -7.01
C ASN C 157 -30.03 -11.99 -6.46
N PHE C 158 -29.24 -11.33 -7.30
CA PHE C 158 -28.54 -10.12 -6.88
C PHE C 158 -29.52 -8.96 -6.85
N PRO C 159 -29.46 -8.09 -5.82
CA PRO C 159 -28.57 -8.08 -4.66
C PRO C 159 -29.22 -8.60 -3.38
N MET C 160 -29.89 -9.75 -3.43
CA MET C 160 -30.47 -10.39 -2.24
C MET C 160 -29.81 -11.73 -2.03
N ASP C 161 -28.48 -11.74 -2.11
CA ASP C 161 -27.71 -12.97 -2.18
C ASP C 161 -27.57 -13.64 -0.82
N GLU C 162 -27.14 -14.90 -0.86
CA GLU C 162 -26.80 -15.66 0.35
C GLU C 162 -25.79 -16.73 -0.07
N HIS C 163 -24.67 -16.81 0.64
CA HIS C 163 -23.60 -17.70 0.26
C HIS C 163 -23.12 -18.55 1.43
N SER C 164 -22.30 -19.55 1.10
CA SER C 164 -21.60 -20.40 2.05
C SER C 164 -20.13 -20.38 1.66
N CYS C 165 -19.39 -19.43 2.20
CA CYS C 165 -17.96 -19.31 1.90
C CYS C 165 -17.17 -20.38 2.63
N PRO C 166 -16.36 -21.18 1.95
CA PRO C 166 -15.58 -22.21 2.62
C PRO C 166 -14.17 -21.72 2.98
N LEU C 167 -13.47 -22.58 3.71
CA LEU C 167 -12.04 -22.41 3.97
C LEU C 167 -11.47 -23.80 4.17
N GLU C 168 -10.85 -24.36 3.13
CA GLU C 168 -10.35 -25.72 3.14
C GLU C 168 -8.85 -25.70 3.39
N PHE C 169 -8.43 -26.34 4.48
CA PHE C 169 -7.02 -26.48 4.76
C PHE C 169 -6.69 -27.94 4.96
N SER C 170 -5.50 -28.34 4.50
CA SER C 170 -5.11 -29.73 4.54
C SER C 170 -3.59 -29.80 4.56
N SER C 171 -3.07 -31.01 4.75
CA SER C 171 -1.65 -31.24 4.59
C SER C 171 -1.29 -31.26 3.11
N TYR C 172 -0.03 -30.92 2.81
CA TYR C 172 0.39 -30.90 1.41
C TYR C 172 1.04 -32.22 1.01
N GLY C 173 2.12 -32.60 1.68
CA GLY C 173 2.87 -33.77 1.26
C GLY C 173 2.50 -35.04 2.00
N TYR C 174 2.04 -34.91 3.24
CA TYR C 174 1.73 -36.07 4.06
C TYR C 174 0.34 -36.59 3.72
N PRO C 175 0.19 -37.85 3.33
CA PRO C 175 -1.14 -38.38 3.02
C PRO C 175 -1.95 -38.72 4.25
N ARG C 176 -3.11 -39.38 4.04
CA ARG C 176 -3.98 -39.78 5.14
C ARG C 176 -3.30 -40.78 6.06
N GLU C 177 -2.41 -41.61 5.53
CA GLU C 177 -1.72 -42.62 6.31
C GLU C 177 -0.61 -42.04 7.17
N GLU C 178 -0.29 -40.76 7.02
CA GLU C 178 0.80 -40.15 7.77
C GLU C 178 0.35 -38.99 8.65
N ILE C 179 -0.66 -38.23 8.23
CA ILE C 179 -1.22 -37.15 9.04
C ILE C 179 -2.74 -37.26 8.99
N VAL C 180 -3.38 -37.32 10.15
CA VAL C 180 -4.83 -37.33 10.28
C VAL C 180 -5.25 -36.08 11.04
N TYR C 181 -6.07 -35.21 10.44
CA TYR C 181 -6.40 -33.92 11.10
C TYR C 181 -7.62 -34.00 12.02
N GLN C 182 -7.86 -32.96 12.83
CA GLN C 182 -9.02 -32.92 13.76
C GLN C 182 -9.27 -31.46 14.24
N TRP C 183 -10.42 -31.23 14.85
CA TRP C 183 -10.78 -29.88 15.37
C TRP C 183 -10.77 -29.91 16.90
N LYS C 184 -11.53 -29.01 17.54
CA LYS C 184 -11.66 -29.00 19.01
C LYS C 184 -13.12 -28.65 19.35
N ARG C 185 -13.52 -28.80 20.61
CA ARG C 185 -14.94 -28.55 20.98
C ARG C 185 -15.37 -27.21 20.35
N SER C 186 -14.62 -26.15 20.61
CA SER C 186 -14.90 -24.84 19.97
C SER C 186 -14.07 -24.74 18.69
N SER C 187 -14.41 -25.51 17.66
CA SER C 187 -13.62 -25.54 16.41
C SER C 187 -13.26 -24.12 15.98
N VAL C 188 -14.26 -23.26 15.78
CA VAL C 188 -14.01 -21.87 15.31
C VAL C 188 -14.79 -20.89 16.19
N GLU C 189 -14.09 -20.16 17.06
CA GLU C 189 -14.74 -19.15 17.93
C GLU C 189 -14.67 -17.77 17.26
N VAL C 190 -15.81 -17.18 16.93
CA VAL C 190 -15.82 -15.85 16.35
C VAL C 190 -15.66 -14.82 17.44
N GLY C 191 -15.32 -13.61 17.06
CA GLY C 191 -15.09 -12.56 18.04
C GLY C 191 -16.30 -11.76 18.44
N ASP C 192 -16.27 -10.46 18.16
CA ASP C 192 -17.35 -9.56 18.53
C ASP C 192 -18.43 -9.43 17.47
N THR C 193 -18.08 -9.68 16.20
CA THR C 193 -18.91 -9.67 15.00
C THR C 193 -19.37 -8.24 14.63
N ARG C 194 -19.07 -7.24 15.44
CA ARG C 194 -19.46 -5.86 15.15
C ARG C 194 -18.30 -5.03 14.62
N SER C 195 -17.06 -5.36 15.00
CA SER C 195 -15.88 -4.70 14.45
C SER C 195 -15.42 -5.32 13.15
N TRP C 196 -16.28 -6.12 12.50
CA TRP C 196 -15.91 -6.78 11.22
C TRP C 196 -16.14 -5.82 10.05
N ARG C 197 -15.66 -6.17 8.85
CA ARG C 197 -15.80 -5.28 7.67
C ARG C 197 -16.98 -5.73 6.80
N LEU C 198 -17.83 -6.64 7.32
CA LEU C 198 -19.03 -7.07 6.56
C LEU C 198 -20.04 -5.92 6.55
N TYR C 199 -20.01 -5.09 5.51
CA TYR C 199 -20.91 -3.95 5.45
C TYR C 199 -22.29 -4.36 4.97
N GLN C 200 -22.38 -4.86 3.74
CA GLN C 200 -23.68 -5.27 3.22
C GLN C 200 -24.05 -6.66 3.68
N PHE C 201 -23.06 -7.45 4.09
CA PHE C 201 -23.28 -8.82 4.56
C PHE C 201 -23.35 -8.86 6.08
N SER C 202 -24.11 -9.82 6.59
CA SER C 202 -24.19 -10.09 8.01
C SER C 202 -23.89 -11.56 8.24
N PHE C 203 -23.04 -11.85 9.22
CA PHE C 203 -22.69 -13.23 9.53
C PHE C 203 -23.89 -13.95 10.13
N VAL C 204 -24.16 -15.15 9.63
CA VAL C 204 -25.37 -15.88 10.02
C VAL C 204 -24.98 -17.15 10.77
N GLY C 205 -24.25 -18.04 10.13
CA GLY C 205 -23.96 -19.33 10.72
C GLY C 205 -22.62 -19.88 10.30
N LEU C 206 -22.13 -20.83 11.09
CA LEU C 206 -20.88 -21.53 10.82
C LEU C 206 -21.10 -23.02 10.97
N ARG C 207 -20.43 -23.81 10.13
CA ARG C 207 -20.45 -25.26 10.26
C ARG C 207 -19.07 -25.81 9.90
N ASN C 208 -18.52 -26.69 10.75
CA ASN C 208 -17.16 -27.24 10.57
C ASN C 208 -17.21 -28.70 10.15
N THR C 209 -16.59 -29.10 9.05
CA THR C 209 -16.66 -30.42 8.41
C THR C 209 -15.27 -31.02 8.31
N THR C 210 -15.23 -32.29 7.92
CA THR C 210 -14.00 -32.97 7.58
C THR C 210 -14.30 -33.99 6.50
N GLU C 211 -13.30 -34.26 5.65
CA GLU C 211 -13.49 -35.12 4.49
C GLU C 211 -12.14 -35.64 4.03
N VAL C 212 -12.18 -36.66 3.18
CA VAL C 212 -10.96 -37.25 2.62
C VAL C 212 -10.98 -37.08 1.10
N VAL C 213 -10.18 -36.14 0.60
CA VAL C 213 -10.11 -35.94 -0.84
C VAL C 213 -9.09 -36.92 -1.43
N LYS C 214 -9.30 -37.31 -2.67
CA LYS C 214 -8.41 -38.23 -3.37
C LYS C 214 -7.82 -37.54 -4.59
N THR C 215 -6.53 -37.25 -4.54
CA THR C 215 -5.81 -36.62 -5.63
C THR C 215 -4.85 -37.63 -6.25
N THR C 216 -4.02 -37.13 -7.17
CA THR C 216 -3.11 -38.02 -7.90
C THR C 216 -1.93 -38.45 -7.03
N SER C 217 -1.66 -37.71 -5.95
CA SER C 217 -0.52 -38.00 -5.08
C SER C 217 -0.93 -38.66 -3.77
N GLY C 218 -2.05 -39.38 -3.75
CA GLY C 218 -2.51 -40.06 -2.56
C GLY C 218 -3.87 -39.55 -2.12
N ASP C 219 -4.17 -39.78 -0.85
CA ASP C 219 -5.40 -39.32 -0.22
C ASP C 219 -5.06 -38.38 0.92
N TYR C 220 -5.70 -37.22 0.94
CA TYR C 220 -5.40 -36.18 1.92
C TYR C 220 -6.65 -35.84 2.72
N VAL C 221 -6.46 -35.35 3.94
CA VAL C 221 -7.56 -35.07 4.85
C VAL C 221 -7.83 -33.58 4.83
N VAL C 222 -9.01 -33.20 4.35
CA VAL C 222 -9.38 -31.80 4.21
C VAL C 222 -10.36 -31.43 5.31
N MET C 223 -10.06 -30.34 6.02
CA MET C 223 -11.01 -29.77 6.98
C MET C 223 -11.53 -28.48 6.36
N SER C 224 -12.85 -28.34 6.33
CA SER C 224 -13.46 -27.14 5.75
C SER C 224 -14.28 -26.42 6.80
N VAL C 225 -14.15 -25.09 6.79
CA VAL C 225 -14.94 -24.21 7.65
C VAL C 225 -15.85 -23.38 6.75
N TYR C 226 -17.16 -23.53 6.92
CA TYR C 226 -18.12 -22.83 6.09
C TYR C 226 -18.71 -21.65 6.84
N PHE C 227 -18.74 -20.50 6.19
CA PHE C 227 -19.32 -19.28 6.74
C PHE C 227 -20.56 -18.91 5.95
N ASP C 228 -21.68 -18.73 6.66
CA ASP C 228 -22.95 -18.40 6.03
C ASP C 228 -23.17 -16.89 6.11
N LEU C 229 -23.23 -16.25 4.94
CA LEU C 229 -23.32 -14.78 4.93
C LEU C 229 -24.63 -14.35 4.26
N SER C 230 -25.23 -13.22 4.66
CA SER C 230 -26.47 -12.71 4.04
C SER C 230 -26.27 -11.24 3.63
N ARG C 231 -26.87 -10.79 2.52
CA ARG C 231 -26.59 -9.41 2.02
C ARG C 231 -27.61 -8.40 2.55
N SER D 7 15.17 -47.64 18.27
CA SER D 7 13.97 -48.21 17.66
C SER D 7 14.03 -48.13 16.15
N ASN D 8 12.87 -48.20 15.50
CA ASN D 8 12.82 -48.11 14.04
C ASN D 8 13.05 -46.69 13.56
N MET D 9 12.81 -45.70 14.44
CA MET D 9 12.98 -44.29 14.08
C MET D 9 14.45 -43.96 13.81
N SER D 10 15.35 -44.54 14.61
CA SER D 10 16.78 -44.30 14.42
C SER D 10 17.28 -44.93 13.12
N TYR D 11 16.65 -46.02 12.67
CA TYR D 11 17.01 -46.59 11.39
C TYR D 11 16.54 -45.72 10.23
N VAL D 12 15.38 -45.08 10.38
CA VAL D 12 14.92 -44.12 9.39
C VAL D 12 15.79 -42.87 9.42
N LYS D 13 16.22 -42.45 10.62
CA LYS D 13 17.08 -41.27 10.75
C LYS D 13 18.46 -41.52 10.13
N GLU D 14 19.03 -42.71 10.36
CA GLU D 14 20.36 -42.99 9.83
C GLU D 14 20.30 -43.29 8.33
N THR D 15 19.12 -43.59 7.81
CA THR D 15 18.97 -43.82 6.38
C THR D 15 19.05 -42.51 5.60
N VAL D 16 18.33 -41.49 6.07
CA VAL D 16 18.32 -40.19 5.40
C VAL D 16 19.68 -39.51 5.55
N ASP D 17 20.30 -39.67 6.72
CA ASP D 17 21.64 -39.13 6.94
C ASP D 17 22.70 -39.83 6.09
N ARG D 18 22.45 -41.07 5.68
CA ARG D 18 23.35 -41.74 4.75
C ARG D 18 23.17 -41.19 3.33
N LEU D 19 21.92 -40.87 2.96
CA LEU D 19 21.64 -40.38 1.63
C LEU D 19 22.21 -38.99 1.39
N LEU D 20 22.07 -38.11 2.37
CA LEU D 20 22.53 -36.74 2.23
C LEU D 20 24.02 -36.58 2.48
N LYS D 21 24.70 -37.64 2.90
CA LYS D 21 26.14 -37.60 3.17
C LYS D 21 26.87 -37.71 1.84
N GLY D 22 27.19 -36.56 1.25
CA GLY D 22 27.95 -36.55 0.02
C GLY D 22 27.10 -36.39 -1.22
N TYR D 23 25.86 -35.95 -1.06
CA TYR D 23 24.99 -35.66 -2.21
C TYR D 23 25.41 -34.32 -2.78
N ASP D 24 25.95 -34.34 -4.00
CA ASP D 24 26.34 -33.12 -4.67
C ASP D 24 25.18 -32.53 -5.45
N ILE D 25 24.63 -31.42 -4.94
CA ILE D 25 23.50 -30.76 -5.57
C ILE D 25 23.88 -30.14 -6.92
N ARG D 26 25.17 -29.79 -7.09
CA ARG D 26 25.62 -29.11 -8.29
C ARG D 26 25.55 -29.99 -9.52
N LEU D 27 25.62 -31.31 -9.35
CA LEU D 27 25.61 -32.24 -10.46
C LEU D 27 24.24 -32.87 -10.60
N ARG D 28 23.75 -32.98 -11.84
CA ARG D 28 22.53 -33.72 -12.11
C ARG D 28 22.78 -35.21 -11.89
N PRO D 29 21.74 -35.99 -11.60
CA PRO D 29 21.90 -37.44 -11.49
C PRO D 29 22.33 -38.06 -12.81
N ASP D 30 23.28 -38.99 -12.71
CA ASP D 30 23.95 -39.64 -13.84
C ASP D 30 24.54 -38.59 -14.81
N PHE D 31 25.49 -37.84 -14.25
CA PHE D 31 26.06 -36.68 -14.95
C PHE D 31 26.85 -37.11 -16.19
N GLY D 32 27.62 -38.19 -16.08
CA GLY D 32 28.45 -38.62 -17.18
C GLY D 32 27.83 -39.60 -18.14
N GLY D 33 26.52 -39.85 -18.03
CA GLY D 33 25.88 -40.84 -18.86
C GLY D 33 24.69 -40.30 -19.63
N PRO D 34 23.62 -41.10 -19.70
CA PRO D 34 22.43 -40.68 -20.45
C PRO D 34 21.71 -39.55 -19.74
N PRO D 35 20.92 -38.76 -20.47
CA PRO D 35 20.16 -37.68 -19.82
C PRO D 35 19.09 -38.21 -18.90
N VAL D 36 18.82 -37.46 -17.84
CA VAL D 36 17.76 -37.80 -16.92
C VAL D 36 16.43 -37.39 -17.53
N ASP D 37 15.40 -38.21 -17.31
CA ASP D 37 14.06 -37.92 -17.88
C ASP D 37 13.12 -37.46 -16.76
N VAL D 38 12.48 -36.29 -16.93
CA VAL D 38 11.61 -35.74 -15.86
C VAL D 38 10.14 -35.86 -16.29
N GLY D 39 9.37 -36.72 -15.62
CA GLY D 39 7.92 -36.84 -15.93
C GLY D 39 7.15 -35.78 -15.17
N MET D 40 6.50 -34.86 -15.90
CA MET D 40 5.81 -33.72 -15.23
C MET D 40 4.30 -33.79 -15.45
N ARG D 41 3.51 -33.65 -14.39
CA ARG D 41 2.02 -33.64 -14.52
C ARG D 41 1.50 -32.31 -13.96
N ILE D 42 0.30 -31.89 -14.37
CA ILE D 42 -0.25 -30.58 -13.92
C ILE D 42 -1.70 -30.76 -13.46
N ASP D 43 -1.94 -30.69 -12.15
CA ASP D 43 -3.32 -30.76 -11.65
C ASP D 43 -3.78 -29.31 -11.54
N VAL D 44 -4.60 -28.87 -12.50
CA VAL D 44 -5.06 -27.49 -12.53
C VAL D 44 -6.16 -27.32 -11.50
N ALA D 45 -5.98 -26.37 -10.58
CA ALA D 45 -6.99 -26.13 -9.55
C ALA D 45 -7.99 -25.07 -10.00
N SER D 46 -7.50 -23.94 -10.51
CA SER D 46 -8.39 -22.85 -10.92
C SER D 46 -7.65 -21.98 -11.91
N ILE D 47 -8.26 -21.74 -13.08
CA ILE D 47 -7.73 -20.73 -13.99
C ILE D 47 -8.44 -19.42 -13.68
N ASP D 48 -7.69 -18.45 -13.16
CA ASP D 48 -8.25 -17.18 -12.72
C ASP D 48 -8.50 -16.23 -13.88
N MET D 49 -8.66 -14.95 -13.56
CA MET D 49 -9.06 -13.92 -14.52
C MET D 49 -8.11 -13.82 -15.71
N VAL D 50 -8.69 -13.64 -16.89
CA VAL D 50 -7.96 -13.52 -18.15
C VAL D 50 -8.21 -12.13 -18.71
N SER D 51 -7.31 -11.20 -18.43
CA SER D 51 -7.53 -9.82 -18.84
C SER D 51 -7.03 -9.60 -20.26
N GLU D 52 -7.44 -8.48 -20.84
CA GLU D 52 -7.04 -8.09 -22.17
C GLU D 52 -6.30 -6.75 -22.22
N VAL D 53 -6.45 -5.93 -21.18
CA VAL D 53 -5.70 -4.67 -21.14
C VAL D 53 -4.25 -4.92 -20.75
N ASN D 54 -3.97 -6.07 -20.13
CA ASN D 54 -2.60 -6.46 -19.81
C ASN D 54 -2.16 -7.70 -20.56
N MET D 55 -3.08 -8.40 -21.22
CA MET D 55 -2.83 -9.52 -22.14
C MET D 55 -2.12 -10.69 -21.43
N ASP D 56 -2.81 -11.21 -20.41
CA ASP D 56 -2.28 -12.32 -19.64
C ASP D 56 -3.43 -13.09 -19.02
N TYR D 57 -3.13 -14.30 -18.57
CA TYR D 57 -4.09 -15.10 -17.81
C TYR D 57 -3.40 -15.63 -16.56
N THR D 58 -4.14 -15.68 -15.46
CA THR D 58 -3.61 -16.17 -14.20
C THR D 58 -4.06 -17.60 -13.97
N LEU D 59 -3.11 -18.47 -13.62
CA LEU D 59 -3.36 -19.89 -13.47
C LEU D 59 -2.67 -20.38 -12.20
N THR D 60 -3.43 -21.04 -11.34
CA THR D 60 -2.85 -21.77 -10.22
C THR D 60 -3.12 -23.26 -10.41
N MET D 61 -2.18 -24.08 -9.97
CA MET D 61 -2.17 -25.49 -10.31
C MET D 61 -1.32 -26.22 -9.28
N TYR D 62 -1.24 -27.54 -9.41
CA TYR D 62 -0.36 -28.37 -8.59
C TYR D 62 0.72 -28.95 -9.49
N PHE D 63 1.80 -28.18 -9.67
CA PHE D 63 2.87 -28.64 -10.54
C PHE D 63 3.66 -29.75 -9.87
N GLN D 64 3.80 -30.87 -10.58
CA GLN D 64 4.43 -32.05 -10.04
C GLN D 64 5.44 -32.59 -11.03
N GLN D 65 6.59 -33.02 -10.52
CA GLN D 65 7.68 -33.52 -11.34
C GLN D 65 8.12 -34.88 -10.81
N SER D 66 8.86 -35.63 -11.64
CA SER D 66 9.31 -36.96 -11.27
C SER D 66 10.53 -37.38 -12.07
N TRP D 67 11.61 -37.76 -11.38
CA TRP D 67 12.83 -38.22 -12.04
C TRP D 67 13.45 -39.28 -11.14
N LYS D 68 14.18 -40.22 -11.74
CA LYS D 68 14.87 -41.24 -10.97
C LYS D 68 16.29 -40.79 -10.65
N ASP D 69 16.62 -40.79 -9.36
CA ASP D 69 17.97 -40.54 -8.88
C ASP D 69 18.51 -41.83 -8.27
N LYS D 70 19.65 -42.28 -8.77
CA LYS D 70 20.22 -43.54 -8.29
C LYS D 70 20.95 -43.39 -6.95
N ARG D 71 21.28 -42.16 -6.55
CA ARG D 71 21.96 -41.96 -5.28
C ARG D 71 21.00 -42.15 -4.11
N LEU D 72 19.78 -41.64 -4.25
CA LEU D 72 18.78 -41.71 -3.18
C LEU D 72 18.02 -43.03 -3.30
N SER D 73 18.72 -44.12 -3.00
CA SER D 73 18.17 -45.47 -3.08
C SER D 73 18.29 -46.11 -1.70
N TYR D 74 17.17 -46.30 -1.04
CA TYR D 74 17.15 -46.96 0.27
C TYR D 74 16.49 -48.32 0.19
N SER D 75 16.98 -49.24 1.02
CA SER D 75 16.55 -50.63 0.93
C SER D 75 15.94 -51.12 2.25
N GLY D 76 16.33 -50.49 3.36
CA GLY D 76 15.84 -50.94 4.65
C GLY D 76 14.36 -50.67 4.87
N ILE D 77 13.88 -49.54 4.38
CA ILE D 77 12.49 -49.14 4.60
C ILE D 77 11.66 -49.44 3.36
N PRO D 78 10.54 -50.16 3.49
CA PRO D 78 9.67 -50.41 2.33
C PRO D 78 8.66 -49.31 2.06
N LEU D 79 8.55 -48.31 2.93
CA LEU D 79 7.57 -47.25 2.78
C LEU D 79 7.98 -46.27 1.69
N ASN D 80 7.00 -45.51 1.19
CA ASN D 80 7.28 -44.40 0.24
C ASN D 80 7.52 -43.17 1.12
N LEU D 81 8.74 -42.93 1.55
CA LEU D 81 9.12 -41.90 2.50
C LEU D 81 8.74 -40.51 2.01
N THR D 82 8.07 -39.75 2.87
CA THR D 82 7.73 -38.36 2.59
C THR D 82 8.46 -37.48 3.60
N LEU D 83 9.44 -36.74 3.12
CA LEU D 83 10.21 -35.85 3.97
C LEU D 83 9.58 -34.47 3.99
N ASP D 84 10.13 -33.59 4.82
CA ASP D 84 9.66 -32.22 4.87
C ASP D 84 10.17 -31.46 3.65
N ASN D 85 9.62 -30.25 3.46
CA ASN D 85 9.96 -29.47 2.28
C ASN D 85 11.32 -28.79 2.37
N ARG D 86 11.98 -28.85 3.52
CA ARG D 86 13.29 -28.21 3.67
C ARG D 86 14.42 -29.05 3.11
N VAL D 87 14.19 -30.35 2.84
CA VAL D 87 15.26 -31.19 2.33
C VAL D 87 15.40 -31.02 0.82
N ALA D 88 14.40 -30.39 0.18
CA ALA D 88 14.44 -30.17 -1.26
C ALA D 88 15.50 -29.16 -1.64
N ASP D 89 15.83 -28.25 -0.73
CA ASP D 89 16.94 -27.34 -0.95
C ASP D 89 18.28 -28.06 -0.81
N GLN D 90 18.28 -29.19 -0.10
CA GLN D 90 19.50 -29.98 0.03
C GLN D 90 19.68 -30.93 -1.14
N LEU D 91 18.63 -31.18 -1.91
CA LEU D 91 18.66 -32.15 -2.99
C LEU D 91 18.59 -31.45 -4.34
N TRP D 92 18.89 -32.19 -5.40
CA TRP D 92 18.89 -31.65 -6.74
C TRP D 92 17.46 -31.48 -7.25
N VAL D 93 17.23 -30.36 -7.92
CA VAL D 93 15.94 -30.03 -8.53
C VAL D 93 16.22 -29.54 -9.94
N PRO D 94 15.48 -30.00 -10.95
CA PRO D 94 15.72 -29.52 -12.31
C PRO D 94 15.34 -28.06 -12.48
N ASP D 95 15.85 -27.45 -13.56
CA ASP D 95 15.73 -26.02 -13.80
C ASP D 95 14.47 -25.66 -14.58
N THR D 96 13.39 -26.38 -14.32
CA THR D 96 12.09 -26.16 -14.97
C THR D 96 11.59 -24.74 -14.73
N TYR D 97 11.31 -24.03 -15.81
CA TYR D 97 10.75 -22.69 -15.76
C TYR D 97 9.70 -22.55 -16.85
N PHE D 98 8.99 -21.42 -16.82
CA PHE D 98 7.94 -21.13 -17.79
C PHE D 98 8.40 -19.98 -18.66
N LEU D 99 8.33 -20.16 -19.99
CA LEU D 99 8.84 -19.14 -20.90
C LEU D 99 7.96 -17.91 -20.92
N ASN D 100 6.65 -18.09 -21.02
CA ASN D 100 5.72 -16.98 -21.11
C ASN D 100 5.32 -16.42 -19.75
N ASP D 101 6.00 -16.81 -18.68
CA ASP D 101 5.66 -16.34 -17.35
C ASP D 101 6.04 -14.87 -17.18
N LYS D 102 5.11 -14.08 -16.67
CA LYS D 102 5.36 -12.68 -16.38
C LYS D 102 5.74 -12.44 -14.92
N LYS D 103 4.97 -12.99 -13.99
CA LYS D 103 5.32 -12.98 -12.57
C LYS D 103 4.60 -14.11 -11.87
N SER D 104 5.36 -15.00 -11.22
CA SER D 104 4.80 -16.15 -10.54
C SER D 104 5.42 -16.29 -9.16
N PHE D 105 4.68 -16.95 -8.27
CA PHE D 105 5.13 -17.11 -6.90
C PHE D 105 4.51 -18.39 -6.33
N VAL D 106 5.23 -19.03 -5.41
CA VAL D 106 4.65 -20.21 -4.70
C VAL D 106 4.13 -19.70 -3.36
N HIS D 107 3.10 -20.33 -2.78
CA HIS D 107 2.47 -19.81 -1.53
C HIS D 107 3.38 -20.04 -0.32
N GLY D 108 3.03 -19.45 0.82
CA GLY D 108 3.87 -19.56 2.00
C GLY D 108 3.12 -19.55 3.32
N VAL D 109 1.93 -20.13 3.36
CA VAL D 109 1.15 -20.26 4.58
C VAL D 109 0.68 -21.71 4.68
N THR D 110 0.97 -22.36 5.81
CA THR D 110 1.68 -21.79 6.96
C THR D 110 3.19 -21.93 6.82
N VAL D 111 3.61 -22.85 5.95
CA VAL D 111 5.00 -23.00 5.56
C VAL D 111 5.03 -22.84 4.05
N LYS D 112 6.22 -22.99 3.45
CA LYS D 112 6.35 -22.93 2.00
C LYS D 112 5.59 -24.10 1.40
N ASN D 113 4.61 -23.80 0.54
CA ASN D 113 3.74 -24.85 0.00
C ASN D 113 4.47 -25.64 -1.05
N ARG D 114 5.22 -26.65 -0.62
CA ARG D 114 5.94 -27.54 -1.59
C ARG D 114 6.04 -28.95 -0.99
N MET D 115 6.28 -29.96 -1.84
CA MET D 115 6.33 -31.37 -1.35
C MET D 115 7.44 -32.13 -2.06
N ILE D 116 8.17 -32.98 -1.32
CA ILE D 116 9.22 -33.85 -1.94
C ILE D 116 9.09 -35.25 -1.35
N ARG D 117 9.03 -36.28 -2.20
CA ARG D 117 8.81 -37.68 -1.70
C ARG D 117 9.88 -38.61 -2.30
N LEU D 118 10.46 -39.48 -1.48
CA LEU D 118 11.51 -40.37 -1.96
C LEU D 118 11.02 -41.81 -2.01
N HIS D 119 10.84 -42.34 -3.22
CA HIS D 119 10.42 -43.73 -3.41
C HIS D 119 11.64 -44.62 -3.17
N PRO D 120 11.44 -45.91 -2.85
CA PRO D 120 12.60 -46.79 -2.59
C PRO D 120 13.53 -47.00 -3.77
N ASP D 121 13.02 -46.98 -5.00
CA ASP D 121 13.90 -47.13 -6.16
C ASP D 121 14.72 -45.86 -6.40
N GLY D 122 14.15 -44.70 -6.09
CA GLY D 122 14.85 -43.45 -6.27
C GLY D 122 13.99 -42.37 -6.91
N THR D 123 12.72 -42.71 -7.14
CA THR D 123 11.78 -41.75 -7.79
C THR D 123 11.55 -40.56 -6.84
N VAL D 124 11.90 -39.35 -7.28
CA VAL D 124 11.69 -38.14 -6.43
C VAL D 124 10.37 -37.48 -6.85
N LEU D 125 9.34 -37.62 -6.03
CA LEU D 125 8.03 -36.97 -6.34
C LEU D 125 8.08 -35.52 -5.85
N TYR D 126 8.44 -34.58 -6.74
CA TYR D 126 8.58 -33.16 -6.35
C TYR D 126 7.31 -32.39 -6.75
N GLY D 127 6.49 -32.01 -5.79
CA GLY D 127 5.23 -31.30 -6.09
C GLY D 127 5.26 -29.86 -5.59
N LEU D 128 4.81 -28.91 -6.42
CA LEU D 128 4.82 -27.47 -6.04
C LEU D 128 3.42 -26.89 -6.30
N ARG D 129 3.04 -25.85 -5.54
CA ARG D 129 1.75 -25.20 -5.76
C ARG D 129 2.07 -23.81 -6.30
N ILE D 130 1.95 -23.64 -7.63
CA ILE D 130 2.43 -22.46 -8.31
C ILE D 130 1.22 -21.71 -8.87
N THR D 131 1.21 -20.39 -8.67
CA THR D 131 0.20 -19.51 -9.23
C THR D 131 0.88 -18.63 -10.27
N THR D 132 0.84 -19.08 -11.53
CA THR D 132 1.49 -18.35 -12.61
C THR D 132 0.57 -17.25 -13.15
N THR D 133 1.18 -16.28 -13.83
CA THR D 133 0.45 -15.30 -14.64
C THR D 133 1.16 -15.28 -15.99
N ALA D 134 0.75 -16.17 -16.88
CA ALA D 134 1.43 -16.32 -18.16
C ALA D 134 0.86 -15.35 -19.19
N ALA D 135 1.74 -14.86 -20.07
CA ALA D 135 1.31 -13.89 -21.09
C ALA D 135 0.49 -14.60 -22.17
N CYS D 136 -0.67 -14.04 -22.53
CA CYS D 136 -1.51 -14.66 -23.59
C CYS D 136 -1.81 -13.60 -24.67
N MET D 137 -1.08 -13.63 -25.78
CA MET D 137 -1.34 -12.69 -26.90
C MET D 137 -2.74 -13.01 -27.48
N MET D 138 -3.51 -11.98 -27.81
CA MET D 138 -4.91 -12.22 -28.28
C MET D 138 -5.18 -11.40 -29.55
N ASP D 139 -5.33 -12.06 -30.70
CA ASP D 139 -5.71 -11.34 -31.94
C ASP D 139 -7.23 -11.16 -31.93
N LEU D 140 -7.75 -10.27 -31.06
CA LEU D 140 -9.22 -10.13 -30.90
C LEU D 140 -9.85 -9.46 -32.12
N ARG D 141 -9.33 -9.70 -33.33
CA ARG D 141 -10.02 -9.14 -34.49
C ARG D 141 -11.47 -9.60 -34.57
N ARG D 142 -11.85 -10.64 -33.82
CA ARG D 142 -13.20 -11.15 -33.82
C ARG D 142 -13.95 -10.84 -32.53
N TYR D 143 -13.48 -9.89 -31.73
CA TYR D 143 -14.12 -9.51 -30.48
C TYR D 143 -15.50 -8.89 -30.73
N PRO D 144 -16.53 -9.28 -29.97
CA PRO D 144 -16.54 -10.21 -28.85
C PRO D 144 -17.11 -11.58 -29.22
N LEU D 145 -16.72 -12.15 -30.36
CA LEU D 145 -17.16 -13.48 -30.76
C LEU D 145 -15.92 -14.29 -31.14
N ASP D 146 -14.86 -14.12 -30.35
CA ASP D 146 -13.54 -14.61 -30.69
C ASP D 146 -13.22 -15.85 -29.88
N GLU D 147 -12.08 -16.47 -30.19
CA GLU D 147 -11.71 -17.77 -29.63
C GLU D 147 -10.19 -17.80 -29.49
N GLN D 148 -9.70 -17.61 -28.26
CA GLN D 148 -8.26 -17.51 -28.06
C GLN D 148 -7.63 -18.88 -27.83
N ASN D 149 -6.30 -18.83 -27.74
CA ASN D 149 -5.52 -20.07 -27.52
C ASN D 149 -4.40 -19.65 -26.57
N CYS D 150 -4.64 -19.71 -25.25
CA CYS D 150 -3.65 -19.35 -24.25
C CYS D 150 -2.73 -20.53 -23.97
N THR D 151 -1.46 -20.39 -24.30
CA THR D 151 -0.51 -21.48 -24.13
C THR D 151 0.28 -21.32 -22.84
N LEU D 152 0.92 -22.41 -22.43
CA LEU D 152 1.84 -22.42 -21.30
C LEU D 152 3.02 -23.29 -21.68
N GLU D 153 4.18 -22.68 -21.92
CA GLU D 153 5.35 -23.39 -22.41
C GLU D 153 6.28 -23.67 -21.23
N ILE D 154 6.52 -24.96 -20.97
CA ILE D 154 7.32 -25.39 -19.84
C ILE D 154 8.61 -25.97 -20.40
N GLU D 155 9.75 -25.45 -19.95
CA GLU D 155 11.03 -25.94 -20.42
C GLU D 155 12.08 -25.77 -19.34
N SER D 156 13.24 -26.37 -19.58
CA SER D 156 14.39 -26.22 -18.70
C SER D 156 15.22 -25.01 -19.13
N TYR D 157 16.17 -24.63 -18.28
CA TYR D 157 17.02 -23.48 -18.57
C TYR D 157 18.47 -23.87 -18.77
N GLY D 158 19.09 -24.51 -17.78
CA GLY D 158 20.51 -24.78 -17.86
C GLY D 158 20.92 -26.09 -18.47
N TYR D 159 19.97 -26.96 -18.80
CA TYR D 159 20.28 -28.28 -19.32
C TYR D 159 19.70 -28.44 -20.72
N THR D 160 20.51 -28.97 -21.62
CA THR D 160 20.11 -29.18 -23.00
C THR D 160 19.40 -30.53 -23.13
N THR D 161 19.09 -30.93 -24.37
CA THR D 161 18.46 -32.23 -24.60
C THR D 161 19.42 -33.39 -24.37
N ASP D 162 20.72 -33.13 -24.33
CA ASP D 162 21.69 -34.15 -23.97
C ASP D 162 21.76 -34.40 -22.47
N ASP D 163 21.16 -33.54 -21.65
CA ASP D 163 21.25 -33.64 -20.21
C ASP D 163 19.91 -33.74 -19.49
N ILE D 164 18.81 -33.39 -20.14
CA ILE D 164 17.49 -33.53 -19.57
C ILE D 164 16.50 -33.81 -20.70
N GLU D 165 15.41 -34.50 -20.36
CA GLU D 165 14.36 -34.85 -21.31
C GLU D 165 13.02 -34.70 -20.61
N PHE D 166 12.14 -33.87 -21.16
CA PHE D 166 10.83 -33.64 -20.58
C PHE D 166 9.77 -34.45 -21.31
N TYR D 167 8.86 -35.15 -20.73
CA TYR D 167 7.76 -35.93 -21.27
C TYR D 167 6.60 -35.86 -20.28
N TRP D 168 5.39 -36.00 -20.81
CA TRP D 168 4.20 -36.06 -19.96
C TRP D 168 4.06 -37.46 -19.38
N ASN D 169 3.75 -37.51 -18.08
CA ASN D 169 3.67 -38.80 -17.38
C ASN D 169 2.45 -39.59 -17.83
N GLY D 170 1.32 -38.90 -18.03
CA GLY D 170 0.13 -39.51 -18.57
C GLY D 170 -0.20 -38.94 -19.93
N GLY D 171 -0.17 -39.80 -20.94
CA GLY D 171 -0.49 -39.39 -22.30
C GLY D 171 -1.94 -38.97 -22.45
N GLU D 172 -2.16 -37.67 -22.66
CA GLU D 172 -3.46 -37.00 -22.70
C GLU D 172 -4.28 -37.19 -21.43
N GLY D 173 -3.60 -37.47 -20.31
CA GLY D 173 -4.29 -37.65 -19.03
C GLY D 173 -3.53 -36.98 -17.89
N ALA D 174 -2.28 -36.56 -18.13
CA ALA D 174 -1.44 -35.93 -17.09
C ALA D 174 -2.12 -34.63 -16.61
N VAL D 175 -2.64 -33.83 -17.55
CA VAL D 175 -3.32 -32.55 -17.18
C VAL D 175 -4.68 -32.90 -16.59
N THR D 176 -4.94 -32.47 -15.34
CA THR D 176 -6.23 -32.78 -14.67
C THR D 176 -6.85 -31.49 -14.11
N GLY D 177 -8.10 -31.57 -13.65
CA GLY D 177 -8.79 -30.37 -13.10
C GLY D 177 -9.14 -29.40 -14.21
N VAL D 178 -8.80 -29.73 -15.46
CA VAL D 178 -9.11 -28.86 -16.62
C VAL D 178 -10.64 -28.72 -16.73
N ASN D 179 -11.38 -29.77 -16.38
CA ASN D 179 -12.86 -29.69 -16.37
C ASN D 179 -13.32 -28.84 -15.18
N LYS D 180 -12.58 -28.90 -14.07
CA LYS D 180 -12.97 -28.15 -12.84
C LYS D 180 -12.37 -26.75 -12.88
N ILE D 181 -12.87 -25.88 -13.76
CA ILE D 181 -12.32 -24.50 -13.89
C ILE D 181 -13.47 -23.51 -14.05
N GLU D 182 -13.42 -22.38 -13.35
CA GLU D 182 -14.48 -21.34 -13.47
C GLU D 182 -13.92 -20.13 -14.23
N LEU D 183 -14.63 -19.67 -15.27
CA LEU D 183 -14.20 -18.47 -16.03
C LEU D 183 -15.39 -17.51 -16.13
N PRO D 184 -15.35 -16.31 -15.50
CA PRO D 184 -16.49 -15.39 -15.51
C PRO D 184 -16.81 -14.82 -16.90
N GLN D 185 -15.95 -15.11 -17.89
CA GLN D 185 -16.16 -14.59 -19.23
C GLN D 185 -15.98 -15.64 -20.32
N PHE D 186 -14.98 -16.50 -20.21
CA PHE D 186 -14.71 -17.50 -21.22
C PHE D 186 -15.31 -18.84 -20.84
N SER D 187 -15.31 -19.76 -21.79
CA SER D 187 -15.76 -21.14 -21.57
C SER D 187 -14.70 -22.05 -22.19
N ILE D 188 -13.95 -22.74 -21.34
CA ILE D 188 -12.85 -23.59 -21.81
C ILE D 188 -13.42 -24.82 -22.50
N VAL D 189 -12.92 -25.11 -23.69
CA VAL D 189 -13.45 -26.18 -24.53
C VAL D 189 -12.44 -27.31 -24.71
N ASP D 190 -11.15 -26.97 -24.82
CA ASP D 190 -10.15 -27.96 -25.21
C ASP D 190 -8.82 -27.64 -24.56
N TYR D 191 -8.07 -28.71 -24.24
CA TYR D 191 -6.71 -28.63 -23.75
C TYR D 191 -5.88 -29.60 -24.58
N LYS D 192 -4.58 -29.33 -24.70
CA LYS D 192 -3.72 -30.12 -25.57
C LYS D 192 -2.31 -30.17 -25.01
N MET D 193 -1.89 -31.36 -24.59
CA MET D 193 -0.50 -31.60 -24.21
C MET D 193 0.37 -31.75 -25.46
N VAL D 194 1.52 -31.06 -25.47
CA VAL D 194 2.40 -31.01 -26.62
C VAL D 194 3.85 -31.12 -26.12
N SER D 195 4.61 -32.03 -26.73
CA SER D 195 6.05 -32.09 -26.55
C SER D 195 6.73 -31.34 -27.69
N LYS D 196 7.97 -30.96 -27.44
CA LYS D 196 8.70 -30.27 -28.51
C LYS D 196 10.18 -30.25 -28.17
N LYS D 197 10.98 -29.61 -29.01
CA LYS D 197 12.43 -29.51 -28.86
C LYS D 197 12.84 -28.20 -29.53
N VAL D 198 12.93 -27.13 -28.74
CA VAL D 198 13.32 -25.83 -29.29
C VAL D 198 14.84 -25.72 -29.30
N GLU D 199 15.34 -24.85 -30.17
CA GLU D 199 16.78 -24.70 -30.40
C GLU D 199 17.13 -23.23 -30.33
N PHE D 200 17.74 -22.82 -29.22
CA PHE D 200 18.25 -21.46 -29.07
C PHE D 200 19.71 -21.43 -29.49
N THR D 201 20.40 -20.33 -29.19
CA THR D 201 21.80 -20.20 -29.56
C THR D 201 22.69 -21.10 -28.72
N THR D 202 22.37 -21.24 -27.43
CA THR D 202 23.20 -22.00 -26.51
C THR D 202 23.05 -23.51 -26.66
N GLY D 203 22.07 -23.98 -27.41
CA GLY D 203 21.88 -25.39 -27.61
C GLY D 203 20.43 -25.68 -27.93
N ALA D 204 20.05 -26.95 -27.77
CA ALA D 204 18.69 -27.41 -28.01
C ALA D 204 18.06 -27.80 -26.68
N TYR D 205 16.88 -27.27 -26.42
CA TYR D 205 16.22 -27.46 -25.13
C TYR D 205 14.89 -28.18 -25.31
N PRO D 206 14.50 -29.03 -24.37
CA PRO D 206 13.18 -29.68 -24.45
C PRO D 206 12.10 -28.80 -23.85
N ARG D 207 10.99 -28.68 -24.56
CA ARG D 207 9.88 -27.83 -24.13
C ARG D 207 8.59 -28.62 -24.16
N LEU D 208 7.83 -28.58 -23.09
CA LEU D 208 6.47 -29.11 -23.07
C LEU D 208 5.50 -27.94 -23.10
N SER D 209 4.59 -27.96 -24.06
CA SER D 209 3.64 -26.87 -24.28
C SER D 209 2.24 -27.34 -23.91
N LEU D 210 1.59 -26.57 -23.03
CA LEU D 210 0.21 -26.83 -22.62
C LEU D 210 -0.66 -25.68 -23.10
N SER D 211 -1.71 -26.00 -23.83
CA SER D 211 -2.55 -24.99 -24.48
C SER D 211 -3.97 -25.07 -23.96
N PHE D 212 -4.62 -23.91 -23.90
CA PHE D 212 -6.00 -23.81 -23.43
C PHE D 212 -6.77 -22.95 -24.42
N ARG D 213 -7.79 -23.54 -25.07
CA ARG D 213 -8.64 -22.80 -25.98
C ARG D 213 -9.85 -22.28 -25.22
N LEU D 214 -10.05 -20.96 -25.28
CA LEU D 214 -11.06 -20.27 -24.47
C LEU D 214 -12.05 -19.57 -25.39
N LYS D 215 -13.20 -20.21 -25.61
CA LYS D 215 -14.27 -19.54 -26.34
C LYS D 215 -14.95 -18.50 -25.46
N ARG D 216 -15.06 -17.29 -25.98
CA ARG D 216 -15.67 -16.20 -25.23
C ARG D 216 -17.19 -16.29 -25.29
N ASN D 217 -17.82 -16.00 -24.16
CA ASN D 217 -19.28 -16.04 -24.06
C ASN D 217 -19.84 -14.75 -24.63
N ILE D 218 -20.81 -14.89 -25.54
CA ILE D 218 -21.42 -13.74 -26.20
C ILE D 218 -22.36 -13.03 -25.23
N GLY D 219 -22.90 -13.78 -24.26
CA GLY D 219 -24.02 -13.37 -23.43
C GLY D 219 -23.88 -12.09 -22.62
N TYR D 220 -22.70 -11.84 -22.05
CA TYR D 220 -22.45 -10.58 -21.37
C TYR D 220 -22.53 -9.39 -22.33
N PHE D 221 -21.94 -9.54 -23.52
CA PHE D 221 -21.88 -8.43 -24.46
C PHE D 221 -23.20 -8.25 -25.19
N ILE D 222 -24.03 -9.30 -25.25
CA ILE D 222 -25.30 -9.19 -25.96
C ILE D 222 -26.38 -8.51 -25.13
N LEU D 223 -26.19 -8.41 -23.81
CA LEU D 223 -27.10 -7.66 -22.96
C LEU D 223 -26.54 -6.31 -22.55
N GLN D 224 -25.37 -5.93 -23.05
CA GLN D 224 -24.71 -4.71 -22.62
C GLN D 224 -24.36 -3.77 -23.77
N THR D 225 -24.07 -4.30 -24.96
CA THR D 225 -23.68 -3.45 -26.08
C THR D 225 -24.65 -3.56 -27.25
N TYR D 226 -24.92 -4.79 -27.69
CA TYR D 226 -25.67 -5.02 -28.92
C TYR D 226 -27.12 -4.59 -28.79
N MET D 227 -27.78 -4.98 -27.70
CA MET D 227 -29.16 -4.59 -27.43
C MET D 227 -29.34 -3.07 -27.22
N PRO D 228 -28.46 -2.34 -26.50
CA PRO D 228 -28.56 -0.86 -26.56
C PRO D 228 -28.29 -0.27 -27.93
N SER D 229 -27.41 -0.89 -28.73
CA SER D 229 -27.11 -0.34 -30.04
C SER D 229 -28.23 -0.60 -31.04
N THR D 230 -28.93 -1.73 -30.88
CA THR D 230 -30.06 -2.02 -31.76
C THR D 230 -31.27 -1.18 -31.39
N LEU D 231 -31.50 -0.99 -30.09
CA LEU D 231 -32.67 -0.22 -29.64
C LEU D 231 -32.53 1.27 -29.93
N ILE D 232 -31.30 1.78 -29.95
CA ILE D 232 -31.11 3.19 -30.27
C ILE D 232 -31.28 3.43 -31.77
N THR D 233 -31.09 2.41 -32.60
CA THR D 233 -31.45 2.52 -34.01
C THR D 233 -32.96 2.56 -34.17
N ILE D 234 -33.68 1.78 -33.36
CA ILE D 234 -35.13 1.85 -33.32
C ILE D 234 -35.59 3.19 -32.74
N LEU D 235 -34.87 3.68 -31.72
CA LEU D 235 -35.20 4.96 -31.10
C LEU D 235 -34.96 6.12 -32.06
N SER D 236 -33.97 6.00 -32.95
CA SER D 236 -33.76 7.00 -33.97
C SER D 236 -34.75 6.88 -35.12
N TRP D 237 -35.47 5.76 -35.21
CA TRP D 237 -36.43 5.54 -36.28
C TRP D 237 -37.84 5.99 -35.92
N VAL D 238 -38.05 6.41 -34.66
CA VAL D 238 -39.30 7.08 -34.30
C VAL D 238 -39.37 8.44 -34.98
N SER D 239 -38.19 9.05 -35.22
CA SER D 239 -38.06 10.32 -35.93
C SER D 239 -38.64 10.30 -37.34
N PHE D 240 -38.70 9.12 -37.97
CA PHE D 240 -39.28 9.04 -39.31
C PHE D 240 -40.80 9.21 -39.29
N TRP D 241 -41.44 8.90 -38.16
CA TRP D 241 -42.89 8.96 -38.07
C TRP D 241 -43.40 10.26 -37.46
N ILE D 242 -42.53 11.23 -37.20
CA ILE D 242 -42.95 12.53 -36.72
C ILE D 242 -43.30 13.40 -37.92
N ASN D 243 -44.29 14.27 -37.75
CA ASN D 243 -44.68 15.20 -38.80
C ASN D 243 -43.61 16.27 -39.00
N TYR D 244 -43.53 16.79 -40.23
CA TYR D 244 -42.44 17.66 -40.63
C TYR D 244 -42.55 19.08 -40.05
N ASP D 245 -43.73 19.47 -39.55
CA ASP D 245 -43.86 20.79 -38.96
C ASP D 245 -43.16 20.86 -37.60
N ALA D 246 -43.14 19.76 -36.87
CA ALA D 246 -42.45 19.69 -35.59
C ALA D 246 -40.95 19.62 -35.86
N SER D 247 -40.31 20.77 -35.96
CA SER D 247 -38.90 20.83 -36.33
C SER D 247 -37.99 20.56 -35.14
N ALA D 248 -38.21 21.27 -34.02
CA ALA D 248 -37.33 21.12 -32.87
C ALA D 248 -37.59 19.82 -32.13
N ALA D 249 -38.83 19.31 -32.22
CA ALA D 249 -39.15 18.04 -31.57
C ALA D 249 -38.50 16.87 -32.30
N ARG D 250 -38.46 16.92 -33.62
CA ARG D 250 -37.91 15.80 -34.38
C ARG D 250 -36.39 15.77 -34.32
N VAL D 251 -35.74 16.93 -34.39
CA VAL D 251 -34.29 16.95 -34.46
C VAL D 251 -33.68 16.65 -33.09
N ALA D 252 -34.44 16.90 -32.01
CA ALA D 252 -33.97 16.50 -30.69
C ALA D 252 -34.01 14.99 -30.53
N LEU D 253 -34.93 14.33 -31.23
CA LEU D 253 -34.96 12.87 -31.22
C LEU D 253 -33.78 12.30 -32.01
N GLY D 254 -33.29 13.04 -33.00
CA GLY D 254 -32.19 12.57 -33.82
C GLY D 254 -30.82 12.92 -33.28
N ILE D 255 -30.69 14.10 -32.65
CA ILE D 255 -29.39 14.52 -32.18
C ILE D 255 -29.04 13.88 -30.84
N THR D 256 -30.05 13.42 -30.08
CA THR D 256 -29.75 12.72 -28.84
C THR D 256 -29.30 11.29 -29.10
N THR D 257 -29.82 10.68 -30.16
CA THR D 257 -29.42 9.31 -30.49
C THR D 257 -28.00 9.26 -31.04
N VAL D 258 -27.62 10.24 -31.85
CA VAL D 258 -26.29 10.21 -32.46
C VAL D 258 -25.22 10.61 -31.44
N LEU D 259 -25.60 11.38 -30.42
CA LEU D 259 -24.66 11.70 -29.35
C LEU D 259 -24.50 10.52 -28.39
N THR D 260 -25.59 9.80 -28.13
CA THR D 260 -25.51 8.63 -27.26
C THR D 260 -24.85 7.46 -27.98
N MET D 261 -24.99 7.40 -29.31
CA MET D 261 -24.21 6.42 -30.08
C MET D 261 -22.73 6.74 -30.04
N THR D 262 -22.38 8.04 -30.01
CA THR D 262 -21.00 8.43 -29.76
C THR D 262 -20.60 8.07 -28.33
N THR D 263 -21.52 8.22 -27.38
CA THR D 263 -21.26 7.88 -25.98
C THR D 263 -20.99 6.40 -25.80
N ILE D 264 -21.79 5.55 -26.45
CA ILE D 264 -21.57 4.10 -26.41
C ILE D 264 -20.26 3.75 -27.11
N SER D 265 -19.70 4.62 -27.93
CA SER D 265 -18.33 4.26 -28.43
C SER D 265 -17.34 4.11 -27.25
N THR D 266 -17.08 5.20 -26.52
CA THR D 266 -16.05 5.19 -25.43
C THR D 266 -16.44 4.31 -24.24
N HIS D 267 -17.66 3.78 -24.19
CA HIS D 267 -17.91 2.75 -23.14
C HIS D 267 -17.06 1.54 -23.56
N LEU D 268 -17.18 1.21 -24.85
CA LEU D 268 -16.40 0.06 -25.40
C LEU D 268 -14.93 0.45 -25.57
N ARG D 269 -14.63 1.71 -25.91
CA ARG D 269 -13.20 2.10 -25.96
C ARG D 269 -12.59 1.79 -24.59
N GLU D 270 -13.39 1.93 -23.53
CA GLU D 270 -12.91 1.64 -22.15
C GLU D 270 -12.77 0.13 -21.93
N THR D 271 -13.80 -0.66 -22.26
CA THR D 271 -13.77 -2.12 -22.03
C THR D 271 -12.77 -2.79 -22.97
N LEU D 272 -11.86 -2.01 -23.58
CA LEU D 272 -10.90 -2.59 -24.56
C LEU D 272 -9.54 -1.89 -24.46
N PRO D 273 -8.43 -2.55 -24.84
CA PRO D 273 -7.10 -1.92 -24.83
C PRO D 273 -6.86 -1.06 -26.07
N LYS D 274 -5.68 -0.42 -26.15
CA LYS D 274 -5.36 0.47 -27.30
C LYS D 274 -4.94 -0.37 -28.50
N ILE D 275 -5.86 -1.17 -29.06
CA ILE D 275 -5.56 -2.02 -30.21
C ILE D 275 -5.66 -1.16 -31.48
N PRO D 276 -4.78 -1.33 -32.46
CA PRO D 276 -4.82 -0.42 -33.62
C PRO D 276 -5.75 -0.84 -34.75
N TYR D 277 -6.18 -2.10 -34.81
CA TYR D 277 -7.07 -2.50 -35.89
C TYR D 277 -8.52 -2.34 -35.48
N VAL D 278 -9.41 -2.49 -36.46
CA VAL D 278 -10.85 -2.41 -36.23
C VAL D 278 -11.36 -3.79 -35.86
N LYS D 279 -12.03 -3.89 -34.72
CA LYS D 279 -12.57 -5.15 -34.25
C LYS D 279 -13.92 -5.42 -34.89
N ALA D 280 -14.49 -6.59 -34.59
CA ALA D 280 -15.80 -6.96 -35.13
C ALA D 280 -16.89 -6.10 -34.51
N ILE D 281 -16.79 -5.81 -33.22
CA ILE D 281 -17.77 -4.94 -32.56
C ILE D 281 -17.67 -3.52 -33.10
N ASP D 282 -16.45 -3.06 -33.44
CA ASP D 282 -16.29 -1.71 -33.97
C ASP D 282 -16.81 -1.62 -35.40
N ILE D 283 -16.82 -2.73 -36.13
CA ILE D 283 -17.50 -2.77 -37.43
C ILE D 283 -19.01 -2.64 -37.24
N TYR D 284 -19.56 -3.35 -36.25
CA TYR D 284 -20.98 -3.25 -35.95
C TYR D 284 -21.35 -1.89 -35.37
N LEU D 285 -20.47 -1.31 -34.53
CA LEU D 285 -20.80 -0.04 -33.89
C LEU D 285 -20.73 1.12 -34.88
N MET D 286 -19.77 1.08 -35.81
CA MET D 286 -19.75 2.08 -36.86
C MET D 286 -20.82 1.84 -37.91
N GLY D 287 -21.25 0.60 -38.10
CA GLY D 287 -22.34 0.31 -39.01
C GLY D 287 -23.70 0.75 -38.52
N CYS D 288 -23.88 0.86 -37.20
CA CYS D 288 -25.09 1.45 -36.64
C CYS D 288 -25.03 2.96 -36.55
N PHE D 289 -23.82 3.53 -36.52
CA PHE D 289 -23.67 4.98 -36.46
C PHE D 289 -24.10 5.64 -37.76
N VAL D 290 -23.82 5.00 -38.89
CA VAL D 290 -24.09 5.62 -40.18
C VAL D 290 -25.59 5.59 -40.49
N PHE D 291 -26.32 4.63 -39.91
CA PHE D 291 -27.77 4.60 -40.08
C PHE D 291 -28.43 5.73 -39.31
N VAL D 292 -27.94 6.01 -38.11
CA VAL D 292 -28.47 7.12 -37.32
C VAL D 292 -28.06 8.45 -37.93
N PHE D 293 -26.83 8.54 -38.44
CA PHE D 293 -26.33 9.78 -39.03
C PHE D 293 -27.08 10.11 -40.31
N LEU D 294 -27.40 9.10 -41.12
CA LEU D 294 -28.20 9.34 -42.32
C LEU D 294 -29.67 9.54 -41.98
N ALA D 295 -30.11 9.09 -40.80
CA ALA D 295 -31.48 9.34 -40.37
C ALA D 295 -31.70 10.81 -40.03
N LEU D 296 -30.70 11.43 -39.40
CA LEU D 296 -30.79 12.87 -39.13
C LEU D 296 -30.57 13.67 -40.39
N LEU D 297 -29.82 13.13 -41.36
CA LEU D 297 -29.65 13.80 -42.64
C LEU D 297 -30.93 13.70 -43.47
N GLU D 298 -31.76 12.69 -43.20
CA GLU D 298 -33.04 12.55 -43.88
C GLU D 298 -33.98 13.70 -43.54
N TYR D 299 -34.03 14.09 -42.26
CA TYR D 299 -34.82 15.24 -41.86
C TYR D 299 -34.25 16.53 -42.43
N ALA D 300 -32.92 16.62 -42.51
CA ALA D 300 -32.28 17.78 -43.13
C ALA D 300 -32.58 17.84 -44.63
N PHE D 301 -32.76 16.68 -45.26
CA PHE D 301 -33.20 16.66 -46.64
C PHE D 301 -34.67 17.05 -46.75
N VAL D 302 -35.47 16.73 -45.73
CA VAL D 302 -36.89 17.07 -45.73
C VAL D 302 -37.08 18.58 -45.63
N ASN D 303 -36.34 19.22 -44.72
CA ASN D 303 -36.49 20.66 -44.50
C ASN D 303 -35.93 21.43 -45.70
N TYR D 304 -34.90 20.89 -46.35
CA TYR D 304 -34.36 21.52 -47.54
C TYR D 304 -35.30 21.47 -48.73
N ILE D 305 -36.16 20.44 -48.80
CA ILE D 305 -37.18 20.39 -49.86
C ILE D 305 -38.23 21.47 -49.64
N PHE D 306 -38.70 21.60 -48.39
CA PHE D 306 -39.74 22.56 -48.05
C PHE D 306 -39.21 24.00 -48.09
N ASN D 422 -44.13 14.58 -47.65
CA ASN D 422 -44.68 13.38 -47.01
C ASN D 422 -44.12 12.11 -47.63
N SER D 423 -43.91 12.11 -48.95
CA SER D 423 -43.56 10.88 -49.65
C SER D 423 -42.09 10.51 -49.43
N ILE D 424 -41.22 11.51 -49.23
CA ILE D 424 -39.80 11.23 -48.97
C ILE D 424 -39.64 10.51 -47.65
N ASP D 425 -40.36 10.97 -46.62
CA ASP D 425 -40.28 10.33 -45.31
C ASP D 425 -40.92 8.94 -45.34
N LYS D 426 -42.01 8.78 -46.08
CA LYS D 426 -42.75 7.53 -46.07
C LYS D 426 -42.00 6.43 -46.82
N TRP D 427 -41.13 6.80 -47.75
CA TRP D 427 -40.26 5.82 -48.39
C TRP D 427 -39.25 5.26 -47.41
N SER D 428 -38.59 6.13 -46.65
CA SER D 428 -37.57 5.70 -45.70
C SER D 428 -38.16 5.12 -44.43
N ARG D 429 -39.48 5.23 -44.25
CA ARG D 429 -40.14 4.57 -43.11
C ARG D 429 -40.18 3.05 -43.27
N MET D 430 -40.04 2.54 -44.49
CA MET D 430 -39.99 1.11 -44.73
C MET D 430 -38.71 0.66 -45.43
N PHE D 431 -37.98 1.57 -46.07
CA PHE D 431 -36.75 1.18 -46.76
C PHE D 431 -35.64 0.88 -45.77
N PHE D 432 -35.58 1.65 -44.67
CA PHE D 432 -34.57 1.51 -43.63
C PHE D 432 -34.59 0.16 -42.89
N PRO D 433 -35.78 -0.44 -42.48
CA PRO D 433 -35.72 -1.79 -41.89
C PRO D 433 -35.17 -2.88 -42.80
N ILE D 434 -35.39 -2.75 -44.10
CA ILE D 434 -34.87 -3.72 -45.06
C ILE D 434 -33.36 -3.59 -45.17
N THR D 435 -32.85 -2.37 -45.12
CA THR D 435 -31.41 -2.14 -45.21
C THR D 435 -30.71 -2.61 -43.93
N PHE D 436 -31.32 -2.38 -42.77
CA PHE D 436 -30.70 -2.76 -41.51
C PHE D 436 -30.75 -4.27 -41.30
N SER D 437 -31.77 -4.93 -41.84
CA SER D 437 -31.85 -6.39 -41.75
C SER D 437 -30.78 -7.04 -42.61
N LEU D 438 -30.38 -6.38 -43.70
CA LEU D 438 -29.25 -6.86 -44.49
C LEU D 438 -27.94 -6.72 -43.71
N PHE D 439 -27.85 -5.68 -42.88
CA PHE D 439 -26.67 -5.51 -42.04
C PHE D 439 -26.57 -6.59 -40.98
N ASN D 440 -27.71 -7.06 -40.48
CA ASN D 440 -27.71 -8.19 -39.56
C ASN D 440 -27.37 -9.48 -40.29
N VAL D 441 -27.70 -9.56 -41.59
CA VAL D 441 -27.34 -10.74 -42.37
C VAL D 441 -25.85 -10.82 -42.61
N VAL D 442 -25.22 -9.69 -42.98
CA VAL D 442 -23.81 -9.67 -43.35
C VAL D 442 -22.91 -9.56 -42.13
N TYR D 443 -23.47 -9.36 -40.94
CA TYR D 443 -22.63 -9.33 -39.74
C TYR D 443 -22.95 -10.46 -38.76
N TRP D 444 -24.20 -10.53 -38.31
CA TRP D 444 -24.54 -11.46 -37.23
C TRP D 444 -24.61 -12.90 -37.71
N LEU D 445 -24.77 -13.13 -39.00
CA LEU D 445 -24.68 -14.47 -39.56
C LEU D 445 -23.28 -14.79 -40.09
N TYR D 446 -22.49 -13.77 -40.40
CA TYR D 446 -21.13 -13.97 -40.88
C TYR D 446 -20.21 -14.50 -39.79
N TYR D 447 -20.25 -13.87 -38.61
CA TYR D 447 -19.33 -14.25 -37.55
C TYR D 447 -19.80 -15.49 -36.79
N VAL D 448 -21.07 -15.87 -36.95
CA VAL D 448 -21.58 -17.08 -36.33
C VAL D 448 -21.66 -18.19 -37.38
N ASN E 9 33.89 -42.61 -7.41
CA ASN E 9 34.60 -43.17 -8.57
C ASN E 9 33.79 -43.00 -9.84
N ASN E 10 32.47 -43.06 -9.72
CA ASN E 10 31.59 -42.92 -10.87
C ASN E 10 31.37 -41.45 -11.21
N ILE E 11 30.79 -40.71 -10.27
CA ILE E 11 30.50 -39.29 -10.49
C ILE E 11 31.47 -38.42 -9.68
N THR E 12 32.18 -39.01 -8.72
CA THR E 12 33.03 -38.27 -7.80
C THR E 12 34.28 -37.68 -8.45
N ILE E 13 34.57 -38.07 -9.70
CA ILE E 13 35.64 -37.43 -10.44
C ILE E 13 35.29 -35.97 -10.73
N PHE E 14 34.02 -35.71 -11.08
CA PHE E 14 33.56 -34.34 -11.25
C PHE E 14 33.48 -33.61 -9.91
N THR E 15 33.24 -34.35 -8.83
CA THR E 15 33.26 -33.76 -7.50
C THR E 15 34.67 -33.31 -7.12
N ARG E 16 35.67 -34.13 -7.46
CA ARG E 16 37.06 -33.81 -7.18
C ARG E 16 37.51 -32.57 -7.96
N ILE E 17 36.99 -32.40 -9.17
CA ILE E 17 37.36 -31.26 -10.01
C ILE E 17 36.75 -29.97 -9.45
N LEU E 18 35.47 -30.01 -9.08
CA LEU E 18 34.78 -28.81 -8.63
C LEU E 18 35.25 -28.39 -7.24
N ASP E 19 35.62 -29.35 -6.40
CA ASP E 19 36.16 -29.01 -5.08
C ASP E 19 37.56 -28.43 -5.20
N ARG E 20 38.30 -28.83 -6.25
CA ARG E 20 39.63 -28.28 -6.47
C ARG E 20 39.56 -26.85 -6.97
N LEU E 21 38.54 -26.53 -7.77
CA LEU E 21 38.40 -25.21 -8.37
C LEU E 21 38.11 -24.13 -7.35
N LEU E 22 37.22 -24.41 -6.40
CA LEU E 22 36.84 -23.40 -5.42
C LEU E 22 37.76 -23.43 -4.20
N ASP E 23 38.76 -24.32 -4.21
CA ASP E 23 39.75 -24.40 -3.15
C ASP E 23 40.76 -23.26 -3.31
N GLY E 24 40.40 -22.12 -2.74
CA GLY E 24 41.25 -20.95 -2.82
C GLY E 24 40.65 -19.86 -3.70
N TYR E 25 39.45 -20.11 -4.20
CA TYR E 25 38.75 -19.10 -5.00
C TYR E 25 38.23 -18.01 -4.10
N ASP E 26 38.60 -16.76 -4.40
CA ASP E 26 38.11 -15.59 -3.69
C ASP E 26 37.15 -14.88 -4.63
N ASN E 27 35.85 -14.98 -4.34
CA ASN E 27 34.83 -14.41 -5.21
C ASN E 27 34.75 -12.90 -5.05
N ARG E 28 35.39 -12.36 -4.01
CA ARG E 28 35.44 -10.92 -3.82
C ARG E 28 36.40 -10.22 -4.77
N LEU E 29 37.25 -10.97 -5.47
CA LEU E 29 38.30 -10.40 -6.29
C LEU E 29 38.02 -10.73 -7.75
N ARG E 30 38.08 -9.71 -8.61
CA ARG E 30 37.88 -9.94 -10.03
C ARG E 30 39.09 -10.67 -10.61
N PRO E 31 38.90 -11.43 -11.71
CA PRO E 31 40.04 -12.08 -12.34
C PRO E 31 40.97 -11.08 -12.99
N GLY E 32 42.26 -11.21 -12.70
CA GLY E 32 43.24 -10.23 -13.14
C GLY E 32 43.04 -8.87 -12.52
N LEU E 33 42.88 -8.80 -11.20
CA LEU E 33 42.60 -7.56 -10.49
C LEU E 33 43.74 -6.55 -10.63
N GLY E 34 44.91 -6.89 -10.12
CA GLY E 34 46.06 -6.03 -10.25
C GLY E 34 46.90 -6.26 -11.48
N ASP E 35 46.43 -7.08 -12.42
CA ASP E 35 47.24 -7.49 -13.56
C ASP E 35 46.75 -6.90 -14.89
N SER E 36 45.49 -7.12 -15.23
CA SER E 36 45.03 -6.81 -16.59
C SER E 36 43.56 -6.40 -16.52
N ILE E 37 42.89 -6.44 -17.66
CA ILE E 37 41.51 -6.02 -17.77
C ILE E 37 40.64 -7.26 -17.88
N THR E 38 39.49 -7.25 -17.20
CA THR E 38 38.51 -8.32 -17.29
C THR E 38 37.58 -8.00 -18.45
N GLU E 39 37.85 -8.62 -19.60
CA GLU E 39 37.02 -8.41 -20.78
C GLU E 39 35.71 -9.19 -20.63
N VAL E 40 34.60 -8.53 -20.92
CA VAL E 40 33.28 -9.14 -20.80
C VAL E 40 32.61 -9.13 -22.16
N PHE E 41 32.25 -10.30 -22.66
CA PHE E 41 31.56 -10.45 -23.94
C PHE E 41 30.06 -10.60 -23.66
N THR E 42 29.25 -9.79 -24.35
CA THR E 42 27.86 -9.63 -23.97
C THR E 42 26.93 -9.86 -25.16
N ASN E 43 25.90 -10.67 -24.94
CA ASN E 43 24.82 -10.87 -25.90
C ASN E 43 23.48 -10.61 -25.23
N ILE E 44 22.51 -10.17 -26.01
CA ILE E 44 21.14 -9.99 -25.55
C ILE E 44 20.22 -10.68 -26.54
N TYR E 45 19.43 -11.63 -26.05
CA TYR E 45 18.42 -12.31 -26.85
C TYR E 45 17.04 -11.86 -26.37
N VAL E 46 16.43 -10.94 -27.10
CA VAL E 46 15.13 -10.40 -26.73
C VAL E 46 14.06 -11.43 -27.06
N THR E 47 13.55 -12.10 -26.02
CA THR E 47 12.52 -13.11 -26.25
C THR E 47 11.17 -12.47 -26.56
N SER E 48 10.87 -11.34 -25.92
CA SER E 48 9.60 -10.65 -26.17
C SER E 48 9.75 -9.19 -25.80
N PHE E 49 9.34 -8.31 -26.71
CA PHE E 49 9.31 -6.88 -26.45
C PHE E 49 7.94 -6.53 -25.89
N GLY E 50 7.89 -6.12 -24.62
CA GLY E 50 6.65 -5.88 -23.95
C GLY E 50 6.01 -4.58 -24.35
N PRO E 51 4.88 -4.27 -23.70
CA PRO E 51 4.14 -3.05 -24.05
C PRO E 51 4.88 -1.79 -23.60
N VAL E 52 4.62 -0.70 -24.32
CA VAL E 52 5.22 0.58 -23.99
C VAL E 52 4.18 1.42 -23.25
N SER E 53 4.49 1.76 -22.00
CA SER E 53 3.61 2.61 -21.21
C SER E 53 3.86 4.06 -21.60
N ASP E 54 2.96 4.61 -22.41
CA ASP E 54 3.15 5.98 -22.91
C ASP E 54 2.87 7.02 -21.85
N THR E 55 2.10 6.66 -20.82
CA THR E 55 1.80 7.60 -19.74
C THR E 55 3.04 7.84 -18.88
N ASP E 56 3.77 6.78 -18.55
CA ASP E 56 4.90 6.87 -17.66
C ASP E 56 6.24 7.00 -18.38
N MET E 57 6.22 6.99 -19.72
CA MET E 57 7.41 7.05 -20.59
C MET E 57 8.40 5.94 -20.26
N GLU E 58 7.93 4.70 -20.41
CA GLU E 58 8.75 3.54 -20.09
C GLU E 58 8.26 2.36 -20.92
N TYR E 59 9.09 1.32 -20.97
CA TYR E 59 8.78 0.13 -21.74
C TYR E 59 9.36 -1.09 -21.03
N THR E 60 8.89 -2.26 -21.44
CA THR E 60 9.27 -3.53 -20.84
C THR E 60 9.90 -4.43 -21.88
N ILE E 61 10.96 -5.14 -21.51
CA ILE E 61 11.68 -6.02 -22.41
C ILE E 61 12.11 -7.27 -21.66
N ASP E 62 11.93 -8.43 -22.29
CA ASP E 62 12.39 -9.70 -21.74
C ASP E 62 13.61 -10.16 -22.52
N VAL E 63 14.73 -10.33 -21.82
CA VAL E 63 15.99 -10.66 -22.47
C VAL E 63 16.49 -12.01 -21.97
N PHE E 64 17.47 -12.54 -22.70
CA PHE E 64 18.35 -13.61 -22.23
C PHE E 64 19.73 -12.96 -22.19
N PHE E 65 20.07 -12.37 -21.05
CA PHE E 65 21.28 -11.58 -20.93
C PHE E 65 22.47 -12.51 -20.74
N ARG E 66 23.27 -12.69 -21.80
CA ARG E 66 24.42 -13.58 -21.76
C ARG E 66 25.70 -12.79 -21.59
N GLN E 67 26.48 -13.15 -20.58
CA GLN E 67 27.80 -12.58 -20.35
C GLN E 67 28.86 -13.66 -20.45
N LYS E 68 29.98 -13.32 -21.09
CA LYS E 68 31.05 -14.28 -21.28
C LYS E 68 32.37 -13.61 -20.96
N TRP E 69 33.11 -14.17 -20.00
CA TRP E 69 34.41 -13.66 -19.63
C TRP E 69 35.33 -14.84 -19.38
N LYS E 70 36.62 -14.55 -19.23
CA LYS E 70 37.63 -15.56 -19.01
C LYS E 70 38.20 -15.43 -17.60
N ASP E 71 38.18 -16.53 -16.85
CA ASP E 71 38.78 -16.58 -15.52
C ASP E 71 39.92 -17.58 -15.56
N GLU E 72 41.11 -17.14 -15.16
CA GLU E 72 42.28 -18.02 -15.17
C GLU E 72 42.23 -19.02 -14.03
N ARG E 73 41.53 -18.70 -12.94
CA ARG E 73 41.44 -19.61 -11.81
C ARG E 73 40.57 -20.81 -12.13
N LEU E 74 39.62 -20.67 -13.04
CA LEU E 74 38.68 -21.75 -13.36
C LEU E 74 39.15 -22.54 -14.58
N LYS E 75 40.32 -23.15 -14.42
CA LYS E 75 40.88 -24.05 -15.42
C LYS E 75 40.98 -25.46 -14.84
N PHE E 76 40.60 -26.45 -15.65
CA PHE E 76 40.52 -27.81 -15.17
C PHE E 76 40.85 -28.77 -16.30
N LYS E 77 41.33 -29.95 -15.92
CA LYS E 77 41.52 -31.08 -16.83
C LYS E 77 40.65 -32.23 -16.35
N GLY E 78 39.86 -32.79 -17.25
CA GLY E 78 38.95 -33.86 -16.89
C GLY E 78 38.39 -34.58 -18.10
N PRO E 79 37.41 -35.45 -17.86
CA PRO E 79 36.82 -36.21 -18.97
C PRO E 79 35.72 -35.46 -19.70
N MET E 80 35.50 -34.21 -19.31
CA MET E 80 34.45 -33.37 -19.95
C MET E 80 35.04 -31.99 -20.30
N ASN E 81 34.87 -31.54 -21.54
CA ASN E 81 35.41 -30.23 -21.98
C ASN E 81 34.68 -29.09 -21.28
N ILE E 82 33.34 -29.15 -21.25
CA ILE E 82 32.50 -28.07 -20.65
C ILE E 82 31.76 -28.60 -19.42
N LEU E 83 31.16 -27.72 -18.60
CA LEU E 83 30.45 -28.15 -17.40
C LEU E 83 29.18 -27.31 -17.26
N ARG E 84 28.04 -27.91 -17.55
CA ARG E 84 26.74 -27.25 -17.42
C ARG E 84 26.32 -27.35 -15.95
N LEU E 85 26.90 -26.49 -15.12
CA LEU E 85 26.59 -26.48 -13.70
C LEU E 85 25.26 -25.76 -13.45
N ASN E 86 24.76 -25.92 -12.23
CA ASN E 86 23.50 -25.29 -11.87
C ASN E 86 23.75 -23.88 -11.33
N ASN E 87 22.70 -23.31 -10.73
CA ASN E 87 22.74 -21.89 -10.40
C ASN E 87 23.31 -21.66 -9.00
N LEU E 88 23.54 -22.72 -8.24
CA LEU E 88 24.13 -22.58 -6.91
C LEU E 88 25.61 -22.25 -6.99
N MET E 89 26.26 -22.60 -8.10
CA MET E 89 27.68 -22.30 -8.26
C MET E 89 27.90 -20.81 -8.53
N ALA E 90 26.87 -20.12 -9.05
CA ALA E 90 26.96 -18.73 -9.47
C ALA E 90 27.30 -17.77 -8.33
N SER E 91 26.72 -18.01 -7.16
CA SER E 91 27.03 -17.18 -6.00
C SER E 91 28.44 -17.43 -5.49
N LYS E 92 28.94 -18.66 -5.67
CA LYS E 92 30.27 -18.99 -5.16
C LYS E 92 31.38 -18.47 -6.05
N ILE E 93 31.09 -18.10 -7.29
CA ILE E 93 32.12 -17.63 -8.21
C ILE E 93 31.90 -16.15 -8.48
N TRP E 94 32.93 -15.53 -9.05
CA TRP E 94 32.87 -14.11 -9.37
C TRP E 94 31.99 -13.90 -10.60
N THR E 95 31.02 -13.00 -10.49
CA THR E 95 30.23 -12.56 -11.62
C THR E 95 30.31 -11.03 -11.70
N PRO E 96 30.37 -10.46 -12.89
CA PRO E 96 30.43 -9.00 -13.01
C PRO E 96 29.14 -8.34 -12.57
N ASP E 97 29.27 -7.15 -12.00
CA ASP E 97 28.15 -6.43 -11.42
C ASP E 97 27.43 -5.59 -12.47
N THR E 98 26.87 -6.28 -13.46
CA THR E 98 26.20 -5.58 -14.55
C THR E 98 24.83 -5.11 -14.10
N PHE E 99 24.59 -3.81 -14.20
CA PHE E 99 23.30 -3.21 -13.91
C PHE E 99 22.88 -2.36 -15.09
N PHE E 100 21.61 -1.97 -15.10
CA PHE E 100 21.02 -1.23 -16.22
C PHE E 100 20.90 0.22 -15.80
N HIS E 101 21.47 1.13 -16.62
CA HIS E 101 21.52 2.54 -16.27
C HIS E 101 20.14 3.19 -16.27
N ASN E 102 19.29 2.81 -17.23
CA ASN E 102 18.00 3.46 -17.40
C ASN E 102 16.83 2.58 -16.96
N GLY E 103 17.09 1.61 -16.09
CA GLY E 103 16.04 0.75 -15.58
C GLY E 103 15.26 1.41 -14.46
N LYS E 104 14.01 1.02 -14.31
CA LYS E 104 13.12 1.58 -13.29
C LYS E 104 12.74 0.58 -12.22
N LYS E 105 12.24 -0.58 -12.62
CA LYS E 105 11.93 -1.66 -11.68
C LYS E 105 12.03 -2.96 -12.46
N SER E 106 13.10 -3.72 -12.24
CA SER E 106 13.40 -4.89 -13.03
C SER E 106 13.80 -6.05 -12.14
N VAL E 107 13.30 -7.24 -12.46
CA VAL E 107 13.49 -8.43 -11.64
C VAL E 107 14.12 -9.53 -12.48
N ALA E 108 14.69 -10.52 -11.80
CA ALA E 108 15.18 -11.74 -12.40
C ALA E 108 14.28 -12.87 -11.94
N HIS E 109 13.74 -13.63 -12.88
CA HIS E 109 12.73 -14.64 -12.56
C HIS E 109 13.38 -15.85 -11.89
N ASN E 110 12.75 -16.26 -10.78
CA ASN E 110 13.29 -17.36 -9.96
C ASN E 110 12.20 -18.40 -9.72
N MET E 111 11.50 -18.83 -10.76
CA MET E 111 10.51 -19.92 -10.66
C MET E 111 10.70 -20.89 -11.83
N THR E 112 10.70 -22.20 -11.57
CA THR E 112 10.71 -22.75 -10.18
C THR E 112 12.09 -22.55 -9.55
N MET E 113 13.15 -22.79 -10.34
CA MET E 113 14.54 -22.55 -9.88
C MET E 113 15.03 -21.23 -10.48
N PRO E 114 16.05 -20.55 -9.90
CA PRO E 114 16.70 -19.43 -10.58
C PRO E 114 16.86 -19.60 -12.10
N ASN E 115 16.56 -18.57 -12.90
CA ASN E 115 16.82 -18.65 -14.33
C ASN E 115 18.22 -18.11 -14.62
N LYS E 116 19.21 -18.97 -14.38
CA LYS E 116 20.61 -18.64 -14.63
C LYS E 116 21.28 -19.78 -15.37
N LEU E 117 22.54 -19.61 -15.75
CA LEU E 117 23.24 -20.62 -16.52
C LEU E 117 24.75 -20.48 -16.29
N LEU E 118 25.46 -21.59 -16.22
CA LEU E 118 26.91 -21.58 -16.10
C LEU E 118 27.50 -22.70 -16.94
N ARG E 119 28.39 -22.36 -17.86
CA ARG E 119 29.07 -23.34 -18.69
C ARG E 119 30.57 -23.04 -18.65
N ILE E 120 31.24 -23.59 -17.65
CA ILE E 120 32.69 -23.43 -17.49
C ILE E 120 33.39 -24.36 -18.46
N GLN E 121 34.17 -23.78 -19.36
CA GLN E 121 34.85 -24.57 -20.38
C GLN E 121 36.26 -24.91 -19.91
N ASP E 122 36.99 -25.68 -20.73
CA ASP E 122 38.25 -26.26 -20.28
C ASP E 122 39.38 -25.22 -20.25
N ASP E 123 39.31 -24.22 -21.12
CA ASP E 123 40.37 -23.21 -21.17
C ASP E 123 40.16 -22.09 -20.15
N GLY E 124 39.03 -22.08 -19.45
CA GLY E 124 38.73 -21.01 -18.51
C GLY E 124 37.65 -20.05 -18.97
N THR E 125 37.02 -20.31 -20.11
CA THR E 125 35.93 -19.47 -20.57
C THR E 125 34.67 -19.76 -19.76
N LEU E 126 33.95 -18.71 -19.39
CA LEU E 126 32.68 -18.86 -18.68
C LEU E 126 31.53 -18.29 -19.49
N LEU E 127 30.32 -18.65 -19.08
CA LEU E 127 29.09 -18.16 -19.68
C LEU E 127 28.07 -17.97 -18.56
N TYR E 128 27.30 -16.89 -18.65
CA TYR E 128 26.34 -16.56 -17.60
C TYR E 128 25.12 -15.94 -18.27
N THR E 129 24.09 -16.75 -18.48
CA THR E 129 22.89 -16.34 -19.20
C THR E 129 21.73 -16.26 -18.21
N MET E 130 21.08 -15.10 -18.14
CA MET E 130 20.00 -14.86 -17.21
C MET E 130 18.75 -14.40 -17.93
N ARG E 131 17.60 -14.76 -17.37
CA ARG E 131 16.30 -14.34 -17.88
C ARG E 131 15.81 -13.16 -17.03
N LEU E 132 15.67 -12.00 -17.66
CA LEU E 132 15.32 -10.78 -16.96
C LEU E 132 14.09 -10.15 -17.60
N THR E 133 13.42 -9.30 -16.82
CA THR E 133 12.29 -8.49 -17.28
C THR E 133 12.63 -7.06 -16.88
N VAL E 134 13.06 -6.26 -17.85
CA VAL E 134 13.63 -4.95 -17.60
C VAL E 134 12.58 -3.90 -17.96
N GLN E 135 12.13 -3.17 -16.95
CA GLN E 135 11.36 -1.96 -17.20
C GLN E 135 12.30 -0.78 -17.29
N ALA E 136 12.47 -0.25 -18.50
CA ALA E 136 13.50 0.74 -18.77
C ALA E 136 12.88 2.08 -19.12
N GLU E 137 13.64 3.14 -18.85
CA GLU E 137 13.21 4.50 -19.13
C GLU E 137 13.38 4.80 -20.61
N CYS E 138 12.36 5.41 -21.21
CA CYS E 138 12.42 5.87 -22.60
C CYS E 138 12.18 7.37 -22.60
N PRO E 139 13.20 8.18 -22.84
CA PRO E 139 12.99 9.63 -22.95
C PRO E 139 12.18 9.96 -24.20
N MET E 140 11.09 10.70 -24.01
CA MET E 140 10.03 10.78 -25.00
C MET E 140 9.77 12.22 -25.41
N HIS E 141 9.39 12.41 -26.67
CA HIS E 141 9.32 13.71 -27.34
C HIS E 141 8.02 13.79 -28.13
N LEU E 142 6.89 13.62 -27.45
CA LEU E 142 5.56 13.49 -28.06
C LEU E 142 4.97 14.76 -28.66
N GLU E 143 5.79 15.78 -28.95
CA GLU E 143 5.39 16.98 -29.67
C GLU E 143 4.70 16.66 -30.99
N ASP E 144 5.18 15.64 -31.70
CA ASP E 144 4.54 15.19 -32.93
C ASP E 144 3.58 14.03 -32.66
N PHE E 145 2.61 14.25 -31.78
CA PHE E 145 1.63 13.22 -31.45
C PHE E 145 0.51 13.21 -32.49
N PRO E 146 0.09 12.02 -32.94
CA PRO E 146 0.59 10.68 -32.64
C PRO E 146 1.37 10.05 -33.78
N MET E 147 2.17 10.86 -34.48
CA MET E 147 3.06 10.30 -35.52
C MET E 147 4.47 10.22 -34.92
N ASP E 148 4.56 9.94 -33.62
CA ASP E 148 5.87 9.94 -32.92
C ASP E 148 6.70 8.70 -33.29
N ALA E 149 8.03 8.84 -33.30
CA ALA E 149 8.93 7.69 -33.56
C ALA E 149 10.01 7.68 -32.48
N HIS E 150 9.74 7.09 -31.32
CA HIS E 150 10.70 7.15 -30.19
C HIS E 150 11.75 6.04 -30.27
N SER E 151 13.03 6.41 -30.19
CA SER E 151 14.10 5.42 -30.15
C SER E 151 14.37 5.15 -28.68
N CYS E 152 13.65 4.20 -28.11
CA CYS E 152 13.81 3.88 -26.70
C CYS E 152 15.10 3.09 -26.49
N PRO E 153 16.01 3.57 -25.64
CA PRO E 153 17.29 2.89 -25.48
C PRO E 153 17.30 1.88 -24.34
N LEU E 154 18.41 1.17 -24.21
CA LEU E 154 18.64 0.29 -23.06
C LEU E 154 20.13 0.32 -22.79
N LYS E 155 20.53 1.07 -21.76
CA LYS E 155 21.94 1.28 -21.45
C LYS E 155 22.31 0.47 -20.21
N PHE E 156 23.35 -0.35 -20.33
CA PHE E 156 23.84 -1.12 -19.22
C PHE E 156 25.36 -1.02 -19.18
N GLY E 157 25.90 -1.11 -17.96
CA GLY E 157 27.32 -1.07 -17.76
C GLY E 157 27.64 -1.60 -16.38
N SER E 158 28.93 -1.65 -16.06
CA SER E 158 29.35 -2.06 -14.74
C SER E 158 29.00 -1.00 -13.72
N TYR E 159 28.88 -1.42 -12.46
CA TYR E 159 28.54 -0.49 -11.39
C TYR E 159 29.75 -0.01 -10.61
N ALA E 160 30.57 -0.94 -10.10
CA ALA E 160 31.70 -0.58 -9.27
C ALA E 160 33.03 -0.59 -9.99
N TYR E 161 33.14 -1.24 -11.14
CA TYR E 161 34.40 -1.43 -11.83
C TYR E 161 34.52 -0.42 -12.97
N THR E 162 35.62 0.33 -12.97
CA THR E 162 35.84 1.38 -13.96
C THR E 162 36.42 0.78 -15.24
N THR E 163 36.75 1.66 -16.19
CA THR E 163 37.31 1.22 -17.48
C THR E 163 38.71 0.66 -17.36
N SER E 164 39.43 0.96 -16.28
CA SER E 164 40.71 0.34 -16.00
C SER E 164 40.57 -0.98 -15.27
N GLU E 165 39.34 -1.42 -15.00
CA GLU E 165 39.10 -2.70 -14.35
C GLU E 165 38.28 -3.65 -15.21
N VAL E 166 37.11 -3.22 -15.70
CA VAL E 166 36.22 -4.07 -16.48
C VAL E 166 35.77 -3.31 -17.71
N THR E 167 35.99 -3.90 -18.89
CA THR E 167 35.53 -3.34 -20.14
C THR E 167 34.54 -4.30 -20.79
N TYR E 168 33.67 -3.74 -21.63
CA TYR E 168 32.63 -4.50 -22.31
C TYR E 168 32.86 -4.47 -23.81
N ILE E 169 32.62 -5.61 -24.46
CA ILE E 169 32.75 -5.78 -25.91
C ILE E 169 31.60 -6.69 -26.35
N TRP E 170 30.90 -6.31 -27.42
CA TRP E 170 29.85 -7.19 -27.95
C TRP E 170 30.45 -8.45 -28.56
N THR E 171 29.77 -9.57 -28.37
CA THR E 171 30.28 -10.87 -28.88
C THR E 171 30.12 -10.94 -30.40
N TYR E 172 28.87 -10.89 -30.89
CA TYR E 172 28.62 -11.02 -32.35
C TYR E 172 28.91 -9.68 -33.04
N ASN E 173 28.76 -9.63 -34.36
CA ASN E 173 29.11 -8.39 -35.12
C ASN E 173 28.07 -7.30 -34.85
N ALA E 174 28.37 -6.38 -33.93
CA ALA E 174 27.48 -5.23 -33.66
C ALA E 174 26.04 -5.70 -33.49
N SER E 175 25.14 -5.28 -34.39
CA SER E 175 23.70 -5.62 -34.27
C SER E 175 23.51 -7.13 -34.08
N ASP E 176 24.37 -7.95 -34.68
CA ASP E 176 24.21 -9.42 -34.59
C ASP E 176 24.12 -9.84 -33.12
N SER E 177 24.81 -9.12 -32.23
CA SER E 177 24.75 -9.45 -30.78
C SER E 177 23.31 -9.38 -30.28
N VAL E 178 22.55 -8.37 -30.73
CA VAL E 178 21.11 -8.25 -30.33
C VAL E 178 20.26 -9.09 -31.30
N GLN E 179 19.64 -10.15 -30.79
CA GLN E 179 18.84 -11.03 -31.64
C GLN E 179 17.41 -11.08 -31.11
N VAL E 180 16.50 -10.43 -31.85
CA VAL E 180 15.10 -10.40 -31.45
C VAL E 180 14.43 -11.70 -31.88
N ALA E 181 13.61 -12.27 -30.99
CA ALA E 181 12.83 -13.45 -31.32
C ALA E 181 11.81 -13.11 -32.41
N PRO E 182 11.54 -14.06 -33.34
CA PRO E 182 10.65 -13.77 -34.48
C PRO E 182 9.23 -13.39 -34.12
N ASP E 183 8.66 -14.02 -33.09
CA ASP E 183 7.29 -13.76 -32.69
C ASP E 183 7.20 -12.95 -31.40
N GLY E 184 8.34 -12.50 -30.87
CA GLY E 184 8.34 -11.79 -29.60
C GLY E 184 8.02 -10.32 -29.72
N SER E 185 6.74 -10.00 -29.92
CA SER E 185 6.32 -8.61 -30.03
C SER E 185 4.98 -8.47 -29.34
N ARG E 186 4.97 -7.79 -28.19
CA ARG E 186 3.75 -7.48 -27.47
C ARG E 186 3.33 -6.02 -27.65
N LEU E 187 3.81 -5.38 -28.70
CA LEU E 187 3.57 -3.95 -28.94
C LEU E 187 2.15 -3.76 -29.47
N ASN E 188 1.22 -3.39 -28.59
CA ASN E 188 -0.14 -3.11 -29.03
C ASN E 188 -0.29 -1.72 -29.62
N GLN E 189 0.71 -0.86 -29.46
CA GLN E 189 0.66 0.48 -30.02
C GLN E 189 1.75 0.76 -31.05
N TYR E 190 2.87 0.06 -30.98
CA TYR E 190 4.03 0.31 -31.82
C TYR E 190 4.32 -0.88 -32.71
N ASP E 191 5.42 -0.77 -33.45
CA ASP E 191 6.00 -1.90 -34.17
C ASP E 191 7.50 -1.69 -34.22
N LEU E 192 8.25 -2.77 -34.07
CA LEU E 192 9.70 -2.67 -34.00
C LEU E 192 10.28 -2.54 -35.40
N LEU E 193 10.93 -1.39 -35.66
CA LEU E 193 11.54 -1.14 -36.99
C LEU E 193 12.93 -1.79 -37.01
N GLY E 194 13.79 -1.40 -36.07
CA GLY E 194 15.15 -1.97 -35.99
C GLY E 194 15.81 -1.68 -34.66
N GLN E 195 17.03 -2.17 -34.44
CA GLN E 195 17.77 -1.89 -33.19
C GLN E 195 19.17 -1.38 -33.52
N SER E 196 19.58 -0.26 -32.93
CA SER E 196 20.94 0.29 -33.17
C SER E 196 21.72 0.30 -31.85
N ILE E 197 22.87 -0.39 -31.80
CA ILE E 197 23.63 -0.50 -30.52
C ILE E 197 24.98 0.22 -30.69
N GLY E 198 25.61 0.59 -29.57
CA GLY E 198 26.90 1.29 -29.60
C GLY E 198 27.70 1.06 -28.33
N LYS E 199 28.73 1.87 -28.10
CA LYS E 199 29.57 1.70 -26.91
C LYS E 199 30.19 3.05 -26.57
N GLU E 200 29.75 3.65 -25.47
CA GLU E 200 30.29 4.94 -25.05
C GLU E 200 31.16 4.79 -23.81
N THR E 201 31.64 5.90 -23.28
CA THR E 201 32.42 5.90 -22.05
C THR E 201 31.97 7.05 -21.17
N ILE E 202 31.03 6.78 -20.25
CA ILE E 202 30.45 7.84 -19.44
C ILE E 202 31.32 8.09 -18.21
N LYS E 203 31.72 9.34 -18.03
CA LYS E 203 32.56 9.74 -16.90
C LYS E 203 31.64 10.18 -15.77
N SER E 204 31.54 9.34 -14.74
CA SER E 204 30.68 9.60 -13.61
C SER E 204 31.47 10.28 -12.50
N SER E 205 30.89 10.35 -11.30
CA SER E 205 31.54 10.99 -10.16
C SER E 205 32.69 10.17 -9.61
N THR E 206 32.66 8.85 -9.82
CA THR E 206 33.68 7.96 -9.28
C THR E 206 34.66 7.47 -10.34
N GLY E 207 34.61 8.00 -11.55
CA GLY E 207 35.52 7.64 -12.61
C GLY E 207 34.79 7.40 -13.92
N GLU E 208 35.53 6.84 -14.86
CA GLU E 208 34.97 6.52 -16.17
C GLU E 208 34.42 5.10 -16.18
N TYR E 209 33.27 4.92 -16.84
CA TYR E 209 32.63 3.63 -16.93
C TYR E 209 32.26 3.35 -18.38
N THR E 210 32.61 2.17 -18.87
CA THR E 210 32.24 1.75 -20.21
C THR E 210 30.75 1.42 -20.23
N VAL E 211 29.99 2.17 -21.01
CA VAL E 211 28.54 2.04 -21.06
C VAL E 211 28.17 1.41 -22.39
N MET E 212 27.58 0.23 -22.34
CA MET E 212 26.99 -0.39 -23.52
C MET E 212 25.58 0.13 -23.69
N THR E 213 25.13 0.23 -24.95
CA THR E 213 23.81 0.74 -25.23
C THR E 213 23.17 -0.08 -26.34
N ALA E 214 21.85 -0.02 -26.39
CA ALA E 214 21.07 -0.66 -27.46
C ALA E 214 19.80 0.13 -27.64
N HIS E 215 19.68 0.81 -28.78
CA HIS E 215 18.53 1.65 -29.08
C HIS E 215 17.54 0.86 -29.93
N PHE E 216 16.28 0.88 -29.53
CA PHE E 216 15.20 0.18 -30.23
C PHE E 216 14.36 1.24 -30.95
N HIS E 217 14.36 1.18 -32.28
CA HIS E 217 13.57 2.12 -33.05
C HIS E 217 12.10 1.71 -33.04
N LEU E 218 11.24 2.65 -32.68
CA LEU E 218 9.81 2.38 -32.53
C LEU E 218 9.02 3.43 -33.28
N LYS E 219 7.97 3.00 -33.97
CA LYS E 219 7.07 3.88 -34.69
C LYS E 219 5.65 3.66 -34.20
N ARG E 220 4.91 4.77 -34.02
CA ARG E 220 3.55 4.69 -33.44
C ARG E 220 2.49 4.40 -34.53
N LYS E 221 1.36 3.82 -34.14
CA LYS E 221 0.25 3.57 -35.11
C LYS E 221 -0.91 4.50 -34.75
N ILE E 222 -1.33 5.36 -35.68
CA ILE E 222 -2.43 6.35 -35.39
C ILE E 222 -3.78 5.65 -35.58
N GLY E 223 -3.81 4.49 -36.24
CA GLY E 223 -5.09 3.81 -36.52
C GLY E 223 -6.00 3.78 -35.31
N TYR E 224 -5.47 3.37 -34.15
CA TYR E 224 -6.29 3.31 -32.91
C TYR E 224 -6.84 4.69 -32.57
N PHE E 225 -5.97 5.71 -32.56
CA PHE E 225 -6.40 7.08 -32.18
C PHE E 225 -7.51 7.56 -33.11
N VAL E 226 -7.35 7.32 -34.42
CA VAL E 226 -8.35 7.80 -35.41
C VAL E 226 -9.75 7.37 -34.98
N ILE E 227 -9.96 6.06 -34.77
CA ILE E 227 -11.30 5.58 -34.46
C ILE E 227 -11.87 6.28 -33.21
N GLN E 228 -11.02 6.52 -32.23
CA GLN E 228 -11.48 7.10 -30.97
C GLN E 228 -11.53 8.62 -30.98
N THR E 229 -10.52 9.27 -31.56
CA THR E 229 -10.39 10.72 -31.46
C THR E 229 -10.64 11.41 -32.79
N TYR E 230 -9.96 11.00 -33.86
CA TYR E 230 -9.94 11.79 -35.09
C TYR E 230 -11.24 11.67 -35.87
N LEU E 231 -11.85 10.48 -35.89
CA LEU E 231 -13.13 10.32 -36.58
C LEU E 231 -14.32 10.88 -35.81
N PRO E 232 -14.44 10.78 -34.47
CA PRO E 232 -15.52 11.53 -33.82
C PRO E 232 -15.32 13.04 -33.82
N CYS E 233 -14.10 13.53 -34.06
CA CYS E 233 -13.89 14.97 -34.14
C CYS E 233 -14.45 15.54 -35.44
N ILE E 234 -14.20 14.85 -36.57
CA ILE E 234 -14.63 15.39 -37.86
C ILE E 234 -16.14 15.28 -38.03
N MET E 235 -16.75 14.22 -37.48
CA MET E 235 -18.18 13.96 -37.68
C MET E 235 -19.04 14.96 -36.93
N THR E 236 -18.60 15.40 -35.75
CA THR E 236 -19.40 16.35 -34.99
C THR E 236 -19.24 17.77 -35.55
N VAL E 237 -18.17 18.02 -36.31
CA VAL E 237 -18.07 19.27 -37.06
C VAL E 237 -19.05 19.25 -38.23
N ILE E 238 -19.15 18.10 -38.92
CA ILE E 238 -20.13 17.93 -39.98
C ILE E 238 -21.55 17.95 -39.41
N LEU E 239 -21.72 17.43 -38.20
CA LEU E 239 -23.02 17.46 -37.53
C LEU E 239 -23.44 18.89 -37.21
N SER E 240 -22.48 19.77 -36.91
CA SER E 240 -22.81 21.17 -36.71
C SER E 240 -23.11 21.87 -38.04
N GLN E 241 -22.56 21.33 -39.13
CA GLN E 241 -22.77 21.91 -40.46
C GLN E 241 -24.16 21.63 -41.00
N VAL E 242 -24.88 20.70 -40.38
CA VAL E 242 -26.27 20.41 -40.74
C VAL E 242 -27.16 21.60 -40.46
N SER E 243 -26.80 22.41 -39.45
CA SER E 243 -27.59 23.58 -39.06
C SER E 243 -27.64 24.65 -40.15
N PHE E 244 -26.64 24.70 -41.04
CA PHE E 244 -26.65 25.70 -42.10
C PHE E 244 -27.70 25.40 -43.16
N TRP E 245 -28.20 24.18 -43.24
CA TRP E 245 -29.12 23.76 -44.29
C TRP E 245 -30.57 23.76 -43.82
N LEU E 246 -30.87 24.46 -42.73
CA LEU E 246 -32.21 24.51 -42.19
C LEU E 246 -32.75 25.93 -42.24
N ASN E 247 -34.06 26.06 -42.09
CA ASN E 247 -34.72 27.36 -42.14
C ASN E 247 -34.44 28.15 -40.86
N ARG E 248 -34.43 29.47 -40.98
CA ARG E 248 -34.09 30.32 -39.84
C ARG E 248 -35.25 30.46 -38.86
N GLU E 249 -36.43 30.00 -39.25
CA GLU E 249 -37.60 30.07 -38.36
C GLU E 249 -37.36 29.13 -37.18
N SER E 250 -36.56 28.10 -37.39
CA SER E 250 -36.33 27.10 -36.32
C SER E 250 -35.16 27.54 -35.44
N VAL E 251 -35.30 28.68 -34.76
CA VAL E 251 -34.23 29.15 -33.83
C VAL E 251 -33.97 28.06 -32.77
N PRO E 252 -34.97 27.64 -31.96
CA PRO E 252 -34.70 26.67 -30.90
C PRO E 252 -33.94 25.44 -31.40
N ALA E 253 -34.36 24.89 -32.54
CA ALA E 253 -33.75 23.66 -33.05
C ALA E 253 -32.28 23.88 -33.40
N ARG E 254 -31.97 25.02 -34.00
CA ARG E 254 -30.59 25.31 -34.41
C ARG E 254 -29.74 25.66 -33.20
N THR E 255 -30.37 26.02 -32.10
CA THR E 255 -29.67 26.18 -30.83
C THR E 255 -29.10 24.84 -30.35
N VAL E 256 -29.88 23.76 -30.49
CA VAL E 256 -29.44 22.43 -30.07
C VAL E 256 -28.27 21.95 -30.92
N PHE E 257 -28.21 22.39 -32.18
CA PHE E 257 -27.04 22.13 -33.01
C PHE E 257 -25.79 22.78 -32.45
N GLY E 258 -25.85 24.06 -32.11
CA GLY E 258 -24.65 24.77 -31.71
C GLY E 258 -24.22 24.46 -30.29
N VAL E 259 -25.16 24.08 -29.43
CA VAL E 259 -24.83 23.87 -28.03
C VAL E 259 -24.28 22.47 -27.79
N THR E 260 -24.99 21.45 -28.27
CA THR E 260 -24.62 20.07 -27.95
C THR E 260 -23.37 19.62 -28.69
N THR E 261 -23.14 20.11 -29.91
CA THR E 261 -21.93 19.75 -30.65
C THR E 261 -20.69 20.41 -30.04
N VAL E 262 -20.84 21.61 -29.49
CA VAL E 262 -19.76 22.23 -28.73
C VAL E 262 -19.52 21.45 -27.44
N LEU E 263 -20.61 20.99 -26.80
CA LEU E 263 -20.51 20.30 -25.51
C LEU E 263 -19.78 18.97 -25.65
N THR E 264 -20.06 18.20 -26.71
CA THR E 264 -19.30 16.98 -26.92
C THR E 264 -17.90 17.24 -27.48
N MET E 265 -17.67 18.41 -28.08
CA MET E 265 -16.31 18.81 -28.43
C MET E 265 -15.51 19.11 -27.17
N THR E 266 -16.16 19.72 -26.17
CA THR E 266 -15.53 19.87 -24.86
C THR E 266 -15.27 18.52 -24.21
N THR E 267 -16.23 17.60 -24.33
CA THR E 267 -16.06 16.26 -23.79
C THR E 267 -14.96 15.49 -24.53
N LEU E 268 -14.86 15.68 -25.84
CA LEU E 268 -13.79 15.04 -26.60
C LEU E 268 -12.44 15.64 -26.29
N SER E 269 -12.39 16.94 -25.98
CA SER E 269 -11.11 17.57 -25.63
C SER E 269 -10.63 17.09 -24.26
N ILE E 270 -11.56 16.82 -23.34
CA ILE E 270 -11.18 16.23 -22.05
C ILE E 270 -10.73 14.79 -22.25
N SER E 271 -11.48 14.02 -23.04
CA SER E 271 -11.22 12.58 -23.14
C SER E 271 -9.98 12.25 -23.96
N ALA E 272 -9.62 13.11 -24.93
CA ALA E 272 -8.48 12.80 -25.80
C ALA E 272 -7.15 12.96 -25.06
N ARG E 273 -7.05 13.95 -24.18
CA ARG E 273 -5.84 14.16 -23.40
C ARG E 273 -5.94 13.41 -22.07
N ASN E 274 -6.18 12.11 -22.18
CA ASN E 274 -6.29 11.22 -21.04
C ASN E 274 -5.43 10.00 -21.34
N SER E 275 -4.83 9.43 -20.29
CA SER E 275 -3.76 8.43 -20.36
C SER E 275 -2.58 8.93 -21.19
N LEU E 276 -2.28 10.21 -21.07
CA LEU E 276 -1.15 10.90 -21.65
C LEU E 276 -0.44 11.68 -20.55
N PRO E 277 0.87 11.89 -20.68
CA PRO E 277 1.58 12.72 -19.69
C PRO E 277 1.15 14.17 -19.76
N LYS E 278 1.25 14.85 -18.61
CA LYS E 278 0.81 16.24 -18.50
C LYS E 278 1.96 17.17 -18.90
N VAL E 279 2.31 17.10 -20.18
CA VAL E 279 3.38 17.94 -20.72
C VAL E 279 2.86 19.36 -20.90
N ALA E 280 3.71 20.37 -20.79
CA ALA E 280 3.13 21.73 -20.86
C ALA E 280 3.03 22.24 -22.30
N TYR E 281 3.55 21.50 -23.28
CA TYR E 281 3.36 21.94 -24.65
C TYR E 281 2.08 21.32 -25.21
N ALA E 282 1.73 21.72 -26.42
CA ALA E 282 0.51 21.27 -27.08
C ALA E 282 0.87 20.27 -28.17
N THR E 283 0.17 19.14 -28.18
CA THR E 283 0.40 18.11 -29.19
C THR E 283 -0.24 18.54 -30.52
N ALA E 284 0.08 17.80 -31.57
CA ALA E 284 -0.52 18.07 -32.88
C ALA E 284 -1.98 17.65 -32.91
N MET E 285 -2.33 16.64 -32.09
CA MET E 285 -3.74 16.31 -31.88
C MET E 285 -4.46 17.46 -31.17
N ASP E 286 -3.78 18.09 -30.20
CA ASP E 286 -4.35 19.25 -29.51
C ASP E 286 -4.52 20.43 -30.45
N TRP E 287 -3.61 20.56 -31.44
CA TRP E 287 -3.81 21.57 -32.48
C TRP E 287 -4.99 21.21 -33.36
N PHE E 288 -5.17 19.92 -33.65
CA PHE E 288 -6.32 19.49 -34.44
C PHE E 288 -7.62 19.65 -33.66
N ILE E 289 -7.55 19.51 -32.33
CA ILE E 289 -8.72 19.73 -31.48
C ILE E 289 -9.14 21.20 -31.50
N ALA E 290 -8.16 22.09 -31.43
CA ALA E 290 -8.44 23.53 -31.35
C ALA E 290 -9.01 24.07 -32.65
N VAL E 291 -8.54 23.56 -33.79
CA VAL E 291 -9.08 23.98 -35.08
C VAL E 291 -10.50 23.42 -35.25
N CYS E 292 -10.71 22.18 -34.82
CA CYS E 292 -12.04 21.58 -34.89
C CYS E 292 -13.02 22.27 -33.94
N TYR E 293 -12.53 22.88 -32.85
CA TYR E 293 -13.42 23.70 -32.07
C TYR E 293 -13.76 25.01 -32.77
N ALA E 294 -12.83 25.56 -33.56
CA ALA E 294 -13.07 26.83 -34.22
C ALA E 294 -14.15 26.71 -35.29
N PHE E 295 -14.31 25.54 -35.89
CA PHE E 295 -15.37 25.34 -36.88
C PHE E 295 -16.71 25.05 -36.22
N VAL E 296 -16.71 24.51 -35.01
CA VAL E 296 -17.98 24.21 -34.35
C VAL E 296 -18.45 25.40 -33.51
N PHE E 297 -17.55 26.30 -33.13
CA PHE E 297 -17.96 27.48 -32.38
C PHE E 297 -18.41 28.60 -33.31
N SER E 298 -17.84 28.67 -34.50
CA SER E 298 -18.26 29.68 -35.48
C SER E 298 -19.65 29.40 -36.03
N ALA E 299 -20.09 28.14 -36.01
CA ALA E 299 -21.47 27.83 -36.37
C ALA E 299 -22.45 28.44 -35.37
N LEU E 300 -22.12 28.38 -34.08
CA LEU E 300 -22.99 28.97 -33.06
C LEU E 300 -22.93 30.49 -33.08
N ILE E 301 -21.77 31.05 -33.44
CA ILE E 301 -21.64 32.50 -33.56
C ILE E 301 -22.44 33.02 -34.74
N GLU E 302 -22.39 32.31 -35.87
CA GLU E 302 -23.09 32.74 -37.08
C GLU E 302 -24.61 32.63 -36.92
N PHE E 303 -25.08 31.67 -36.12
CA PHE E 303 -26.52 31.54 -35.87
C PHE E 303 -27.05 32.73 -35.08
N ALA E 304 -26.23 33.31 -34.20
CA ALA E 304 -26.64 34.52 -33.51
C ALA E 304 -26.74 35.71 -34.45
N THR E 305 -25.95 35.71 -35.53
CA THR E 305 -26.04 36.80 -36.51
C THR E 305 -27.30 36.65 -37.37
N VAL E 306 -27.68 35.43 -37.72
CA VAL E 306 -28.89 35.19 -38.50
C VAL E 306 -30.13 35.54 -37.69
N ASN E 307 -30.15 35.14 -36.41
CA ASN E 307 -31.27 35.46 -35.54
C ASN E 307 -31.34 36.95 -35.19
N TYR E 308 -30.22 37.67 -35.31
CA TYR E 308 -30.24 39.11 -35.13
C TYR E 308 -30.88 39.82 -36.32
N PHE E 309 -30.70 39.29 -37.53
CA PHE E 309 -31.20 39.93 -38.73
C PHE E 309 -32.57 39.43 -39.16
N ASN E 384 -40.46 35.25 -44.05
CA ASN E 384 -39.07 35.65 -44.08
C ASN E 384 -38.41 35.26 -45.40
N SER E 385 -37.08 35.21 -45.39
CA SER E 385 -36.30 34.89 -46.58
C SER E 385 -35.11 34.02 -46.20
N VAL E 386 -34.59 33.29 -47.19
CA VAL E 386 -33.40 32.49 -46.98
C VAL E 386 -32.19 33.41 -46.85
N SER E 387 -31.40 33.21 -45.80
CA SER E 387 -30.29 34.11 -45.51
C SER E 387 -29.15 33.90 -46.48
N LYS E 388 -28.61 35.00 -47.01
CA LYS E 388 -27.44 34.92 -47.87
C LYS E 388 -26.17 34.63 -47.09
N ILE E 389 -26.14 34.95 -45.80
CA ILE E 389 -25.02 34.54 -44.96
C ILE E 389 -25.07 33.02 -44.73
N ASP E 390 -26.27 32.46 -44.58
CA ASP E 390 -26.41 31.01 -44.43
C ASP E 390 -26.16 30.27 -45.74
N ARG E 391 -26.48 30.89 -46.88
CA ARG E 391 -26.21 30.26 -48.16
C ARG E 391 -24.72 30.24 -48.48
N MET E 392 -23.99 31.28 -48.08
CA MET E 392 -22.54 31.27 -48.26
C MET E 392 -21.86 30.32 -47.27
N SER E 393 -22.51 30.07 -46.13
CA SER E 393 -21.95 29.16 -45.13
C SER E 393 -22.06 27.69 -45.54
N ARG E 394 -22.94 27.37 -46.49
CA ARG E 394 -23.04 26.00 -46.98
C ARG E 394 -21.92 25.63 -47.95
N ILE E 395 -21.13 26.60 -48.41
CA ILE E 395 -20.03 26.36 -49.33
C ILE E 395 -18.68 26.67 -48.68
N VAL E 396 -18.58 27.80 -47.99
CA VAL E 396 -17.31 28.25 -47.43
C VAL E 396 -16.88 27.36 -46.28
N PHE E 397 -17.79 27.06 -45.36
CA PHE E 397 -17.48 26.22 -44.21
C PHE E 397 -17.10 24.77 -44.55
N PRO E 398 -17.75 24.03 -45.46
CA PRO E 398 -17.24 22.69 -45.78
C PRO E 398 -15.88 22.68 -46.47
N VAL E 399 -15.56 23.70 -47.27
CA VAL E 399 -14.26 23.70 -47.95
C VAL E 399 -13.15 24.33 -47.12
N LEU E 400 -13.49 25.10 -46.08
CA LEU E 400 -12.45 25.62 -45.19
C LEU E 400 -11.90 24.51 -44.31
N PHE E 401 -12.76 23.62 -43.82
CA PHE E 401 -12.28 22.44 -43.10
C PHE E 401 -11.69 21.41 -44.06
N GLY E 402 -12.15 21.40 -45.31
CA GLY E 402 -11.61 20.46 -46.28
C GLY E 402 -10.17 20.76 -46.65
N THR E 403 -9.82 22.04 -46.80
CA THR E 403 -8.44 22.39 -47.09
C THR E 403 -7.55 22.25 -45.87
N PHE E 404 -8.11 22.41 -44.66
CA PHE E 404 -7.32 22.19 -43.46
C PHE E 404 -6.96 20.72 -43.28
N ASN E 405 -7.88 19.83 -43.62
CA ASN E 405 -7.60 18.39 -43.54
C ASN E 405 -6.56 17.97 -44.58
N LEU E 406 -6.48 18.69 -45.70
CA LEU E 406 -5.44 18.42 -46.68
C LEU E 406 -4.08 18.93 -46.20
N VAL E 407 -4.09 20.01 -45.41
CA VAL E 407 -2.84 20.58 -44.92
C VAL E 407 -2.33 19.79 -43.71
N TYR E 408 -3.22 19.50 -42.76
CA TYR E 408 -2.81 18.89 -41.50
C TYR E 408 -2.38 17.44 -41.69
N TRP E 409 -2.98 16.73 -42.63
CA TRP E 409 -2.61 15.35 -42.93
C TRP E 409 -1.49 15.27 -43.97
N ALA E 410 -0.92 16.40 -44.39
CA ALA E 410 0.27 16.41 -45.21
C ALA E 410 1.46 17.07 -44.53
N THR E 411 1.22 17.98 -43.58
CA THR E 411 2.33 18.58 -42.83
C THR E 411 2.86 17.61 -41.77
N TYR E 412 2.00 17.22 -40.84
CA TYR E 412 2.39 16.22 -39.83
C TYR E 412 2.37 14.83 -40.43
N LEU E 413 1.22 14.39 -40.96
CA LEU E 413 1.08 12.97 -41.39
C LEU E 413 2.19 12.46 -42.32
N ASN E 414 3.09 13.32 -42.81
CA ASN E 414 4.22 12.79 -43.63
C ASN E 414 4.36 11.29 -43.35
N VAL F 2 11.05 -2.96 49.14
CA VAL F 2 10.48 -3.76 50.23
C VAL F 2 10.24 -2.88 51.44
N GLN F 3 11.33 -2.44 52.07
CA GLN F 3 11.26 -1.59 53.26
C GLN F 3 11.74 -0.18 52.92
N LEU F 4 10.91 0.80 53.23
CA LEU F 4 11.21 2.20 52.99
C LEU F 4 11.41 2.89 54.33
N GLN F 5 12.52 3.62 54.45
CA GLN F 5 12.90 4.24 55.71
C GLN F 5 13.06 5.75 55.54
N GLN F 6 12.55 6.50 56.51
CA GLN F 6 12.71 7.94 56.57
C GLN F 6 13.29 8.32 57.93
N SER F 7 13.91 9.50 57.97
CA SER F 7 14.49 9.99 59.21
C SER F 7 13.39 10.52 60.14
N GLY F 8 13.78 10.72 61.40
CA GLY F 8 12.84 11.12 62.42
C GLY F 8 12.43 12.58 62.32
N ALA F 9 11.47 12.95 63.17
CA ALA F 9 10.88 14.27 63.17
C ALA F 9 11.87 15.32 63.68
N GLU F 10 11.63 16.57 63.28
CA GLU F 10 12.53 17.67 63.61
C GLU F 10 11.72 18.91 63.96
N LEU F 11 12.34 19.79 64.73
CA LEU F 11 11.77 21.08 65.12
C LEU F 11 12.57 22.18 64.47
N VAL F 12 11.91 23.02 63.67
CA VAL F 12 12.58 24.10 62.95
C VAL F 12 11.84 25.41 63.19
N LYS F 13 12.57 26.51 63.02
CA LYS F 13 12.02 27.86 63.07
C LYS F 13 11.46 28.25 61.71
N PRO F 14 10.48 29.17 61.67
CA PRO F 14 10.00 29.67 60.38
C PRO F 14 11.06 30.49 59.66
N GLY F 15 11.06 30.37 58.34
CA GLY F 15 12.03 31.05 57.50
C GLY F 15 13.36 30.33 57.36
N ALA F 16 13.55 29.20 58.02
CA ALA F 16 14.80 28.46 57.96
C ALA F 16 14.74 27.45 56.83
N SER F 17 15.70 26.53 56.78
CA SER F 17 15.75 25.47 55.80
C SER F 17 15.90 24.12 56.50
N VAL F 18 15.35 23.09 55.88
CA VAL F 18 15.32 21.76 56.48
C VAL F 18 15.74 20.73 55.43
N LYS F 19 16.31 19.63 55.91
CA LYS F 19 16.71 18.50 55.08
C LYS F 19 16.00 17.26 55.56
N LEU F 20 15.38 16.53 54.63
CA LEU F 20 14.62 15.33 54.96
C LEU F 20 14.97 14.24 53.96
N SER F 21 15.13 13.01 54.46
CA SER F 21 15.68 11.92 53.67
C SER F 21 14.70 10.73 53.63
N CYS F 22 14.80 9.95 52.55
CA CYS F 22 14.02 8.73 52.36
C CYS F 22 14.96 7.63 51.88
N THR F 23 15.31 6.71 52.77
CA THR F 23 16.22 5.64 52.43
C THR F 23 15.44 4.42 51.95
N ALA F 24 15.84 3.88 50.80
CA ALA F 24 15.18 2.74 50.19
C ALA F 24 16.06 1.50 50.35
N SER F 25 15.43 0.39 50.73
CA SER F 25 16.14 -0.86 50.93
C SER F 25 15.40 -1.99 50.23
N GLY F 26 16.18 -2.96 49.74
CA GLY F 26 15.63 -4.10 49.03
C GLY F 26 15.44 -3.91 47.55
N PHE F 27 15.64 -2.68 47.04
CA PHE F 27 15.46 -2.39 45.63
C PHE F 27 16.23 -1.12 45.30
N ASN F 28 16.73 -1.06 44.07
CA ASN F 28 17.48 0.12 43.63
C ASN F 28 16.52 1.22 43.19
N ILE F 29 17.04 2.44 43.14
CA ILE F 29 16.20 3.60 42.82
C ILE F 29 16.18 3.88 41.32
N LYS F 30 17.16 3.38 40.56
CA LYS F 30 17.34 3.73 39.16
C LYS F 30 16.24 3.23 38.24
N ASP F 31 15.43 2.25 38.67
CA ASP F 31 14.41 1.68 37.79
C ASP F 31 12.99 2.09 38.13
N THR F 32 12.76 2.71 39.29
CA THR F 32 11.43 3.13 39.69
C THR F 32 11.45 4.61 40.05
N TYR F 33 10.31 5.26 39.87
CA TYR F 33 10.22 6.67 40.22
C TYR F 33 10.18 6.84 41.73
N MET F 34 10.52 8.04 42.19
CA MET F 34 10.38 8.44 43.57
C MET F 34 9.32 9.53 43.66
N TYR F 35 8.29 9.29 44.46
CA TYR F 35 7.18 10.22 44.62
C TYR F 35 7.18 10.74 46.05
N TRP F 36 6.98 12.05 46.20
CA TRP F 36 6.81 12.67 47.51
C TRP F 36 5.48 13.41 47.55
N VAL F 37 4.83 13.35 48.70
CA VAL F 37 3.44 13.74 48.84
C VAL F 37 3.24 14.41 50.19
N LYS F 38 2.42 15.46 50.21
CA LYS F 38 2.20 16.28 51.39
C LYS F 38 0.89 15.85 52.04
N GLN F 39 0.95 15.49 53.32
CA GLN F 39 -0.22 15.05 54.08
C GLN F 39 -0.45 16.02 55.22
N ARG F 40 -1.40 16.93 55.04
CA ARG F 40 -1.79 17.82 56.12
C ARG F 40 -2.62 17.06 57.15
N PRO F 41 -2.63 17.50 58.40
CA PRO F 41 -3.53 16.89 59.39
C PRO F 41 -4.99 17.13 59.02
N GLU F 42 -5.82 16.12 59.34
CA GLU F 42 -7.25 15.98 59.03
C GLU F 42 -7.62 16.40 57.60
N GLN F 43 -6.75 16.14 56.64
CA GLN F 43 -6.94 16.57 55.27
C GLN F 43 -6.42 15.49 54.32
N GLY F 44 -6.71 15.68 53.04
CA GLY F 44 -6.29 14.72 52.03
C GLY F 44 -4.83 14.85 51.66
N LEU F 45 -4.40 13.99 50.75
CA LEU F 45 -3.01 13.96 50.33
C LEU F 45 -2.75 15.07 49.32
N GLU F 46 -1.47 15.31 49.05
CA GLU F 46 -1.08 16.39 48.13
C GLU F 46 0.28 16.05 47.55
N TRP F 47 0.31 15.61 46.29
CA TRP F 47 1.58 15.28 45.64
C TRP F 47 2.35 16.55 45.32
N ILE F 48 3.66 16.53 45.56
CA ILE F 48 4.48 17.72 45.40
C ILE F 48 5.52 17.61 44.28
N GLY F 49 5.97 16.41 43.93
CA GLY F 49 7.04 16.30 42.93
C GLY F 49 7.35 14.85 42.65
N ARG F 50 8.24 14.66 41.68
CA ARG F 50 8.63 13.31 41.27
C ARG F 50 10.04 13.33 40.68
N ILE F 51 10.68 12.17 40.70
CA ILE F 51 12.08 12.01 40.28
C ILE F 51 12.18 10.83 39.32
N ASP F 52 12.84 11.05 38.18
CA ASP F 52 13.32 9.97 37.34
C ASP F 52 14.82 9.88 37.56
N PRO F 53 15.30 8.97 38.42
CA PRO F 53 16.72 8.94 38.76
C PRO F 53 17.63 8.41 37.65
N ALA F 54 17.07 7.88 36.57
CA ALA F 54 17.89 7.42 35.45
C ALA F 54 18.56 8.58 34.74
N ASN F 55 17.86 9.71 34.62
CA ASN F 55 18.42 10.89 33.98
C ASN F 55 18.36 12.13 34.87
N GLY F 56 17.90 12.00 36.11
CA GLY F 56 17.78 13.16 36.98
C GLY F 56 16.65 14.09 36.63
N ASP F 57 15.65 13.60 35.90
CA ASP F 57 14.51 14.44 35.53
C ASP F 57 13.64 14.75 36.73
N THR F 58 13.11 15.96 36.77
CA THR F 58 12.30 16.42 37.90
C THR F 58 11.12 17.23 37.38
N LYS F 59 9.94 16.96 37.92
CA LYS F 59 8.75 17.76 37.65
C LYS F 59 7.97 17.95 38.94
N TYR F 60 7.60 19.20 39.21
CA TYR F 60 6.95 19.59 40.46
C TYR F 60 5.48 19.89 40.22
N ASP F 61 4.75 19.98 41.32
CA ASP F 61 3.41 20.54 41.30
C ASP F 61 3.49 22.04 41.00
N PRO F 62 2.52 22.60 40.28
CA PRO F 62 2.53 24.05 40.05
C PRO F 62 2.40 24.89 41.31
N LYS F 63 1.78 24.35 42.36
CA LYS F 63 1.68 25.08 43.62
C LYS F 63 3.04 25.15 44.32
N PHE F 64 3.80 24.05 44.30
CA PHE F 64 5.07 23.95 45.00
C PHE F 64 6.26 24.24 44.09
N GLN F 65 6.07 25.02 43.04
CA GLN F 65 7.18 25.40 42.18
C GLN F 65 8.06 26.41 42.88
N GLY F 66 9.35 26.12 42.96
CA GLY F 66 10.28 26.96 43.69
C GLY F 66 10.24 26.79 45.19
N LYS F 67 9.48 25.83 45.70
CA LYS F 67 9.34 25.59 47.12
C LYS F 67 10.20 24.43 47.61
N ALA F 68 10.28 23.35 46.84
CA ALA F 68 11.04 22.18 47.20
C ALA F 68 12.05 21.84 46.10
N THR F 69 13.07 21.08 46.48
CA THR F 69 14.13 20.65 45.58
C THR F 69 14.58 19.26 46.01
N ILE F 70 14.83 18.37 45.06
CA ILE F 70 15.21 17.00 45.36
C ILE F 70 16.53 16.67 44.68
N THR F 71 17.48 16.17 45.46
CA THR F 71 18.66 15.50 44.94
C THR F 71 18.58 14.02 45.32
N THR F 72 19.21 13.17 44.51
CA THR F 72 19.15 11.73 44.71
C THR F 72 20.54 11.14 44.56
N ASP F 73 20.94 10.32 45.53
CA ASP F 73 22.22 9.63 45.49
C ASP F 73 21.96 8.14 45.34
N THR F 74 22.44 7.56 44.24
CA THR F 74 22.28 6.13 44.01
C THR F 74 23.16 5.32 44.94
N PHE F 75 24.37 5.82 45.22
CA PHE F 75 25.30 5.11 46.09
C PHE F 75 24.81 5.05 47.53
N SER F 76 24.23 6.15 48.03
CA SER F 76 23.69 6.16 49.38
C SER F 76 22.31 5.54 49.46
N ASN F 77 21.68 5.27 48.31
CA ASN F 77 20.33 4.65 48.21
C ASN F 77 19.28 5.48 48.95
N THR F 78 19.39 6.80 48.83
CA THR F 78 18.55 7.72 49.59
C THR F 78 18.24 8.94 48.73
N ALA F 79 16.99 9.40 48.78
CA ALA F 79 16.58 10.66 48.17
C ALA F 79 16.37 11.71 49.24
N TYR F 80 16.62 12.98 48.90
CA TYR F 80 16.68 14.07 49.86
C TYR F 80 15.66 15.15 49.54
N LEU F 81 14.97 15.64 50.58
CA LEU F 81 14.20 16.87 50.44
C LEU F 81 15.11 18.09 50.52
N GLN F 82 14.56 19.24 50.14
CA GLN F 82 15.18 20.53 50.40
C GLN F 82 14.09 21.58 50.41
N LEU F 83 13.65 22.00 51.58
CA LEU F 83 12.64 23.04 51.74
C LEU F 83 13.36 24.34 52.07
N SER F 84 13.47 25.22 51.08
CA SER F 84 14.24 26.44 51.25
C SER F 84 13.47 27.50 52.04
N SER F 85 12.33 27.93 51.50
CA SER F 85 11.52 28.97 52.14
C SER F 85 10.30 28.31 52.76
N LEU F 86 10.45 27.87 54.00
CA LEU F 86 9.34 27.26 54.74
C LEU F 86 8.75 28.27 55.72
N THR F 87 7.42 28.28 55.80
CA THR F 87 6.68 29.16 56.67
C THR F 87 6.09 28.36 57.83
N SER F 88 5.29 29.05 58.65
CA SER F 88 4.64 28.42 59.79
C SER F 88 3.38 27.66 59.39
N GLU F 89 2.87 27.86 58.17
CA GLU F 89 1.66 27.17 57.74
C GLU F 89 1.93 25.71 57.38
N ASP F 90 3.15 25.37 56.99
CA ASP F 90 3.47 24.03 56.51
C ASP F 90 3.92 23.14 57.67
N THR F 91 2.97 22.86 58.54
CA THR F 91 3.19 22.00 59.71
C THR F 91 2.41 20.72 59.50
N ALA F 92 3.05 19.73 58.89
CA ALA F 92 2.35 18.51 58.50
C ALA F 92 3.35 17.35 58.49
N VAL F 93 2.96 16.24 57.86
CA VAL F 93 3.77 15.04 57.79
C VAL F 93 4.06 14.74 56.32
N TYR F 94 5.30 14.36 56.03
CA TYR F 94 5.77 14.10 54.68
C TYR F 94 5.92 12.60 54.48
N TYR F 95 5.37 12.08 53.40
CA TYR F 95 5.39 10.65 53.11
C TYR F 95 6.21 10.38 51.85
N CYS F 96 6.82 9.19 51.82
CA CYS F 96 7.65 8.74 50.71
C CYS F 96 6.93 7.64 49.96
N ALA F 97 7.19 7.53 48.66
CA ALA F 97 6.47 6.57 47.83
C ALA F 97 7.33 6.17 46.65
N ARG F 98 6.92 5.08 45.99
CA ARG F 98 7.56 4.60 44.78
C ARG F 98 6.48 4.23 43.76
N LYS F 99 6.89 4.09 42.51
CA LYS F 99 5.95 3.71 41.46
C LYS F 99 5.66 2.21 41.54
N GLY F 100 4.38 1.87 41.51
CA GLY F 100 3.93 0.49 41.61
C GLY F 100 3.77 -0.19 40.26
N LEU F 101 2.88 -1.18 40.23
CA LEU F 101 2.67 -1.96 39.02
C LEU F 101 1.94 -1.17 37.94
N ARG F 102 0.88 -0.45 38.33
CA ARG F 102 0.08 0.29 37.37
C ARG F 102 0.13 1.78 37.71
N TRP F 103 1.35 2.27 37.95
CA TRP F 103 1.64 3.65 38.39
C TRP F 103 0.94 3.97 39.71
N ALA F 104 0.77 2.98 40.55
CA ALA F 104 0.26 3.21 41.89
C ALA F 104 1.43 3.44 42.83
N MET F 105 1.13 3.66 44.11
CA MET F 105 2.15 3.85 45.13
C MET F 105 2.00 2.69 46.10
N ASP F 106 2.65 1.56 45.77
CA ASP F 106 2.48 0.34 46.55
C ASP F 106 3.19 0.43 47.89
N TYR F 107 4.43 0.90 47.90
CA TYR F 107 5.26 0.89 49.10
C TYR F 107 5.45 2.32 49.59
N TRP F 108 5.19 2.54 50.87
CA TRP F 108 5.22 3.87 51.47
C TRP F 108 6.17 3.87 52.66
N GLY F 109 6.75 5.04 52.91
CA GLY F 109 7.57 5.20 54.09
C GLY F 109 6.73 5.40 55.33
N GLN F 110 7.41 5.40 56.48
CA GLN F 110 6.71 5.57 57.76
C GLN F 110 6.24 7.00 57.97
N GLY F 111 6.78 7.97 57.22
CA GLY F 111 6.35 9.34 57.35
C GLY F 111 7.13 10.13 58.38
N THR F 112 7.52 11.35 58.03
CA THR F 112 8.19 12.26 58.95
C THR F 112 7.35 13.52 59.08
N SER F 113 7.05 13.90 60.31
CA SER F 113 6.26 15.09 60.59
C SER F 113 7.19 16.26 60.86
N VAL F 114 6.97 17.36 60.15
CA VAL F 114 7.68 18.59 60.41
C VAL F 114 6.84 19.45 61.34
N THR F 115 7.50 20.22 62.19
CA THR F 115 6.83 21.07 63.17
C THR F 115 7.51 22.42 63.17
N VAL F 116 6.83 23.43 62.65
CA VAL F 116 7.37 24.78 62.58
C VAL F 116 6.71 25.61 63.67
N SER F 117 7.40 25.76 64.81
CA SER F 117 6.84 26.46 65.95
C SER F 117 7.99 27.04 66.78
N THR F 118 7.64 27.65 67.89
CA THR F 118 8.61 28.27 68.79
C THR F 118 8.92 27.35 69.97
N ASN G 1 -4.14 20.38 35.20
CA ASN G 1 -4.22 19.67 36.47
C ASN G 1 -5.52 18.87 36.56
N ILE G 2 -5.48 17.80 37.35
CA ILE G 2 -6.61 16.90 37.52
C ILE G 2 -7.08 17.01 38.97
N VAL G 3 -8.38 17.13 39.18
CA VAL G 3 -8.95 17.14 40.52
C VAL G 3 -9.85 15.93 40.67
N MET G 4 -9.82 15.34 41.88
CA MET G 4 -10.64 14.19 42.21
C MET G 4 -11.56 14.56 43.35
N THR G 5 -12.86 14.31 43.16
CA THR G 5 -13.86 14.61 44.17
C THR G 5 -14.36 13.30 44.76
N GLN G 6 -14.15 13.13 46.06
CA GLN G 6 -14.61 11.95 46.79
C GLN G 6 -15.88 12.29 47.55
N SER G 7 -16.94 11.53 47.30
CA SER G 7 -18.22 11.74 47.94
C SER G 7 -18.68 10.45 48.61
N PRO G 8 -19.23 10.54 49.83
CA PRO G 8 -19.46 11.73 50.64
C PRO G 8 -18.22 12.08 51.47
N LYS G 9 -18.34 13.03 52.40
CA LYS G 9 -17.22 13.35 53.27
C LYS G 9 -17.02 12.26 54.32
N SER G 10 -18.10 11.75 54.89
CA SER G 10 -18.02 10.70 55.90
C SER G 10 -19.34 9.94 55.91
N MET G 11 -19.30 8.75 56.53
CA MET G 11 -20.51 7.99 56.77
C MET G 11 -20.32 7.15 58.02
N SER G 12 -21.43 6.56 58.48
CA SER G 12 -21.42 5.73 59.69
C SER G 12 -22.40 4.59 59.49
N MET G 13 -21.87 3.38 59.29
CA MET G 13 -22.67 2.17 59.26
C MET G 13 -22.07 1.15 60.21
N SER G 14 -22.83 0.08 60.46
CA SER G 14 -22.47 -0.96 61.40
C SER G 14 -21.63 -2.03 60.71
N VAL G 15 -21.42 -3.16 61.38
CA VAL G 15 -20.54 -4.21 60.90
C VAL G 15 -21.30 -5.14 59.97
N GLY G 16 -20.79 -5.30 58.75
CA GLY G 16 -21.24 -6.36 57.87
C GLY G 16 -22.39 -6.04 56.94
N GLU G 17 -22.29 -4.93 56.21
CA GLU G 17 -23.27 -4.61 55.19
C GLU G 17 -22.55 -3.90 54.04
N ARG G 18 -23.33 -3.38 53.10
CA ARG G 18 -22.81 -2.86 51.85
C ARG G 18 -22.50 -1.37 51.98
N VAL G 19 -21.31 -0.98 51.50
CA VAL G 19 -20.89 0.41 51.43
C VAL G 19 -20.34 0.66 50.03
N THR G 20 -20.68 1.80 49.46
CA THR G 20 -20.26 2.16 48.10
C THR G 20 -19.57 3.52 48.14
N LEU G 21 -18.25 3.51 47.96
CA LEU G 21 -17.50 4.74 47.84
C LEU G 21 -17.62 5.29 46.43
N SER G 22 -17.32 6.58 46.29
CA SER G 22 -17.40 7.25 45.00
C SER G 22 -16.18 8.12 44.77
N CYS G 23 -15.77 8.23 43.52
CA CYS G 23 -14.66 9.11 43.13
C CYS G 23 -14.83 9.46 41.66
N LYS G 24 -14.99 10.75 41.37
CA LYS G 24 -15.21 11.23 40.02
C LYS G 24 -14.09 12.17 39.63
N ALA G 25 -13.60 12.03 38.40
CA ALA G 25 -12.49 12.83 37.91
C ALA G 25 -12.99 14.02 37.12
N SER G 26 -12.12 15.03 37.00
CA SER G 26 -12.46 16.22 36.22
C SER G 26 -12.51 15.90 34.73
N GLU G 27 -11.49 15.24 34.22
CA GLU G 27 -11.48 14.84 32.81
C GLU G 27 -11.14 13.35 32.72
N TYR G 28 -10.86 12.87 31.52
CA TYR G 28 -10.66 11.45 31.28
C TYR G 28 -9.36 10.96 31.94
N VAL G 29 -9.51 10.05 32.89
CA VAL G 29 -8.44 9.16 33.31
C VAL G 29 -8.89 7.74 33.00
N GLY G 30 -8.03 6.98 32.33
CA GLY G 30 -8.47 5.72 31.78
C GLY G 30 -8.74 4.63 32.81
N THR G 31 -7.68 4.13 33.40
CA THR G 31 -7.76 3.07 34.38
C THR G 31 -6.91 3.35 35.62
N TYR G 32 -5.91 4.23 35.51
CA TYR G 32 -4.89 4.43 36.53
C TYR G 32 -5.46 5.28 37.66
N VAL G 33 -6.34 4.66 38.44
CA VAL G 33 -6.95 5.31 39.60
C VAL G 33 -6.71 4.41 40.80
N SER G 34 -6.02 4.93 41.81
CA SER G 34 -5.57 4.12 42.93
C SER G 34 -6.41 4.41 44.17
N TRP G 35 -6.61 3.38 44.98
CA TRP G 35 -7.34 3.50 46.23
C TRP G 35 -6.39 3.22 47.39
N TYR G 36 -6.31 4.15 48.34
CA TYR G 36 -5.43 4.06 49.49
C TYR G 36 -6.24 4.24 50.76
N GLN G 37 -5.93 3.45 51.78
CA GLN G 37 -6.52 3.65 53.10
C GLN G 37 -5.46 4.26 54.02
N GLN G 38 -5.93 4.90 55.08
CA GLN G 38 -5.04 5.57 56.05
C GLN G 38 -5.53 5.25 57.45
N LYS G 39 -4.96 4.22 58.06
CA LYS G 39 -5.24 3.97 59.46
C LYS G 39 -4.60 5.07 60.30
N PRO G 40 -5.23 5.49 61.41
CA PRO G 40 -4.77 6.70 62.12
C PRO G 40 -3.43 6.51 62.79
N GLU G 41 -2.51 7.44 62.50
CA GLU G 41 -1.11 7.44 62.95
C GLU G 41 -0.35 6.20 62.48
N GLN G 42 -0.64 5.74 61.26
CA GLN G 42 0.26 4.84 60.55
C GLN G 42 0.43 5.30 59.11
N SER G 43 1.09 4.48 58.29
CA SER G 43 1.41 4.71 56.89
C SER G 43 0.27 4.24 55.99
N PRO G 44 0.03 4.92 54.87
CA PRO G 44 -0.97 4.45 53.91
C PRO G 44 -0.52 3.18 53.20
N LYS G 45 -1.48 2.37 52.80
CA LYS G 45 -1.25 1.19 51.99
C LYS G 45 -2.11 1.28 50.74
N LEU G 46 -1.97 0.29 49.86
CA LEU G 46 -2.66 0.26 48.59
C LEU G 46 -3.72 -0.82 48.61
N LEU G 47 -4.95 -0.47 48.20
CA LEU G 47 -6.04 -1.42 48.09
C LEU G 47 -6.19 -1.96 46.66
N ILE G 48 -6.44 -1.08 45.69
CA ILE G 48 -6.64 -1.48 44.31
C ILE G 48 -5.72 -0.65 43.43
N TYR G 49 -4.80 -1.33 42.75
CA TYR G 49 -3.95 -0.69 41.76
C TYR G 49 -4.63 -0.80 40.41
N GLY G 50 -4.71 0.33 39.70
CA GLY G 50 -5.55 0.37 38.52
C GLY G 50 -7.01 0.40 38.95
N ALA G 51 -7.89 0.19 37.97
CA ALA G 51 -9.31 0.11 38.26
C ALA G 51 -9.73 -1.35 38.22
N SER G 52 -10.33 -1.82 39.31
CA SER G 52 -10.84 -3.18 39.49
C SER G 52 -9.73 -4.23 39.30
N ASN G 53 -8.71 -4.12 40.15
CA ASN G 53 -7.59 -5.07 40.12
C ASN G 53 -7.00 -5.12 41.52
N ARG G 54 -7.33 -6.17 42.26
CA ARG G 54 -6.99 -6.25 43.67
C ARG G 54 -5.51 -6.47 43.89
N TYR G 55 -4.97 -5.81 44.92
CA TYR G 55 -3.58 -5.95 45.30
C TYR G 55 -3.44 -7.25 46.12
N THR G 56 -2.22 -7.75 46.24
CA THR G 56 -2.02 -8.99 46.99
C THR G 56 -2.00 -8.70 48.50
N GLY G 57 -2.75 -9.49 49.26
CA GLY G 57 -2.79 -9.40 50.69
C GLY G 57 -4.11 -8.93 51.25
N VAL G 58 -4.76 -7.98 50.59
CA VAL G 58 -6.04 -7.44 51.06
C VAL G 58 -7.12 -8.49 50.78
N PRO G 59 -8.17 -8.56 51.60
CA PRO G 59 -9.22 -9.58 51.40
C PRO G 59 -10.05 -9.30 50.15
N ASP G 60 -10.83 -10.30 49.79
CA ASP G 60 -11.62 -10.27 48.56
C ASP G 60 -12.90 -9.46 48.68
N ARG G 61 -13.22 -8.95 49.87
CA ARG G 61 -14.43 -8.15 50.02
C ARG G 61 -14.27 -6.77 49.38
N PHE G 62 -13.04 -6.30 49.24
CA PHE G 62 -12.78 -5.05 48.56
C PHE G 62 -12.86 -5.26 47.05
N THR G 63 -13.61 -4.40 46.36
CA THR G 63 -13.69 -4.46 44.91
C THR G 63 -13.94 -3.06 44.37
N GLY G 64 -13.61 -2.88 43.10
CA GLY G 64 -13.72 -1.59 42.46
C GLY G 64 -14.39 -1.69 41.10
N SER G 65 -14.77 -0.53 40.58
CA SER G 65 -15.39 -0.42 39.26
C SER G 65 -14.70 0.71 38.51
N GLY G 66 -14.41 0.48 37.23
CA GLY G 66 -13.67 1.42 36.43
C GLY G 66 -14.48 1.93 35.24
N SER G 67 -14.19 3.17 34.85
CA SER G 67 -14.85 3.81 33.72
C SER G 67 -13.93 4.91 33.20
N ALA G 68 -14.46 5.79 32.36
CA ALA G 68 -13.69 6.93 31.89
C ALA G 68 -13.62 8.03 32.94
N THR G 69 -14.70 8.24 33.69
CA THR G 69 -14.79 9.36 34.62
C THR G 69 -15.02 8.92 36.06
N ASP G 70 -16.04 8.10 36.32
CA ASP G 70 -16.46 7.78 37.68
C ASP G 70 -15.94 6.42 38.11
N PHE G 71 -15.52 6.32 39.37
CA PHE G 71 -14.93 5.11 39.91
C PHE G 71 -15.53 4.85 41.29
N THR G 72 -16.02 3.63 41.50
CA THR G 72 -16.67 3.26 42.75
C THR G 72 -15.87 2.18 43.46
N LEU G 73 -15.71 2.34 44.76
CA LEU G 73 -15.08 1.34 45.62
C LEU G 73 -16.15 0.72 46.50
N THR G 74 -16.22 -0.60 46.51
CA THR G 74 -17.30 -1.32 47.18
C THR G 74 -16.72 -2.37 48.12
N ILE G 75 -17.24 -2.41 49.34
CA ILE G 75 -16.96 -3.49 50.28
C ILE G 75 -18.26 -4.22 50.55
N GLY G 76 -18.25 -5.54 50.38
CA GLY G 76 -19.46 -6.33 50.59
C GLY G 76 -19.91 -6.36 52.03
N SER G 77 -18.96 -6.49 52.95
CA SER G 77 -19.27 -6.56 54.38
C SER G 77 -18.24 -5.74 55.13
N VAL G 78 -18.71 -4.71 55.85
CA VAL G 78 -17.81 -3.89 56.64
C VAL G 78 -17.36 -4.65 57.87
N GLN G 79 -16.06 -4.66 58.12
CA GLN G 79 -15.49 -5.42 59.22
C GLN G 79 -14.95 -4.47 60.29
N ALA G 80 -14.51 -5.06 61.40
CA ALA G 80 -14.02 -4.31 62.54
C ALA G 80 -12.59 -3.83 62.38
N GLU G 81 -11.89 -4.28 61.35
CA GLU G 81 -10.50 -3.87 61.12
C GLU G 81 -10.37 -2.81 60.04
N ASP G 82 -11.49 -2.25 59.56
CA ASP G 82 -11.48 -1.28 58.48
C ASP G 82 -11.66 0.15 58.97
N LEU G 83 -11.14 0.48 60.14
CA LEU G 83 -11.24 1.84 60.68
C LEU G 83 -10.15 2.71 60.07
N ALA G 84 -10.45 3.25 58.88
CA ALA G 84 -9.53 4.11 58.16
C ALA G 84 -10.35 5.00 57.23
N ASP G 85 -9.72 6.07 56.74
CA ASP G 85 -10.30 6.87 55.68
C ASP G 85 -9.64 6.50 54.36
N TYR G 86 -10.45 6.44 53.30
CA TYR G 86 -10.02 5.92 52.02
C TYR G 86 -9.80 7.06 51.04
N HIS G 87 -8.63 7.06 50.41
CA HIS G 87 -8.23 8.10 49.48
C HIS G 87 -8.26 7.56 48.05
N CYS G 88 -8.71 8.40 47.12
CA CYS G 88 -8.76 8.04 45.70
C CYS G 88 -7.76 8.88 44.94
N GLY G 89 -6.66 8.25 44.50
CA GLY G 89 -5.67 8.90 43.68
C GLY G 89 -5.84 8.57 42.22
N GLN G 90 -5.04 9.26 41.39
CA GLN G 90 -5.05 9.04 39.96
C GLN G 90 -3.63 9.07 39.45
N SER G 91 -3.40 8.44 38.29
CA SER G 91 -2.05 8.33 37.76
C SER G 91 -1.95 8.47 36.25
N TYR G 92 -3.02 8.90 35.57
CA TYR G 92 -2.93 9.10 34.13
C TYR G 92 -2.06 10.31 33.79
N SER G 93 -1.98 11.26 34.71
CA SER G 93 -1.15 12.45 34.59
C SER G 93 -0.24 12.49 35.79
N TYR G 94 0.35 13.64 36.07
CA TYR G 94 1.01 13.86 37.35
C TYR G 94 -0.01 13.63 38.47
N PRO G 95 0.32 12.86 39.50
CA PRO G 95 -0.72 12.33 40.39
C PRO G 95 -1.30 13.40 41.30
N THR G 96 -2.62 13.29 41.52
CA THR G 96 -3.34 14.10 42.49
C THR G 96 -4.23 13.18 43.32
N PHE G 97 -4.84 13.76 44.34
CA PHE G 97 -5.63 12.98 45.28
C PHE G 97 -6.93 13.72 45.62
N GLY G 98 -7.91 12.95 46.07
CA GLY G 98 -9.11 13.52 46.63
C GLY G 98 -8.93 13.89 48.09
N ALA G 99 -10.03 14.32 48.71
CA ALA G 99 -10.00 14.75 50.10
C ALA G 99 -10.07 13.59 51.08
N GLY G 100 -10.29 12.37 50.62
CA GLY G 100 -10.49 11.24 51.50
C GLY G 100 -11.93 11.16 52.00
N THR G 101 -12.24 10.04 52.64
CA THR G 101 -13.58 9.79 53.14
C THR G 101 -13.49 8.97 54.42
N LYS G 102 -13.77 9.61 55.56
CA LYS G 102 -13.70 8.92 56.84
C LYS G 102 -14.92 8.03 57.04
N LEU G 103 -14.80 7.12 58.01
CA LEU G 103 -15.91 6.29 58.43
C LEU G 103 -15.71 5.93 59.91
N GLU G 104 -16.81 5.57 60.55
CA GLU G 104 -16.78 5.25 61.98
C GLU G 104 -17.73 4.09 62.24
N LEU G 105 -17.50 3.41 63.36
CA LEU G 105 -18.25 2.23 63.74
C LEU G 105 -18.96 2.47 65.06
N LYS G 106 -20.13 1.88 65.21
CA LYS G 106 -20.92 2.03 66.44
C LYS G 106 -20.32 1.22 67.58
#